data_2MWN
#
_entry.id   2MWN
#
loop_
_entity.id
_entity.type
_entity.pdbx_description
1 polymer 'Amyloid beta A4 precursor protein-binding family B member 1-interacting protein'
2 polymer Talin-1
#
loop_
_entity_poly.entity_id
_entity_poly.type
_entity_poly.pdbx_seq_one_letter_code
_entity_poly.pdbx_strand_id
1 'polypeptide(L)' DIDQMFSTLLGEMDLLTQSLGVDT A
2 'polypeptide(L)'
;YGVSFFLVKEKMKGKNKLVPRLLGITKECVMRVDEKTKEVIQEWSLTNIKRWAASPKSFTLDFGDYQDGYYSVQTTEGEQ
IAQLIAGYIDIIL
;
B
#
# COMPACT_ATOMS: atom_id res chain seq x y z
N ASP A 1 2.47 -12.51 -13.79
CA ASP A 1 3.83 -13.11 -13.85
C ASP A 1 4.51 -12.94 -12.49
N ILE A 2 4.54 -14.02 -11.71
CA ILE A 2 5.15 -13.98 -10.39
C ILE A 2 6.55 -14.58 -10.44
N ASP A 3 7.42 -14.10 -9.55
CA ASP A 3 8.79 -14.61 -9.51
C ASP A 3 9.55 -13.99 -8.32
N GLN A 4 9.81 -12.69 -8.41
CA GLN A 4 10.53 -11.98 -7.36
C GLN A 4 9.70 -10.85 -6.78
N MET A 5 8.71 -10.40 -7.55
CA MET A 5 7.81 -9.32 -7.15
C MET A 5 7.89 -9.03 -5.67
N PHE A 6 7.52 -10.01 -4.88
CA PHE A 6 7.57 -9.85 -3.43
C PHE A 6 8.85 -9.15 -3.03
N SER A 7 9.99 -9.79 -3.32
CA SER A 7 11.28 -9.21 -2.99
C SER A 7 11.53 -7.94 -3.79
N THR A 8 10.92 -7.85 -4.96
CA THR A 8 11.09 -6.69 -5.82
C THR A 8 10.38 -5.47 -5.23
N LEU A 9 9.38 -5.71 -4.39
CA LEU A 9 8.65 -4.62 -3.76
C LEU A 9 9.17 -4.42 -2.34
N LEU A 10 9.50 -5.52 -1.69
CA LEU A 10 10.04 -5.45 -0.33
C LEU A 10 11.34 -4.64 -0.33
N GLY A 11 12.19 -4.90 -1.32
CA GLY A 11 13.45 -4.16 -1.44
C GLY A 11 13.15 -2.67 -1.58
N GLU A 12 12.08 -2.37 -2.30
CA GLU A 12 11.64 -0.99 -2.50
C GLU A 12 11.09 -0.43 -1.20
N MET A 13 10.33 -1.25 -0.49
CA MET A 13 9.76 -0.80 0.78
C MET A 13 10.87 -0.29 1.69
N ASP A 14 12.05 -0.88 1.57
CA ASP A 14 13.17 -0.43 2.40
C ASP A 14 13.34 1.09 2.30
N LEU A 15 12.96 1.65 1.15
CA LEU A 15 13.10 3.09 0.95
C LEU A 15 12.05 3.87 1.75
N LEU A 16 11.06 3.16 2.31
CA LEU A 16 10.02 3.81 3.11
C LEU A 16 10.46 3.87 4.57
N THR A 17 11.53 3.15 4.91
CA THR A 17 12.01 3.12 6.29
C THR A 17 13.35 3.79 6.39
N GLN A 18 13.99 3.99 5.25
CA GLN A 18 15.30 4.61 5.23
C GLN A 18 15.31 5.91 6.01
N SER A 19 14.71 6.95 5.44
CA SER A 19 14.69 8.25 6.10
C SER A 19 13.87 9.25 5.31
N LEU A 20 13.95 9.16 3.98
CA LEU A 20 13.20 10.08 3.11
C LEU A 20 11.70 9.91 3.32
N GLY A 21 11.06 9.18 2.42
CA GLY A 21 9.62 8.95 2.51
C GLY A 21 8.95 9.10 1.15
N VAL A 22 8.67 10.34 0.77
CA VAL A 22 8.02 10.61 -0.51
C VAL A 22 8.69 11.80 -1.21
N ASP A 23 9.67 12.39 -0.54
CA ASP A 23 10.38 13.53 -1.11
C ASP A 23 9.40 14.57 -1.63
N THR A 24 8.14 14.44 -1.23
CA THR A 24 7.12 15.37 -1.67
C THR A 24 7.26 15.67 -3.16
N TYR B 1 -20.16 -7.13 -0.23
CA TYR B 1 -18.76 -6.69 0.03
C TYR B 1 -18.42 -5.51 -0.87
N GLY B 2 -17.91 -4.44 -0.27
CA GLY B 2 -17.55 -3.25 -1.03
C GLY B 2 -16.21 -2.69 -0.57
N VAL B 3 -16.08 -1.37 -0.61
CA VAL B 3 -14.85 -0.71 -0.19
C VAL B 3 -14.28 -1.38 1.05
N SER B 4 -12.96 -1.55 1.07
CA SER B 4 -12.28 -2.18 2.21
C SER B 4 -11.40 -1.18 2.92
N PHE B 5 -11.17 -1.39 4.20
CA PHE B 5 -10.37 -0.46 5.00
C PHE B 5 -9.28 -1.19 5.79
N PHE B 6 -8.03 -0.66 5.77
CA PHE B 6 -6.96 -1.30 6.51
C PHE B 6 -6.08 -0.27 7.18
N LEU B 7 -5.87 -0.44 8.47
CA LEU B 7 -5.03 0.47 9.21
C LEU B 7 -3.58 0.10 8.98
N VAL B 8 -2.96 0.96 8.22
CA VAL B 8 -1.59 0.77 7.81
C VAL B 8 -0.74 1.92 8.32
N LYS B 9 0.58 1.73 8.40
CA LYS B 9 1.46 2.80 8.84
C LYS B 9 2.19 3.39 7.65
N GLU B 10 2.41 4.69 7.70
CA GLU B 10 3.07 5.38 6.61
C GLU B 10 4.16 6.32 7.09
N LYS B 11 5.12 6.53 6.22
CA LYS B 11 6.24 7.41 6.51
C LYS B 11 5.87 8.86 6.28
N MET B 12 5.62 9.56 7.37
CA MET B 12 5.27 10.97 7.31
C MET B 12 6.48 11.86 7.54
N LYS B 13 6.26 13.16 7.46
CA LYS B 13 7.32 14.11 7.69
C LYS B 13 7.24 14.66 9.11
N GLY B 14 8.39 15.02 9.64
CA GLY B 14 8.47 15.55 11.00
C GLY B 14 9.31 14.64 11.87
N LYS B 15 9.38 13.38 11.45
CA LYS B 15 10.13 12.38 12.19
C LYS B 15 10.92 11.48 11.24
N ASN B 16 10.99 10.20 11.59
CA ASN B 16 11.71 9.25 10.75
C ASN B 16 10.97 7.91 10.70
N LYS B 17 10.06 7.71 11.65
CA LYS B 17 9.30 6.46 11.70
C LYS B 17 8.01 6.57 10.91
N LEU B 18 7.21 5.52 10.94
CA LEU B 18 5.94 5.51 10.25
C LEU B 18 4.85 6.01 11.15
N VAL B 19 3.74 6.38 10.54
CA VAL B 19 2.63 6.91 11.28
C VAL B 19 1.39 6.05 11.03
N PRO B 20 0.76 5.51 12.05
CA PRO B 20 -0.47 4.71 11.83
C PRO B 20 -1.35 5.43 10.83
N ARG B 21 -2.04 4.70 9.99
CA ARG B 21 -2.84 5.35 9.00
C ARG B 21 -3.99 4.45 8.66
N LEU B 22 -4.74 4.83 7.66
CA LEU B 22 -5.90 4.08 7.31
C LEU B 22 -6.03 4.06 5.80
N LEU B 23 -6.02 2.87 5.24
CA LEU B 23 -6.11 2.69 3.81
C LEU B 23 -7.53 2.37 3.43
N GLY B 24 -7.87 2.60 2.19
CA GLY B 24 -9.18 2.27 1.73
C GLY B 24 -9.14 1.75 0.31
N ILE B 25 -9.37 0.46 0.16
CA ILE B 25 -9.40 -0.13 -1.16
C ILE B 25 -10.81 -0.01 -1.70
N THR B 26 -10.90 0.59 -2.86
CA THR B 26 -12.16 0.78 -3.51
C THR B 26 -12.13 0.06 -4.82
N LYS B 27 -13.21 -0.60 -5.16
CA LYS B 27 -13.29 -1.34 -6.42
C LYS B 27 -13.03 -0.43 -7.62
N GLU B 28 -12.50 0.76 -7.35
CA GLU B 28 -12.18 1.72 -8.38
C GLU B 28 -10.93 2.50 -8.02
N CYS B 29 -10.38 2.25 -6.83
CA CYS B 29 -9.22 3.01 -6.38
C CYS B 29 -8.67 2.53 -5.07
N VAL B 30 -7.59 3.19 -4.70
CA VAL B 30 -6.88 2.90 -3.47
C VAL B 30 -6.64 4.22 -2.81
N MET B 31 -6.66 4.29 -1.49
CA MET B 31 -6.51 5.61 -0.89
C MET B 31 -5.92 5.61 0.50
N ARG B 32 -5.24 6.71 0.82
CA ARG B 32 -4.67 6.88 2.14
C ARG B 32 -5.63 7.70 2.97
N VAL B 33 -6.28 7.02 3.90
CA VAL B 33 -7.25 7.64 4.76
C VAL B 33 -6.64 8.06 6.08
N ASP B 34 -7.19 9.13 6.66
CA ASP B 34 -6.69 9.65 7.91
C ASP B 34 -7.35 8.96 9.08
N GLU B 35 -6.73 7.88 9.52
CA GLU B 35 -7.23 7.10 10.65
C GLU B 35 -7.85 8.00 11.70
N LYS B 36 -7.37 9.23 11.74
CA LYS B 36 -7.85 10.21 12.68
C LYS B 36 -9.26 10.68 12.32
N THR B 37 -9.48 10.95 11.03
CA THR B 37 -10.77 11.45 10.57
C THR B 37 -11.49 10.45 9.69
N LYS B 38 -10.78 9.47 9.16
CA LYS B 38 -11.40 8.48 8.29
C LYS B 38 -11.61 9.07 6.90
N GLU B 39 -11.21 10.33 6.73
CA GLU B 39 -11.34 10.98 5.44
C GLU B 39 -10.17 10.60 4.57
N VAL B 40 -10.35 10.73 3.28
CA VAL B 40 -9.30 10.35 2.34
C VAL B 40 -8.34 11.50 2.07
N ILE B 41 -7.06 11.18 2.14
CA ILE B 41 -6.03 12.16 1.89
C ILE B 41 -5.47 11.91 0.50
N GLN B 42 -5.49 10.63 0.09
CA GLN B 42 -4.96 10.27 -1.21
C GLN B 42 -5.86 9.27 -1.90
N GLU B 43 -5.73 9.21 -3.22
CA GLU B 43 -6.48 8.27 -4.02
C GLU B 43 -5.66 7.78 -5.19
N TRP B 44 -5.93 6.55 -5.58
CA TRP B 44 -5.26 5.97 -6.73
C TRP B 44 -6.05 4.81 -7.32
N SER B 45 -6.37 4.91 -8.61
CA SER B 45 -7.16 3.88 -9.27
C SER B 45 -6.65 2.50 -8.94
N LEU B 46 -7.58 1.60 -8.74
CA LEU B 46 -7.26 0.22 -8.46
C LEU B 46 -7.00 -0.42 -9.81
N THR B 47 -7.78 0.02 -10.80
CA THR B 47 -7.61 -0.47 -12.15
C THR B 47 -6.34 0.10 -12.75
N ASN B 48 -5.56 0.77 -11.91
CA ASN B 48 -4.31 1.36 -12.37
C ASN B 48 -3.14 0.60 -11.80
N ILE B 49 -3.44 -0.36 -10.94
CA ILE B 49 -2.38 -1.13 -10.32
C ILE B 49 -1.57 -1.90 -11.36
N LYS B 50 -0.25 -2.02 -11.10
CA LYS B 50 0.62 -2.74 -12.03
C LYS B 50 1.02 -4.07 -11.40
N ARG B 51 1.40 -3.99 -10.14
CA ARG B 51 1.74 -5.17 -9.36
C ARG B 51 1.94 -4.73 -7.91
N TRP B 52 1.39 -5.51 -7.00
CA TRP B 52 1.46 -5.17 -5.59
C TRP B 52 2.19 -6.25 -4.82
N ALA B 53 2.40 -6.05 -3.53
CA ALA B 53 3.12 -7.05 -2.76
C ALA B 53 2.83 -6.97 -1.28
N ALA B 54 1.94 -7.84 -0.86
CA ALA B 54 1.55 -7.92 0.53
C ALA B 54 2.57 -8.70 1.34
N SER B 55 2.77 -8.30 2.59
CA SER B 55 3.73 -8.98 3.44
C SER B 55 3.10 -9.23 4.83
N PRO B 56 3.77 -9.94 5.69
CA PRO B 56 3.23 -10.24 7.05
C PRO B 56 3.35 -9.05 7.99
N LYS B 57 4.05 -8.03 7.53
CA LYS B 57 4.27 -6.82 8.32
C LYS B 57 3.94 -5.58 7.52
N SER B 58 3.96 -5.71 6.21
CA SER B 58 3.68 -4.58 5.35
C SER B 58 3.10 -5.00 4.03
N PHE B 59 2.58 -4.02 3.31
CA PHE B 59 1.99 -4.27 2.02
C PHE B 59 2.40 -3.18 1.07
N THR B 60 2.38 -3.47 -0.21
CA THR B 60 2.87 -2.50 -1.17
C THR B 60 2.15 -2.55 -2.50
N LEU B 61 2.17 -1.41 -3.19
CA LEU B 61 1.54 -1.27 -4.48
C LEU B 61 2.51 -0.76 -5.52
N ASP B 62 2.45 -1.28 -6.73
CA ASP B 62 3.31 -0.77 -7.77
C ASP B 62 2.50 -0.19 -8.90
N PHE B 63 2.30 1.11 -8.83
CA PHE B 63 1.60 1.82 -9.90
C PHE B 63 2.26 3.12 -10.26
N GLY B 64 3.12 3.07 -11.27
CA GLY B 64 3.81 4.28 -11.72
C GLY B 64 5.28 4.02 -11.87
N ASP B 65 5.64 2.75 -11.83
CA ASP B 65 7.04 2.35 -11.95
C ASP B 65 7.76 3.15 -13.02
N TYR B 66 7.02 3.81 -13.89
CA TYR B 66 7.66 4.61 -14.91
C TYR B 66 8.60 5.58 -14.25
N GLN B 67 8.17 6.05 -13.09
CA GLN B 67 8.96 6.93 -12.27
C GLN B 67 9.02 6.31 -10.89
N ASP B 68 8.10 6.72 -10.05
CA ASP B 68 7.97 6.12 -8.74
C ASP B 68 6.52 5.71 -8.54
N GLY B 69 6.25 4.47 -8.81
CA GLY B 69 4.88 3.95 -8.68
C GLY B 69 4.69 3.17 -7.40
N TYR B 70 5.74 3.02 -6.65
CA TYR B 70 5.68 2.20 -5.45
C TYR B 70 5.16 2.93 -4.23
N TYR B 71 3.94 2.58 -3.87
CA TYR B 71 3.32 3.14 -2.66
C TYR B 71 3.12 2.02 -1.65
N SER B 72 3.73 2.15 -0.49
CA SER B 72 3.64 1.10 0.52
C SER B 72 3.45 1.65 1.91
N VAL B 73 3.03 0.76 2.80
CA VAL B 73 2.82 1.12 4.17
C VAL B 73 3.04 -0.11 5.06
N GLN B 74 2.97 0.08 6.37
CA GLN B 74 3.16 -1.05 7.28
C GLN B 74 1.83 -1.56 7.80
N THR B 75 1.64 -2.83 7.60
CA THR B 75 0.43 -3.51 8.03
C THR B 75 0.71 -4.98 8.24
N THR B 76 0.22 -5.55 9.32
CA THR B 76 0.44 -6.96 9.56
C THR B 76 -0.61 -7.82 8.88
N GLU B 77 -1.31 -7.20 7.95
CA GLU B 77 -2.28 -7.92 7.14
C GLU B 77 -2.26 -7.37 5.72
N GLY B 78 -1.33 -7.88 4.94
CA GLY B 78 -1.21 -7.49 3.55
C GLY B 78 -2.14 -8.32 2.69
N GLU B 79 -1.91 -9.63 2.75
CA GLU B 79 -2.69 -10.58 1.97
C GLU B 79 -4.16 -10.25 2.03
N GLN B 80 -4.54 -9.51 3.02
CA GLN B 80 -5.93 -9.12 3.17
C GLN B 80 -6.20 -7.93 2.30
N ILE B 81 -5.24 -7.04 2.27
CA ILE B 81 -5.32 -5.83 1.45
C ILE B 81 -5.05 -6.20 -0.01
N ALA B 82 -4.06 -7.05 -0.18
CA ALA B 82 -3.60 -7.48 -1.49
C ALA B 82 -4.55 -8.45 -2.18
N GLN B 83 -5.08 -9.41 -1.45
CA GLN B 83 -5.95 -10.40 -2.08
C GLN B 83 -7.19 -9.76 -2.63
N LEU B 84 -7.63 -8.77 -1.90
CA LEU B 84 -8.82 -8.03 -2.25
C LEU B 84 -8.51 -7.14 -3.43
N ILE B 85 -7.46 -6.33 -3.29
CA ILE B 85 -7.00 -5.50 -4.35
C ILE B 85 -6.91 -6.38 -5.56
N ALA B 86 -6.16 -7.44 -5.35
CA ALA B 86 -5.95 -8.47 -6.36
C ALA B 86 -7.29 -8.98 -6.88
N GLY B 87 -8.27 -9.01 -5.98
CA GLY B 87 -9.59 -9.52 -6.35
C GLY B 87 -10.42 -8.43 -6.97
N TYR B 88 -10.00 -7.21 -6.75
CA TYR B 88 -10.69 -6.07 -7.29
C TYR B 88 -10.17 -5.78 -8.69
N ILE B 89 -8.88 -5.97 -8.91
CA ILE B 89 -8.34 -5.79 -10.25
C ILE B 89 -8.86 -6.89 -11.14
N ASP B 90 -9.42 -7.87 -10.49
CA ASP B 90 -9.96 -9.02 -11.19
C ASP B 90 -11.31 -8.67 -11.77
N ILE B 91 -11.90 -7.66 -11.17
CA ILE B 91 -13.20 -7.20 -11.54
C ILE B 91 -13.13 -6.10 -12.58
N ILE B 92 -12.51 -5.02 -12.16
CA ILE B 92 -12.39 -3.82 -12.95
C ILE B 92 -11.56 -4.06 -14.22
N LEU B 93 -10.74 -5.09 -14.23
CA LEU B 93 -9.90 -5.34 -15.41
C LEU B 93 -10.74 -5.25 -16.68
N ASP A 1 3.86 -14.80 -14.37
CA ASP A 1 4.73 -13.62 -14.61
C ASP A 1 5.35 -13.19 -13.28
N ILE A 2 5.07 -13.95 -12.22
CA ILE A 2 5.61 -13.63 -10.91
C ILE A 2 6.81 -14.52 -10.59
N ASP A 3 7.71 -14.00 -9.77
CA ASP A 3 8.89 -14.76 -9.38
C ASP A 3 9.70 -14.01 -8.32
N GLN A 4 9.86 -12.70 -8.52
CA GLN A 4 10.62 -11.89 -7.58
C GLN A 4 9.76 -10.77 -7.00
N MET A 5 8.72 -10.39 -7.75
CA MET A 5 7.80 -9.33 -7.36
C MET A 5 7.84 -9.06 -5.87
N PHE A 6 7.45 -10.05 -5.09
CA PHE A 6 7.46 -9.91 -3.65
C PHE A 6 8.72 -9.19 -3.20
N SER A 7 9.87 -9.81 -3.49
CA SER A 7 11.15 -9.22 -3.12
C SER A 7 11.39 -7.91 -3.87
N THR A 8 10.90 -7.84 -5.10
CA THR A 8 11.06 -6.66 -5.93
C THR A 8 10.37 -5.45 -5.28
N LEU A 9 9.34 -5.71 -4.49
CA LEU A 9 8.62 -4.63 -3.80
C LEU A 9 9.15 -4.50 -2.38
N LEU A 10 9.45 -5.63 -1.76
CA LEU A 10 9.98 -5.61 -0.40
C LEU A 10 11.31 -4.85 -0.39
N GLY A 11 12.15 -5.11 -1.39
CA GLY A 11 13.43 -4.41 -1.48
C GLY A 11 13.19 -2.91 -1.58
N GLU A 12 12.12 -2.55 -2.28
CA GLU A 12 11.74 -1.15 -2.44
C GLU A 12 11.20 -0.61 -1.14
N MET A 13 10.42 -1.42 -0.44
CA MET A 13 9.87 -1.00 0.84
C MET A 13 11.01 -0.57 1.78
N ASP A 14 12.17 -1.18 1.63
CA ASP A 14 13.30 -0.81 2.46
C ASP A 14 13.54 0.69 2.41
N LEU A 15 13.14 1.32 1.30
CA LEU A 15 13.33 2.76 1.14
C LEU A 15 12.30 3.55 1.96
N LEU A 16 11.35 2.85 2.56
CA LEU A 16 10.32 3.50 3.38
C LEU A 16 10.77 3.50 4.85
N THR A 17 11.82 2.75 5.15
CA THR A 17 12.31 2.66 6.52
C THR A 17 13.77 3.07 6.60
N GLN A 18 14.48 2.93 5.49
CA GLN A 18 15.89 3.28 5.43
C GLN A 18 16.61 2.78 6.66
N SER A 19 15.98 1.86 7.36
CA SER A 19 16.60 1.28 8.55
C SER A 19 16.55 2.26 9.72
N LEU A 20 17.17 3.42 9.54
CA LEU A 20 17.20 4.44 10.58
C LEU A 20 15.99 5.37 10.44
N GLY A 21 15.45 5.45 9.24
CA GLY A 21 14.29 6.31 9.00
C GLY A 21 14.72 7.70 8.52
N VAL A 22 16.00 7.82 8.18
CA VAL A 22 16.53 9.10 7.73
C VAL A 22 15.60 9.73 6.71
N ASP A 23 15.07 8.91 5.82
CA ASP A 23 14.16 9.38 4.78
C ASP A 23 14.64 10.71 4.22
N THR A 24 15.52 10.65 3.21
CA THR A 24 16.04 11.85 2.60
C THR A 24 14.95 12.89 2.41
N TYR B 1 -18.95 -6.26 0.45
CA TYR B 1 -17.59 -5.79 0.87
C TYR B 1 -17.31 -4.43 0.25
N GLY B 2 -17.68 -4.26 -1.01
CA GLY B 2 -17.46 -3.00 -1.70
C GLY B 2 -16.09 -2.42 -1.35
N VAL B 3 -16.09 -1.34 -0.58
CA VAL B 3 -14.84 -0.70 -0.19
C VAL B 3 -14.27 -1.35 1.07
N SER B 4 -12.96 -1.59 1.06
CA SER B 4 -12.28 -2.20 2.19
C SER B 4 -11.41 -1.19 2.91
N PHE B 5 -11.17 -1.40 4.20
CA PHE B 5 -10.37 -0.47 5.00
C PHE B 5 -9.28 -1.20 5.78
N PHE B 6 -8.04 -0.66 5.77
CA PHE B 6 -6.97 -1.30 6.52
C PHE B 6 -6.10 -0.26 7.19
N LEU B 7 -5.89 -0.42 8.47
CA LEU B 7 -5.04 0.49 9.22
C LEU B 7 -3.60 0.13 8.99
N VAL B 8 -2.99 0.97 8.23
CA VAL B 8 -1.61 0.79 7.84
C VAL B 8 -0.75 1.94 8.34
N LYS B 9 0.56 1.76 8.43
CA LYS B 9 1.44 2.83 8.88
C LYS B 9 2.13 3.46 7.69
N GLU B 10 2.35 4.75 7.77
CA GLU B 10 2.98 5.48 6.68
C GLU B 10 4.08 6.40 7.16
N LYS B 11 5.04 6.59 6.29
CA LYS B 11 6.18 7.45 6.57
C LYS B 11 5.84 8.91 6.33
N MET B 12 5.59 9.61 7.41
CA MET B 12 5.26 11.04 7.32
C MET B 12 6.50 11.89 7.52
N LYS B 13 6.29 13.20 7.43
CA LYS B 13 7.37 14.14 7.62
C LYS B 13 7.31 14.74 9.02
N GLY B 14 8.46 15.11 9.53
CA GLY B 14 8.56 15.70 10.86
C GLY B 14 9.34 14.78 11.77
N LYS B 15 9.38 13.50 11.41
CA LYS B 15 10.08 12.51 12.21
C LYS B 15 10.89 11.59 11.33
N ASN B 16 10.91 10.30 11.68
CA ASN B 16 11.66 9.33 10.90
C ASN B 16 10.90 8.00 10.85
N LYS B 17 10.00 7.80 11.80
CA LYS B 17 9.24 6.56 11.85
C LYS B 17 7.95 6.68 11.04
N LEU B 18 7.14 5.62 11.08
CA LEU B 18 5.89 5.61 10.36
C LEU B 18 4.78 6.13 11.23
N VAL B 19 3.67 6.46 10.61
CA VAL B 19 2.53 6.99 11.31
C VAL B 19 1.32 6.11 11.06
N PRO B 20 0.68 5.56 12.07
CA PRO B 20 -0.53 4.73 11.85
C PRO B 20 -1.40 5.46 10.85
N ARG B 21 -2.08 4.72 9.99
CA ARG B 21 -2.87 5.36 8.98
C ARG B 21 -4.02 4.47 8.65
N LEU B 22 -4.78 4.85 7.64
CA LEU B 22 -5.93 4.10 7.29
C LEU B 22 -6.06 4.07 5.78
N LEU B 23 -6.04 2.87 5.22
CA LEU B 23 -6.12 2.69 3.80
C LEU B 23 -7.54 2.35 3.43
N GLY B 24 -7.89 2.59 2.18
CA GLY B 24 -9.20 2.25 1.73
C GLY B 24 -9.15 1.73 0.31
N ILE B 25 -9.37 0.43 0.17
CA ILE B 25 -9.40 -0.16 -1.14
C ILE B 25 -10.81 -0.07 -1.68
N THR B 26 -10.92 0.54 -2.82
CA THR B 26 -12.19 0.72 -3.47
C THR B 26 -12.16 -0.01 -4.79
N LYS B 27 -13.23 -0.68 -5.11
CA LYS B 27 -13.30 -1.43 -6.37
C LYS B 27 -13.06 -0.51 -7.57
N GLU B 28 -12.54 0.67 -7.31
CA GLU B 28 -12.23 1.64 -8.35
C GLU B 28 -10.98 2.42 -8.00
N CYS B 29 -10.42 2.19 -6.80
CA CYS B 29 -9.27 2.96 -6.37
C CYS B 29 -8.70 2.50 -5.07
N VAL B 30 -7.63 3.15 -4.70
CA VAL B 30 -6.90 2.87 -3.49
C VAL B 30 -6.66 4.19 -2.83
N MET B 31 -6.68 4.27 -1.52
CA MET B 31 -6.54 5.60 -0.92
C MET B 31 -5.93 5.60 0.47
N ARG B 32 -5.25 6.69 0.78
CA ARG B 32 -4.67 6.87 2.10
C ARG B 32 -5.64 7.69 2.94
N VAL B 33 -6.28 7.02 3.87
CA VAL B 33 -7.26 7.65 4.73
C VAL B 33 -6.64 8.06 6.05
N ASP B 34 -7.18 9.12 6.63
CA ASP B 34 -6.67 9.64 7.88
C ASP B 34 -7.33 8.96 9.06
N GLU B 35 -6.72 7.88 9.52
CA GLU B 35 -7.22 7.12 10.65
C GLU B 35 -7.87 8.03 11.67
N LYS B 36 -7.39 9.26 11.72
CA LYS B 36 -7.90 10.27 12.63
C LYS B 36 -9.25 10.81 12.17
N THR B 37 -9.36 11.09 10.88
CA THR B 37 -10.59 11.67 10.34
C THR B 37 -11.36 10.67 9.47
N LYS B 38 -10.73 9.55 9.11
CA LYS B 38 -11.39 8.56 8.28
C LYS B 38 -11.64 9.11 6.89
N GLU B 39 -11.24 10.36 6.69
CA GLU B 39 -11.39 11.00 5.40
C GLU B 39 -10.20 10.66 4.52
N VAL B 40 -10.42 10.67 3.23
CA VAL B 40 -9.35 10.32 2.30
C VAL B 40 -8.42 11.48 2.03
N ILE B 41 -7.13 11.18 2.08
CA ILE B 41 -6.13 12.17 1.82
C ILE B 41 -5.58 11.93 0.43
N GLN B 42 -5.58 10.67 0.01
CA GLN B 42 -5.07 10.32 -1.30
C GLN B 42 -5.92 9.27 -1.96
N GLU B 43 -5.82 9.22 -3.28
CA GLU B 43 -6.55 8.24 -4.06
C GLU B 43 -5.73 7.76 -5.24
N TRP B 44 -5.98 6.52 -5.62
CA TRP B 44 -5.31 5.94 -6.78
C TRP B 44 -6.10 4.77 -7.34
N SER B 45 -6.42 4.85 -8.63
CA SER B 45 -7.19 3.82 -9.28
C SER B 45 -6.68 2.44 -8.92
N LEU B 46 -7.61 1.54 -8.73
CA LEU B 46 -7.30 0.17 -8.43
C LEU B 46 -7.06 -0.50 -9.77
N THR B 47 -7.85 -0.08 -10.75
CA THR B 47 -7.71 -0.59 -12.11
C THR B 47 -6.47 0.00 -12.75
N ASN B 48 -5.67 0.69 -11.95
CA ASN B 48 -4.44 1.27 -12.46
C ASN B 48 -3.23 0.54 -11.89
N ILE B 49 -3.48 -0.36 -10.95
CA ILE B 49 -2.40 -1.10 -10.33
C ILE B 49 -1.56 -1.85 -11.38
N LYS B 50 -0.26 -1.96 -11.12
CA LYS B 50 0.64 -2.67 -12.03
C LYS B 50 1.03 -4.00 -11.40
N ARG B 51 1.40 -3.92 -10.14
CA ARG B 51 1.76 -5.11 -9.37
C ARG B 51 1.94 -4.68 -7.91
N TRP B 52 1.40 -5.45 -7.01
CA TRP B 52 1.46 -5.13 -5.60
C TRP B 52 2.19 -6.21 -4.84
N ALA B 53 2.39 -6.02 -3.54
CA ALA B 53 3.11 -7.03 -2.78
C ALA B 53 2.83 -6.94 -1.29
N ALA B 54 1.95 -7.81 -0.85
CA ALA B 54 1.58 -7.88 0.53
C ALA B 54 2.61 -8.65 1.33
N SER B 55 2.81 -8.26 2.59
CA SER B 55 3.77 -8.94 3.45
C SER B 55 3.15 -9.18 4.82
N PRO B 56 3.82 -9.90 5.69
CA PRO B 56 3.29 -10.20 7.05
C PRO B 56 3.40 -9.01 7.99
N LYS B 57 4.10 -7.98 7.53
CA LYS B 57 4.31 -6.78 8.31
C LYS B 57 3.99 -5.54 7.51
N SER B 58 4.00 -5.67 6.20
CA SER B 58 3.71 -4.54 5.34
C SER B 58 3.12 -4.96 4.03
N PHE B 59 2.60 -3.98 3.31
CA PHE B 59 2.01 -4.24 2.03
C PHE B 59 2.42 -3.14 1.08
N THR B 60 2.38 -3.43 -0.21
CA THR B 60 2.88 -2.46 -1.17
C THR B 60 2.16 -2.50 -2.49
N LEU B 61 2.18 -1.37 -3.18
CA LEU B 61 1.53 -1.23 -4.47
C LEU B 61 2.50 -0.72 -5.50
N ASP B 62 2.43 -1.24 -6.73
CA ASP B 62 3.30 -0.71 -7.77
C ASP B 62 2.47 -0.12 -8.88
N PHE B 63 2.28 1.17 -8.82
CA PHE B 63 1.57 1.88 -9.89
C PHE B 63 2.23 3.19 -10.23
N GLY B 64 3.09 3.16 -11.24
CA GLY B 64 3.76 4.37 -11.70
C GLY B 64 5.25 4.12 -11.85
N ASP B 65 5.61 2.86 -11.82
CA ASP B 65 6.99 2.46 -11.95
C ASP B 65 7.72 3.27 -13.00
N TYR B 66 6.98 3.93 -13.87
CA TYR B 66 7.60 4.74 -14.89
C TYR B 66 8.54 5.70 -14.22
N GLN B 67 8.10 6.17 -13.07
CA GLN B 67 8.88 7.06 -12.24
C GLN B 67 8.95 6.44 -10.86
N ASP B 68 8.02 6.82 -10.02
CA ASP B 68 7.91 6.22 -8.71
C ASP B 68 6.46 5.80 -8.51
N GLY B 69 6.20 4.55 -8.78
CA GLY B 69 4.85 4.02 -8.67
C GLY B 69 4.66 3.23 -7.39
N TYR B 70 5.72 3.09 -6.64
CA TYR B 70 5.67 2.27 -5.44
C TYR B 70 5.13 2.99 -4.22
N TYR B 71 3.91 2.64 -3.85
CA TYR B 71 3.29 3.19 -2.65
C TYR B 71 3.09 2.06 -1.64
N SER B 72 3.71 2.20 -0.48
CA SER B 72 3.63 1.15 0.52
C SER B 72 3.44 1.69 1.91
N VAL B 73 3.02 0.80 2.80
CA VAL B 73 2.82 1.15 4.17
C VAL B 73 3.05 -0.07 5.06
N GLN B 74 2.99 0.11 6.38
CA GLN B 74 3.19 -1.01 7.29
C GLN B 74 1.87 -1.52 7.82
N THR B 75 1.67 -2.79 7.61
CA THR B 75 0.47 -3.48 8.05
C THR B 75 0.75 -4.95 8.25
N THR B 76 0.26 -5.52 9.34
CA THR B 76 0.50 -6.94 9.57
C THR B 76 -0.56 -7.79 8.89
N GLU B 77 -1.26 -7.18 7.95
CA GLU B 77 -2.24 -7.89 7.16
C GLU B 77 -2.22 -7.35 5.73
N GLY B 78 -1.30 -7.86 4.95
CA GLY B 78 -1.18 -7.46 3.56
C GLY B 78 -2.10 -8.30 2.70
N GLU B 79 -1.87 -9.60 2.75
CA GLU B 79 -2.64 -10.55 1.97
C GLU B 79 -4.11 -10.24 2.03
N GLN B 80 -4.49 -9.50 3.03
CA GLN B 80 -5.89 -9.12 3.18
C GLN B 80 -6.18 -7.93 2.31
N ILE B 81 -5.21 -7.03 2.29
CA ILE B 81 -5.31 -5.84 1.47
C ILE B 81 -5.03 -6.19 0.01
N ALA B 82 -4.02 -7.04 -0.16
CA ALA B 82 -3.58 -7.46 -1.49
C ALA B 82 -4.52 -8.44 -2.17
N GLN B 83 -5.03 -9.42 -1.43
CA GLN B 83 -5.90 -10.42 -2.06
C GLN B 83 -7.16 -9.78 -2.60
N LEU B 84 -7.59 -8.80 -1.88
CA LEU B 84 -8.78 -8.07 -2.22
C LEU B 84 -8.48 -7.16 -3.40
N ILE B 85 -7.45 -6.37 -3.27
CA ILE B 85 -7.00 -5.52 -4.34
C ILE B 85 -6.91 -6.40 -5.54
N ALA B 86 -6.13 -7.46 -5.34
CA ALA B 86 -5.93 -8.48 -6.35
C ALA B 86 -7.26 -8.99 -6.88
N GLY B 87 -8.24 -9.04 -5.97
CA GLY B 87 -9.56 -9.56 -6.35
C GLY B 87 -10.40 -8.47 -6.97
N TYR B 88 -9.98 -7.25 -6.74
CA TYR B 88 -10.68 -6.10 -7.26
C TYR B 88 -10.16 -5.81 -8.67
N ILE B 89 -8.87 -5.99 -8.88
CA ILE B 89 -8.33 -5.80 -10.22
C ILE B 89 -8.85 -6.87 -11.13
N ASP B 90 -9.40 -7.87 -10.49
CA ASP B 90 -9.94 -9.01 -11.20
C ASP B 90 -11.29 -8.66 -11.78
N ILE B 91 -11.87 -7.65 -11.19
CA ILE B 91 -13.17 -7.18 -11.57
C ILE B 91 -13.10 -6.07 -12.60
N ILE B 92 -12.47 -5.00 -12.15
CA ILE B 92 -12.33 -3.79 -12.95
C ILE B 92 -11.49 -4.01 -14.20
N LEU B 93 -10.68 -5.06 -14.20
CA LEU B 93 -9.82 -5.30 -15.37
C LEU B 93 -10.64 -5.20 -16.66
N ASP A 1 5.93 -18.94 -11.94
CA ASP A 1 7.20 -18.46 -12.54
C ASP A 1 7.67 -17.21 -11.80
N ILE A 2 6.75 -16.58 -11.07
CA ILE A 2 7.08 -15.39 -10.32
C ILE A 2 7.83 -15.74 -9.03
N ASP A 3 8.64 -14.81 -8.58
CA ASP A 3 9.41 -15.01 -7.35
C ASP A 3 10.05 -13.71 -6.88
N GLN A 4 10.57 -12.93 -7.81
CA GLN A 4 11.21 -11.66 -7.46
C GLN A 4 10.19 -10.66 -6.98
N MET A 5 9.18 -10.42 -7.81
CA MET A 5 8.11 -9.47 -7.51
C MET A 5 8.04 -9.14 -6.03
N PHE A 6 7.57 -10.11 -5.25
CA PHE A 6 7.48 -9.92 -3.82
C PHE A 6 8.72 -9.22 -3.29
N SER A 7 9.87 -9.87 -3.48
CA SER A 7 11.13 -9.30 -3.03
C SER A 7 11.38 -7.94 -3.68
N THR A 8 11.00 -7.82 -4.94
CA THR A 8 11.20 -6.57 -5.67
C THR A 8 10.54 -5.40 -4.94
N LEU A 9 9.30 -5.59 -4.50
CA LEU A 9 8.59 -4.54 -3.77
C LEU A 9 9.13 -4.46 -2.34
N LEU A 10 9.37 -5.62 -1.75
CA LEU A 10 9.90 -5.66 -0.40
C LEU A 10 11.25 -4.92 -0.36
N GLY A 11 12.06 -5.08 -1.40
CA GLY A 11 13.33 -4.39 -1.47
C GLY A 11 13.09 -2.88 -1.50
N GLU A 12 12.10 -2.48 -2.28
CA GLU A 12 11.73 -1.07 -2.37
C GLU A 12 11.20 -0.59 -1.04
N MET A 13 10.44 -1.44 -0.36
CA MET A 13 9.90 -1.06 0.93
C MET A 13 11.04 -0.71 1.89
N ASP A 14 12.18 -1.36 1.72
CA ASP A 14 13.32 -1.06 2.59
C ASP A 14 13.59 0.43 2.63
N LEU A 15 13.25 1.12 1.52
CA LEU A 15 13.48 2.57 1.45
C LEU A 15 12.46 3.34 2.29
N LEU A 16 11.44 2.64 2.77
CA LEU A 16 10.41 3.27 3.60
C LEU A 16 10.77 3.13 5.08
N THR A 17 11.80 2.33 5.37
CA THR A 17 12.20 2.12 6.76
C THR A 17 13.71 2.29 6.88
N GLN A 18 14.36 2.53 5.77
CA GLN A 18 15.80 2.71 5.76
C GLN A 18 16.47 1.68 6.65
N SER A 19 16.68 2.04 7.91
CA SER A 19 17.36 1.13 8.84
C SER A 19 16.72 1.20 10.23
N LEU A 20 15.85 2.18 10.44
CA LEU A 20 15.19 2.35 11.73
C LEU A 20 14.67 1.01 12.24
N GLY A 21 13.58 0.52 11.65
CA GLY A 21 13.01 -0.75 12.06
C GLY A 21 11.93 -0.55 13.12
N VAL A 22 10.74 -0.16 12.67
CA VAL A 22 9.63 0.07 13.58
C VAL A 22 8.75 -1.17 13.67
N ASP A 23 7.53 -1.07 13.14
CA ASP A 23 6.59 -2.19 13.16
C ASP A 23 6.39 -2.69 14.60
N THR A 24 5.89 -1.80 15.45
CA THR A 24 5.66 -2.15 16.85
C THR A 24 4.54 -3.18 16.96
N TYR B 1 -17.82 -7.13 0.50
CA TYR B 1 -18.31 -6.12 1.50
C TYR B 1 -18.05 -4.72 0.96
N GLY B 2 -17.84 -4.62 -0.35
CA GLY B 2 -17.58 -3.33 -0.97
C GLY B 2 -16.24 -2.76 -0.52
N VAL B 3 -16.11 -1.44 -0.57
CA VAL B 3 -14.88 -0.77 -0.17
C VAL B 3 -14.29 -1.43 1.08
N SER B 4 -12.97 -1.61 1.09
CA SER B 4 -12.29 -2.22 2.22
C SER B 4 -11.42 -1.19 2.93
N PHE B 5 -11.17 -1.40 4.22
CA PHE B 5 -10.38 -0.46 5.01
C PHE B 5 -9.28 -1.17 5.81
N PHE B 6 -8.04 -0.65 5.79
CA PHE B 6 -6.97 -1.28 6.55
C PHE B 6 -6.10 -0.23 7.21
N LEU B 7 -5.88 -0.40 8.50
CA LEU B 7 -5.06 0.52 9.23
C LEU B 7 -3.60 0.15 9.02
N VAL B 8 -2.99 0.99 8.23
CA VAL B 8 -1.62 0.79 7.84
C VAL B 8 -0.77 1.96 8.34
N LYS B 9 0.55 1.77 8.42
CA LYS B 9 1.43 2.84 8.88
C LYS B 9 2.11 3.47 7.69
N GLU B 10 2.32 4.76 7.78
CA GLU B 10 2.95 5.49 6.69
C GLU B 10 4.06 6.41 7.15
N LYS B 11 5.02 6.57 6.27
CA LYS B 11 6.17 7.43 6.54
C LYS B 11 5.85 8.90 6.30
N MET B 12 5.58 9.61 7.39
CA MET B 12 5.26 11.03 7.30
C MET B 12 6.50 11.88 7.50
N LYS B 13 6.31 13.19 7.41
CA LYS B 13 7.39 14.12 7.59
C LYS B 13 7.35 14.72 8.98
N GLY B 14 8.48 15.21 9.43
CA GLY B 14 8.60 15.80 10.74
C GLY B 14 9.38 14.89 11.67
N LYS B 15 9.40 13.61 11.31
CA LYS B 15 10.09 12.63 12.11
C LYS B 15 10.90 11.69 11.23
N ASN B 16 10.91 10.40 11.57
CA ASN B 16 11.64 9.42 10.79
C ASN B 16 10.90 8.09 10.79
N LYS B 17 9.97 7.91 11.72
CA LYS B 17 9.23 6.66 11.80
C LYS B 17 7.94 6.75 11.00
N LEU B 18 7.14 5.69 11.07
CA LEU B 18 5.88 5.65 10.36
C LEU B 18 4.77 6.18 11.23
N VAL B 19 3.66 6.48 10.60
CA VAL B 19 2.52 7.01 11.32
C VAL B 19 1.29 6.14 11.06
N PRO B 20 0.66 5.59 12.08
CA PRO B 20 -0.55 4.76 11.85
C PRO B 20 -1.42 5.48 10.85
N ARG B 21 -2.09 4.74 9.98
CA ARG B 21 -2.87 5.38 8.97
C ARG B 21 -4.02 4.49 8.64
N LEU B 22 -4.78 4.87 7.63
CA LEU B 22 -5.93 4.12 7.28
C LEU B 22 -6.06 4.08 5.77
N LEU B 23 -6.05 2.88 5.22
CA LEU B 23 -6.13 2.69 3.79
C LEU B 23 -7.55 2.36 3.42
N GLY B 24 -7.90 2.59 2.18
CA GLY B 24 -9.21 2.25 1.73
C GLY B 24 -9.17 1.73 0.31
N ILE B 25 -9.39 0.44 0.16
CA ILE B 25 -9.43 -0.16 -1.14
C ILE B 25 -10.83 -0.07 -1.68
N THR B 26 -10.96 0.55 -2.82
CA THR B 26 -12.22 0.73 -3.46
C THR B 26 -12.18 0.00 -4.78
N LYS B 27 -13.26 -0.68 -5.10
CA LYS B 27 -13.33 -1.42 -6.37
C LYS B 27 -13.11 -0.50 -7.56
N GLU B 28 -12.58 0.67 -7.30
CA GLU B 28 -12.27 1.64 -8.34
C GLU B 28 -11.01 2.43 -8.00
N CYS B 29 -10.47 2.19 -6.80
CA CYS B 29 -9.30 2.97 -6.39
C CYS B 29 -8.73 2.49 -5.07
N VAL B 30 -7.64 3.15 -4.71
CA VAL B 30 -6.93 2.87 -3.50
C VAL B 30 -6.68 4.19 -2.84
N MET B 31 -6.70 4.26 -1.52
CA MET B 31 -6.55 5.58 -0.92
C MET B 31 -5.94 5.58 0.47
N ARG B 32 -5.25 6.68 0.78
CA ARG B 32 -4.68 6.85 2.09
C ARG B 32 -5.63 7.68 2.93
N VAL B 33 -6.29 7.01 3.86
CA VAL B 33 -7.25 7.65 4.72
C VAL B 33 -6.63 8.05 6.05
N ASP B 34 -7.16 9.12 6.63
CA ASP B 34 -6.64 9.63 7.87
C ASP B 34 -7.31 8.96 9.06
N GLU B 35 -6.69 7.88 9.52
CA GLU B 35 -7.21 7.12 10.65
C GLU B 35 -7.85 8.05 11.67
N LYS B 36 -7.35 9.27 11.71
CA LYS B 36 -7.86 10.28 12.63
C LYS B 36 -9.20 10.83 12.17
N THR B 37 -9.32 11.11 10.88
CA THR B 37 -10.54 11.69 10.33
C THR B 37 -11.32 10.70 9.49
N LYS B 38 -10.69 9.58 9.12
CA LYS B 38 -11.37 8.59 8.30
C LYS B 38 -11.62 9.15 6.90
N GLU B 39 -11.21 10.39 6.70
CA GLU B 39 -11.37 11.03 5.40
C GLU B 39 -10.17 10.68 4.53
N VAL B 40 -10.40 10.68 3.23
CA VAL B 40 -9.34 10.32 2.30
C VAL B 40 -8.40 11.48 2.03
N ILE B 41 -7.12 11.18 2.07
CA ILE B 41 -6.10 12.17 1.80
C ILE B 41 -5.55 11.92 0.42
N GLN B 42 -5.56 10.64 0.01
CA GLN B 42 -5.04 10.29 -1.29
C GLN B 42 -5.92 9.26 -1.97
N GLU B 43 -5.82 9.22 -3.29
CA GLU B 43 -6.56 8.24 -4.08
C GLU B 43 -5.74 7.76 -5.26
N TRP B 44 -6.00 6.53 -5.64
CA TRP B 44 -5.33 5.96 -6.81
C TRP B 44 -6.11 4.79 -7.36
N SER B 45 -6.45 4.86 -8.64
CA SER B 45 -7.23 3.82 -9.28
C SER B 45 -6.73 2.45 -8.92
N LEU B 46 -7.66 1.54 -8.73
CA LEU B 46 -7.33 0.18 -8.44
C LEU B 46 -7.10 -0.51 -9.77
N THR B 47 -7.90 -0.08 -10.76
CA THR B 47 -7.76 -0.60 -12.10
C THR B 47 -6.53 -0.01 -12.76
N ASN B 48 -5.71 0.67 -11.96
CA ASN B 48 -4.49 1.26 -12.49
C ASN B 48 -3.29 0.53 -11.92
N ILE B 49 -3.53 -0.36 -10.98
CA ILE B 49 -2.44 -1.08 -10.36
C ILE B 49 -1.60 -1.83 -11.40
N LYS B 50 -0.29 -1.94 -11.13
CA LYS B 50 0.61 -2.65 -12.04
C LYS B 50 1.01 -3.98 -11.42
N ARG B 51 1.38 -3.92 -10.14
CA ARG B 51 1.74 -5.10 -9.38
C ARG B 51 1.92 -4.65 -7.93
N TRP B 52 1.38 -5.43 -7.02
CA TRP B 52 1.43 -5.10 -5.62
C TRP B 52 2.17 -6.19 -4.86
N ALA B 53 2.38 -6.00 -3.56
CA ALA B 53 3.11 -6.99 -2.80
C ALA B 53 2.81 -6.90 -1.32
N ALA B 54 1.95 -7.79 -0.88
CA ALA B 54 1.57 -7.87 0.51
C ALA B 54 2.59 -8.67 1.30
N SER B 55 2.86 -8.23 2.54
CA SER B 55 3.81 -8.91 3.39
C SER B 55 3.19 -9.17 4.76
N PRO B 56 3.86 -9.87 5.63
CA PRO B 56 3.33 -10.18 6.99
C PRO B 56 3.45 -9.00 7.93
N LYS B 57 4.15 -7.97 7.48
CA LYS B 57 4.35 -6.77 8.28
C LYS B 57 4.01 -5.53 7.48
N SER B 58 4.02 -5.66 6.17
CA SER B 58 3.72 -4.53 5.31
C SER B 58 3.13 -4.95 4.00
N PHE B 59 2.61 -3.97 3.28
CA PHE B 59 2.00 -4.22 2.00
C PHE B 59 2.41 -3.12 1.06
N THR B 60 2.37 -3.40 -0.23
CA THR B 60 2.87 -2.42 -1.18
C THR B 60 2.15 -2.46 -2.50
N LEU B 61 2.16 -1.33 -3.18
CA LEU B 61 1.51 -1.20 -4.48
C LEU B 61 2.48 -0.68 -5.52
N ASP B 62 2.41 -1.22 -6.74
CA ASP B 62 3.26 -0.69 -7.79
C ASP B 62 2.44 -0.10 -8.92
N PHE B 63 2.25 1.19 -8.84
CA PHE B 63 1.54 1.90 -9.90
C PHE B 63 2.21 3.21 -10.25
N GLY B 64 3.05 3.19 -11.27
CA GLY B 64 3.73 4.41 -11.72
C GLY B 64 5.20 4.16 -11.88
N ASP B 65 5.56 2.89 -11.86
CA ASP B 65 6.97 2.49 -11.98
C ASP B 65 7.69 3.29 -13.05
N TYR B 66 6.94 3.95 -13.89
CA TYR B 66 7.56 4.77 -14.92
C TYR B 66 8.50 5.73 -14.24
N GLN B 67 8.05 6.20 -13.09
CA GLN B 67 8.84 7.08 -12.26
C GLN B 67 8.92 6.47 -10.89
N ASP B 68 7.99 6.84 -10.04
CA ASP B 68 7.88 6.25 -8.73
C ASP B 68 6.44 5.84 -8.54
N GLY B 69 6.19 4.60 -8.82
CA GLY B 69 4.83 4.05 -8.70
C GLY B 69 4.64 3.27 -7.42
N TYR B 70 5.70 3.12 -6.65
CA TYR B 70 5.65 2.29 -5.46
C TYR B 70 5.11 3.01 -4.24
N TYR B 71 3.88 2.66 -3.87
CA TYR B 71 3.28 3.21 -2.66
C TYR B 71 3.06 2.09 -1.68
N SER B 72 3.68 2.22 -0.51
CA SER B 72 3.60 1.19 0.49
C SER B 72 3.42 1.72 1.89
N VAL B 73 3.00 0.83 2.76
CA VAL B 73 2.80 1.17 4.16
C VAL B 73 3.05 -0.05 5.03
N GLN B 74 2.98 0.12 6.36
CA GLN B 74 3.20 -0.99 7.27
C GLN B 74 1.89 -1.51 7.80
N THR B 75 1.69 -2.78 7.59
CA THR B 75 0.49 -3.47 8.03
C THR B 75 0.78 -4.96 8.22
N THR B 76 0.29 -5.53 9.30
CA THR B 76 0.53 -6.94 9.53
C THR B 76 -0.53 -7.80 8.86
N GLU B 77 -1.24 -7.18 7.94
CA GLU B 77 -2.22 -7.91 7.14
C GLU B 77 -2.20 -7.34 5.72
N GLY B 78 -1.28 -7.85 4.93
CA GLY B 78 -1.17 -7.44 3.54
C GLY B 78 -2.09 -8.30 2.68
N GLU B 79 -1.85 -9.60 2.73
CA GLU B 79 -2.62 -10.56 1.95
C GLU B 79 -4.10 -10.26 2.02
N GLN B 80 -4.48 -9.52 3.02
CA GLN B 80 -5.88 -9.15 3.17
C GLN B 80 -6.17 -7.95 2.31
N ILE B 81 -5.21 -7.05 2.28
CA ILE B 81 -5.32 -5.86 1.46
C ILE B 81 -5.03 -6.21 0.01
N ALA B 82 -4.03 -7.05 -0.17
CA ALA B 82 -3.58 -7.46 -1.50
C ALA B 82 -4.53 -8.44 -2.18
N GLN B 83 -5.04 -9.43 -1.45
CA GLN B 83 -5.91 -10.42 -2.08
C GLN B 83 -7.17 -9.78 -2.61
N LEU B 84 -7.60 -8.80 -1.89
CA LEU B 84 -8.81 -8.07 -2.23
C LEU B 84 -8.51 -7.17 -3.41
N ILE B 85 -7.47 -6.36 -3.27
CA ILE B 85 -7.03 -5.51 -4.33
C ILE B 85 -6.94 -6.40 -5.55
N ALA B 86 -6.17 -7.45 -5.34
CA ALA B 86 -5.96 -8.47 -6.36
C ALA B 86 -7.29 -8.98 -6.88
N GLY B 87 -8.28 -9.04 -5.98
CA GLY B 87 -9.58 -9.56 -6.35
C GLY B 87 -10.43 -8.47 -6.97
N TYR B 88 -10.01 -7.25 -6.74
CA TYR B 88 -10.71 -6.11 -7.26
C TYR B 88 -10.22 -5.81 -8.66
N ILE B 89 -8.91 -5.98 -8.88
CA ILE B 89 -8.38 -5.79 -10.23
C ILE B 89 -8.89 -6.88 -11.13
N ASP B 90 -9.46 -7.87 -10.49
CA ASP B 90 -9.99 -9.02 -11.19
C ASP B 90 -11.33 -8.67 -11.77
N ILE B 91 -11.93 -7.67 -11.17
CA ILE B 91 -13.23 -7.19 -11.55
C ILE B 91 -13.15 -6.08 -12.58
N ILE B 92 -12.53 -5.01 -12.14
CA ILE B 92 -12.40 -3.80 -12.93
C ILE B 92 -11.56 -4.02 -14.19
N LEU B 93 -10.75 -5.07 -14.20
CA LEU B 93 -9.89 -5.30 -15.37
C LEU B 93 -10.71 -5.20 -16.66
N ASP A 1 8.51 -10.85 -14.13
CA ASP A 1 9.41 -11.47 -13.11
C ASP A 1 8.60 -11.78 -11.86
N ILE A 2 7.72 -12.77 -11.95
CA ILE A 2 6.89 -13.17 -10.82
C ILE A 2 7.71 -13.88 -9.76
N ASP A 3 9.01 -13.82 -9.93
CA ASP A 3 9.94 -14.46 -9.01
C ASP A 3 10.61 -13.44 -8.09
N GLN A 4 10.81 -12.23 -8.59
CA GLN A 4 11.44 -11.18 -7.80
C GLN A 4 10.40 -10.23 -7.24
N MET A 5 9.35 -10.00 -8.04
CA MET A 5 8.26 -9.10 -7.67
C MET A 5 8.21 -8.85 -6.18
N PHE A 6 7.77 -9.83 -5.44
CA PHE A 6 7.69 -9.71 -4.00
C PHE A 6 8.92 -8.99 -3.47
N SER A 7 10.08 -9.60 -3.67
CA SER A 7 11.33 -9.00 -3.21
C SER A 7 11.53 -7.61 -3.82
N THR A 8 11.05 -7.44 -5.05
CA THR A 8 11.18 -6.17 -5.73
C THR A 8 10.49 -5.05 -4.96
N LEU A 9 9.26 -5.31 -4.53
CA LEU A 9 8.50 -4.31 -3.76
C LEU A 9 9.04 -4.26 -2.35
N LEU A 10 9.32 -5.43 -1.79
CA LEU A 10 9.87 -5.50 -0.44
C LEU A 10 11.19 -4.74 -0.38
N GLY A 11 12.01 -4.91 -1.41
CA GLY A 11 13.29 -4.20 -1.46
C GLY A 11 13.02 -2.70 -1.45
N GLU A 12 12.01 -2.29 -2.21
CA GLU A 12 11.63 -0.89 -2.27
C GLU A 12 11.11 -0.42 -0.91
N MET A 13 10.33 -1.28 -0.26
CA MET A 13 9.81 -0.94 1.05
C MET A 13 10.95 -0.58 2.01
N ASP A 14 12.10 -1.20 1.82
CA ASP A 14 13.24 -0.91 2.67
C ASP A 14 13.49 0.60 2.71
N LEU A 15 13.13 1.29 1.63
CA LEU A 15 13.35 2.72 1.56
C LEU A 15 12.26 3.49 2.32
N LEU A 16 11.31 2.77 2.92
CA LEU A 16 10.24 3.40 3.70
C LEU A 16 10.54 3.29 5.19
N THR A 17 11.56 2.49 5.52
CA THR A 17 11.93 2.28 6.93
C THR A 17 13.38 2.64 7.16
N GLN A 18 14.10 2.88 6.09
CA GLN A 18 15.49 3.23 6.18
C GLN A 18 16.19 2.39 7.23
N SER A 19 16.31 2.92 8.44
CA SER A 19 16.98 2.20 9.51
C SER A 19 16.30 2.44 10.85
N LEU A 20 17.02 2.14 11.93
CA LEU A 20 16.49 2.32 13.27
C LEU A 20 16.32 3.80 13.60
N GLY A 21 17.27 4.36 14.35
CA GLY A 21 17.21 5.76 14.72
C GLY A 21 16.27 5.99 15.90
N VAL A 22 15.21 5.18 15.95
CA VAL A 22 14.23 5.29 17.03
C VAL A 22 13.65 3.92 17.36
N ASP A 23 12.36 3.74 17.07
CA ASP A 23 11.69 2.48 17.34
C ASP A 23 11.62 1.63 16.07
N THR A 24 10.41 1.45 15.55
CA THR A 24 10.21 0.66 14.34
C THR A 24 10.95 -0.67 14.45
N TYR B 1 -17.15 -6.57 -1.97
CA TYR B 1 -18.26 -6.05 -1.12
C TYR B 1 -18.45 -4.56 -1.37
N GLY B 2 -17.45 -3.94 -2.01
CA GLY B 2 -17.51 -2.52 -2.30
C GLY B 2 -16.18 -1.84 -1.98
N VAL B 3 -16.05 -1.35 -0.75
CA VAL B 3 -14.83 -0.68 -0.32
C VAL B 3 -14.29 -1.30 0.96
N SER B 4 -12.98 -1.55 0.98
CA SER B 4 -12.33 -2.14 2.15
C SER B 4 -11.43 -1.13 2.82
N PHE B 5 -11.21 -1.28 4.13
CA PHE B 5 -10.39 -0.34 4.89
C PHE B 5 -9.32 -1.07 5.70
N PHE B 6 -8.08 -0.56 5.69
CA PHE B 6 -7.02 -1.19 6.48
C PHE B 6 -6.16 -0.14 7.15
N LEU B 7 -5.96 -0.32 8.44
CA LEU B 7 -5.13 0.60 9.19
C LEU B 7 -3.68 0.21 9.02
N VAL B 8 -3.07 0.97 8.17
CA VAL B 8 -1.68 0.75 7.81
C VAL B 8 -0.83 1.90 8.31
N LYS B 9 0.48 1.69 8.49
CA LYS B 9 1.35 2.75 8.96
C LYS B 9 2.07 3.37 7.79
N GLU B 10 2.28 4.67 7.86
CA GLU B 10 2.93 5.40 6.80
C GLU B 10 4.05 6.30 7.30
N LYS B 11 5.01 6.49 6.43
CA LYS B 11 6.15 7.33 6.73
C LYS B 11 5.82 8.81 6.54
N MET B 12 5.59 9.49 7.64
CA MET B 12 5.27 10.91 7.60
C MET B 12 6.49 11.76 7.89
N LYS B 13 6.30 13.07 7.85
CA LYS B 13 7.37 14.00 8.13
C LYS B 13 7.25 14.52 9.56
N GLY B 14 8.39 14.86 10.12
CA GLY B 14 8.45 15.37 11.48
C GLY B 14 9.26 14.44 12.34
N LYS B 15 9.34 13.19 11.91
CA LYS B 15 10.08 12.18 12.66
C LYS B 15 10.86 11.28 11.70
N ASN B 16 10.99 10.00 12.08
CA ASN B 16 11.71 9.05 11.25
C ASN B 16 10.93 7.74 11.15
N LYS B 17 9.99 7.54 12.07
CA LYS B 17 9.20 6.31 12.07
C LYS B 17 7.93 6.48 11.24
N LEU B 18 7.10 5.44 11.24
CA LEU B 18 5.86 5.48 10.51
C LEU B 18 4.75 6.00 11.39
N VAL B 19 3.65 6.34 10.76
CA VAL B 19 2.51 6.87 11.48
C VAL B 19 1.27 6.03 11.18
N PRO B 20 0.57 5.53 12.18
CA PRO B 20 -0.65 4.73 11.92
C PRO B 20 -1.44 5.44 10.83
N ARG B 21 -2.06 4.70 9.95
CA ARG B 21 -2.76 5.32 8.87
C ARG B 21 -3.95 4.49 8.53
N LEU B 22 -4.62 4.84 7.46
CA LEU B 22 -5.81 4.15 7.09
C LEU B 22 -5.91 4.11 5.59
N LEU B 23 -6.00 2.90 5.04
CA LEU B 23 -6.09 2.72 3.61
C LEU B 23 -7.50 2.42 3.25
N GLY B 24 -7.87 2.65 2.00
CA GLY B 24 -9.18 2.33 1.56
C GLY B 24 -9.15 1.76 0.15
N ILE B 25 -9.39 0.47 0.05
CA ILE B 25 -9.43 -0.17 -1.24
C ILE B 25 -10.84 -0.09 -1.76
N THR B 26 -10.97 0.50 -2.92
CA THR B 26 -12.25 0.66 -3.55
C THR B 26 -12.24 -0.10 -4.85
N LYS B 27 -13.32 -0.79 -5.13
CA LYS B 27 -13.39 -1.56 -6.38
C LYS B 27 -13.19 -0.68 -7.60
N GLU B 28 -12.70 0.52 -7.36
CA GLU B 28 -12.41 1.47 -8.43
C GLU B 28 -11.17 2.28 -8.10
N CYS B 29 -10.59 2.07 -6.92
CA CYS B 29 -9.44 2.86 -6.52
C CYS B 29 -8.81 2.39 -5.23
N VAL B 30 -7.76 3.09 -4.88
CA VAL B 30 -6.99 2.82 -3.69
C VAL B 30 -6.70 4.15 -3.06
N MET B 31 -6.68 4.24 -1.74
CA MET B 31 -6.46 5.56 -1.17
C MET B 31 -5.83 5.54 0.21
N ARG B 32 -5.08 6.61 0.49
CA ARG B 32 -4.46 6.78 1.79
C ARG B 32 -5.37 7.65 2.64
N VAL B 33 -6.01 7.01 3.60
CA VAL B 33 -6.94 7.70 4.47
C VAL B 33 -6.28 8.05 5.80
N ASP B 34 -6.74 9.15 6.39
CA ASP B 34 -6.16 9.61 7.64
C ASP B 34 -6.90 9.01 8.83
N GLU B 35 -6.38 7.89 9.30
CA GLU B 35 -6.96 7.18 10.43
C GLU B 35 -7.52 8.17 11.45
N LYS B 36 -6.92 9.33 11.48
CA LYS B 36 -7.33 10.39 12.39
C LYS B 36 -8.62 11.06 11.92
N THR B 37 -8.71 11.34 10.63
CA THR B 37 -9.87 12.03 10.08
C THR B 37 -10.73 11.11 9.21
N LYS B 38 -10.21 9.93 8.87
CA LYS B 38 -10.95 9.00 8.04
C LYS B 38 -11.15 9.57 6.64
N GLU B 39 -10.63 10.77 6.44
CA GLU B 39 -10.72 11.42 5.14
C GLU B 39 -9.58 10.95 4.27
N VAL B 40 -9.80 10.99 2.97
CA VAL B 40 -8.80 10.52 2.03
C VAL B 40 -7.76 11.57 1.72
N ILE B 41 -6.51 11.15 1.75
CA ILE B 41 -5.40 12.03 1.44
C ILE B 41 -4.92 11.73 0.04
N GLN B 42 -5.05 10.46 -0.35
CA GLN B 42 -4.62 10.06 -1.67
C GLN B 42 -5.61 9.11 -2.32
N GLU B 43 -5.56 9.07 -3.63
CA GLU B 43 -6.42 8.19 -4.40
C GLU B 43 -5.73 7.68 -5.66
N TRP B 44 -6.08 6.48 -6.05
CA TRP B 44 -5.54 5.90 -7.27
C TRP B 44 -6.37 4.71 -7.71
N SER B 45 -6.65 4.66 -9.01
CA SER B 45 -7.46 3.60 -9.57
C SER B 45 -6.92 2.24 -9.19
N LEU B 46 -7.83 1.35 -8.87
CA LEU B 46 -7.47 0.00 -8.53
C LEU B 46 -7.22 -0.71 -9.86
N THR B 47 -8.01 -0.32 -10.85
CA THR B 47 -7.85 -0.86 -12.20
C THR B 47 -6.65 -0.24 -12.87
N ASN B 48 -5.83 0.46 -12.08
CA ASN B 48 -4.62 1.09 -12.62
C ASN B 48 -3.40 0.46 -12.00
N ILE B 49 -3.61 -0.45 -11.05
CA ILE B 49 -2.50 -1.08 -10.38
C ILE B 49 -1.60 -1.80 -11.39
N LYS B 50 -0.30 -1.87 -11.07
CA LYS B 50 0.66 -2.54 -11.96
C LYS B 50 1.07 -3.87 -11.33
N ARG B 51 1.36 -3.81 -10.05
CA ARG B 51 1.71 -4.99 -9.28
C ARG B 51 1.87 -4.58 -7.82
N TRP B 52 1.34 -5.38 -6.94
CA TRP B 52 1.38 -5.08 -5.52
C TRP B 52 2.13 -6.16 -4.77
N ALA B 53 2.36 -5.97 -3.48
CA ALA B 53 3.12 -6.96 -2.73
C ALA B 53 2.82 -6.89 -1.25
N ALA B 54 1.96 -7.79 -0.82
CA ALA B 54 1.58 -7.88 0.57
C ALA B 54 2.63 -8.67 1.36
N SER B 55 2.86 -8.25 2.61
CA SER B 55 3.83 -8.93 3.46
C SER B 55 3.19 -9.21 4.82
N PRO B 56 3.88 -9.91 5.69
CA PRO B 56 3.34 -10.24 7.04
C PRO B 56 3.43 -9.06 7.99
N LYS B 57 4.12 -8.02 7.55
CA LYS B 57 4.30 -6.82 8.37
C LYS B 57 3.97 -5.57 7.57
N SER B 58 4.00 -5.69 6.25
CA SER B 58 3.72 -4.56 5.40
C SER B 58 3.11 -4.99 4.09
N PHE B 59 2.62 -4.00 3.37
CA PHE B 59 2.01 -4.24 2.09
C PHE B 59 2.40 -3.15 1.14
N THR B 60 2.35 -3.42 -0.15
CA THR B 60 2.82 -2.43 -1.11
C THR B 60 2.07 -2.47 -2.42
N LEU B 61 2.10 -1.35 -3.11
CA LEU B 61 1.42 -1.20 -4.37
C LEU B 61 2.34 -0.63 -5.43
N ASP B 62 2.24 -1.13 -6.68
CA ASP B 62 3.06 -0.56 -7.74
C ASP B 62 2.17 0.05 -8.81
N PHE B 63 1.98 1.34 -8.69
CA PHE B 63 1.19 2.07 -9.70
C PHE B 63 1.85 3.39 -10.06
N GLY B 64 2.65 3.36 -11.11
CA GLY B 64 3.32 4.58 -11.58
C GLY B 64 4.78 4.31 -11.82
N ASP B 65 5.13 3.04 -11.85
CA ASP B 65 6.51 2.64 -12.07
C ASP B 65 7.17 3.45 -13.16
N TYR B 66 6.38 4.16 -13.95
CA TYR B 66 6.95 4.98 -14.99
C TYR B 66 7.96 5.92 -14.35
N GLN B 67 7.59 6.35 -13.17
CA GLN B 67 8.45 7.20 -12.36
C GLN B 67 8.59 6.54 -11.01
N ASP B 68 7.73 6.92 -10.10
CA ASP B 68 7.68 6.29 -8.81
C ASP B 68 6.24 5.89 -8.54
N GLY B 69 5.94 4.65 -8.82
CA GLY B 69 4.58 4.14 -8.63
C GLY B 69 4.46 3.33 -7.35
N TYR B 70 5.56 3.17 -6.67
CA TYR B 70 5.56 2.33 -5.48
C TYR B 70 5.15 3.04 -4.22
N TYR B 71 3.93 2.75 -3.77
CA TYR B 71 3.45 3.30 -2.50
C TYR B 71 3.19 2.16 -1.53
N SER B 72 3.79 2.26 -0.35
CA SER B 72 3.66 1.19 0.62
C SER B 72 3.47 1.70 2.02
N VAL B 73 3.01 0.81 2.87
CA VAL B 73 2.78 1.14 4.25
C VAL B 73 3.02 -0.09 5.12
N GLN B 74 2.95 0.07 6.45
CA GLN B 74 3.15 -1.07 7.34
C GLN B 74 1.83 -1.58 7.87
N THR B 75 1.63 -2.85 7.66
CA THR B 75 0.44 -3.54 8.11
C THR B 75 0.73 -5.01 8.31
N THR B 76 0.24 -5.58 9.39
CA THR B 76 0.49 -7.00 9.63
C THR B 76 -0.56 -7.85 8.95
N GLU B 77 -1.28 -7.24 8.02
CA GLU B 77 -2.25 -7.96 7.22
C GLU B 77 -2.23 -7.39 5.80
N GLY B 78 -1.30 -7.89 5.02
CA GLY B 78 -1.19 -7.49 3.63
C GLY B 78 -2.11 -8.32 2.76
N GLU B 79 -1.90 -9.62 2.81
CA GLU B 79 -2.68 -10.58 2.04
C GLU B 79 -4.14 -10.25 2.10
N GLN B 80 -4.52 -9.50 3.11
CA GLN B 80 -5.91 -9.12 3.26
C GLN B 80 -6.20 -7.93 2.39
N ILE B 81 -5.22 -7.04 2.36
CA ILE B 81 -5.32 -5.86 1.53
C ILE B 81 -5.05 -6.22 0.08
N ALA B 82 -4.05 -7.06 -0.10
CA ALA B 82 -3.59 -7.48 -1.42
C ALA B 82 -4.53 -8.47 -2.09
N GLN B 83 -5.04 -9.44 -1.35
CA GLN B 83 -5.91 -10.43 -1.98
C GLN B 83 -7.17 -9.79 -2.52
N LEU B 84 -7.61 -8.82 -1.80
CA LEU B 84 -8.80 -8.09 -2.15
C LEU B 84 -8.51 -7.21 -3.35
N ILE B 85 -7.47 -6.40 -3.23
CA ILE B 85 -7.03 -5.57 -4.31
C ILE B 85 -6.93 -6.49 -5.49
N ALA B 86 -6.15 -7.52 -5.28
CA ALA B 86 -5.95 -8.56 -6.28
C ALA B 86 -7.27 -9.10 -6.77
N GLY B 87 -8.25 -9.14 -5.87
CA GLY B 87 -9.55 -9.68 -6.22
C GLY B 87 -10.42 -8.62 -6.85
N TYR B 88 -10.02 -7.38 -6.65
CA TYR B 88 -10.74 -6.26 -7.18
C TYR B 88 -10.25 -5.99 -8.59
N ILE B 89 -8.95 -6.15 -8.83
CA ILE B 89 -8.43 -5.98 -10.18
C ILE B 89 -8.94 -7.09 -11.05
N ASP B 90 -9.47 -8.07 -10.38
CA ASP B 90 -10.00 -9.25 -11.06
C ASP B 90 -11.35 -8.93 -11.63
N ILE B 91 -11.96 -7.93 -11.04
CA ILE B 91 -13.27 -7.49 -11.42
C ILE B 91 -13.23 -6.40 -12.47
N ILE B 92 -12.62 -5.31 -12.07
CA ILE B 92 -12.52 -4.12 -12.89
C ILE B 92 -11.70 -4.36 -14.15
N LEU B 93 -10.87 -5.39 -14.15
CA LEU B 93 -10.04 -5.64 -15.33
C LEU B 93 -10.88 -5.60 -16.61
N ASP A 1 7.45 -12.79 -11.55
CA ASP A 1 8.67 -13.60 -11.28
C ASP A 1 8.32 -14.71 -10.29
N ILE A 2 7.27 -14.49 -9.51
CA ILE A 2 6.83 -15.48 -8.52
C ILE A 2 7.98 -15.84 -7.58
N ASP A 3 9.06 -15.10 -7.72
CA ASP A 3 10.24 -15.34 -6.88
C ASP A 3 10.90 -14.03 -6.46
N GLN A 4 10.87 -13.04 -7.35
CA GLN A 4 11.48 -11.75 -7.05
C GLN A 4 10.41 -10.74 -6.65
N MET A 5 9.41 -10.58 -7.51
CA MET A 5 8.31 -9.65 -7.29
C MET A 5 8.18 -9.25 -5.82
N PHE A 6 7.72 -10.19 -5.02
CA PHE A 6 7.56 -9.93 -3.61
C PHE A 6 8.78 -9.20 -3.07
N SER A 7 9.96 -9.81 -3.24
CA SER A 7 11.19 -9.21 -2.77
C SER A 7 11.44 -7.87 -3.46
N THR A 8 11.06 -7.80 -4.73
CA THR A 8 11.26 -6.59 -5.51
C THR A 8 10.57 -5.39 -4.83
N LEU A 9 9.32 -5.60 -4.41
CA LEU A 9 8.58 -4.53 -3.74
C LEU A 9 9.10 -4.36 -2.32
N LEU A 10 9.40 -5.48 -1.68
CA LEU A 10 9.92 -5.45 -0.33
C LEU A 10 11.22 -4.64 -0.30
N GLY A 11 12.06 -4.85 -1.31
CA GLY A 11 13.30 -4.10 -1.41
C GLY A 11 12.98 -2.61 -1.53
N GLU A 12 11.97 -2.30 -2.33
CA GLU A 12 11.54 -0.94 -2.53
C GLU A 12 10.97 -0.38 -1.23
N MET A 13 10.25 -1.22 -0.49
CA MET A 13 9.67 -0.78 0.77
C MET A 13 10.77 -0.27 1.69
N ASP A 14 11.95 -0.86 1.59
CA ASP A 14 13.07 -0.42 2.43
C ASP A 14 13.24 1.09 2.33
N LEU A 15 12.91 1.65 1.17
CA LEU A 15 13.05 3.09 0.97
C LEU A 15 11.96 3.86 1.72
N LEU A 16 10.95 3.16 2.21
CA LEU A 16 9.87 3.80 2.97
C LEU A 16 10.24 3.88 4.45
N THR A 17 11.30 3.18 4.83
CA THR A 17 11.72 3.18 6.23
C THR A 17 13.03 3.90 6.38
N GLN A 18 13.72 4.07 5.27
CA GLN A 18 15.01 4.73 5.30
C GLN A 18 14.93 6.07 6.03
N SER A 19 14.32 7.06 5.40
CA SER A 19 14.22 8.38 6.01
C SER A 19 13.26 9.27 5.21
N LEU A 20 13.37 10.58 5.45
CA LEU A 20 12.52 11.54 4.76
C LEU A 20 12.51 11.29 3.26
N GLY A 21 13.70 11.05 2.70
CA GLY A 21 13.82 10.78 1.28
C GLY A 21 13.81 12.07 0.47
N VAL A 22 12.73 12.84 0.63
CA VAL A 22 12.60 14.10 -0.08
C VAL A 22 11.79 15.11 0.73
N ASP A 23 10.72 14.62 1.34
CA ASP A 23 9.86 15.47 2.16
C ASP A 23 8.81 14.65 2.88
N THR A 24 9.12 13.38 3.13
CA THR A 24 8.19 12.49 3.82
C THR A 24 8.94 11.47 4.66
N TYR B 1 -18.85 -7.59 -0.65
CA TYR B 1 -17.82 -6.82 0.09
C TYR B 1 -17.40 -5.61 -0.72
N GLY B 2 -17.91 -4.44 -0.34
CA GLY B 2 -17.57 -3.20 -1.04
C GLY B 2 -16.23 -2.65 -0.57
N VAL B 3 -16.10 -1.33 -0.62
CA VAL B 3 -14.86 -0.67 -0.19
C VAL B 3 -14.31 -1.34 1.06
N SER B 4 -12.99 -1.54 1.07
CA SER B 4 -12.32 -2.17 2.21
C SER B 4 -11.44 -1.16 2.93
N PHE B 5 -11.21 -1.36 4.22
CA PHE B 5 -10.40 -0.44 5.01
C PHE B 5 -9.31 -1.17 5.80
N PHE B 6 -8.07 -0.65 5.78
CA PHE B 6 -7.01 -1.30 6.54
C PHE B 6 -6.13 -0.27 7.22
N LEU B 7 -5.92 -0.44 8.50
CA LEU B 7 -5.09 0.45 9.25
C LEU B 7 -3.63 0.08 9.04
N VAL B 8 -3.01 0.91 8.25
CA VAL B 8 -1.64 0.71 7.87
C VAL B 8 -0.77 1.86 8.35
N LYS B 9 0.55 1.67 8.42
CA LYS B 9 1.42 2.75 8.86
C LYS B 9 2.11 3.37 7.66
N GLU B 10 2.32 4.67 7.72
CA GLU B 10 2.94 5.38 6.62
C GLU B 10 4.01 6.34 7.09
N LYS B 11 4.96 6.57 6.20
CA LYS B 11 6.08 7.46 6.47
C LYS B 11 5.67 8.92 6.31
N MET B 12 5.43 9.57 7.44
CA MET B 12 5.05 10.98 7.44
C MET B 12 6.27 11.86 7.55
N LYS B 13 6.02 13.17 7.55
CA LYS B 13 7.09 14.13 7.67
C LYS B 13 7.13 14.68 9.09
N GLY B 14 8.32 15.03 9.51
CA GLY B 14 8.53 15.57 10.86
C GLY B 14 9.40 14.62 11.66
N LYS B 15 9.39 13.36 11.29
CA LYS B 15 10.16 12.35 11.98
C LYS B 15 10.91 11.47 10.99
N ASN B 16 11.00 10.18 11.30
CA ASN B 16 11.70 9.25 10.42
C ASN B 16 10.98 7.91 10.38
N LYS B 17 10.08 7.71 11.34
CA LYS B 17 9.34 6.45 11.42
C LYS B 17 8.00 6.55 10.69
N LEU B 18 7.22 5.47 10.77
CA LEU B 18 5.92 5.45 10.13
C LEU B 18 4.86 5.91 11.10
N VAL B 19 3.73 6.31 10.54
CA VAL B 19 2.63 6.78 11.36
C VAL B 19 1.39 5.94 11.10
N PRO B 20 0.75 5.38 12.11
CA PRO B 20 -0.48 4.60 11.89
C PRO B 20 -1.35 5.34 10.90
N ARG B 21 -2.04 4.63 10.04
CA ARG B 21 -2.82 5.29 9.05
C ARG B 21 -3.99 4.42 8.69
N LEU B 22 -4.73 4.81 7.69
CA LEU B 22 -5.88 4.07 7.31
C LEU B 22 -6.01 4.06 5.81
N LEU B 23 -6.04 2.86 5.25
CA LEU B 23 -6.12 2.69 3.82
C LEU B 23 -7.54 2.37 3.44
N GLY B 24 -7.89 2.61 2.19
CA GLY B 24 -9.20 2.29 1.74
C GLY B 24 -9.16 1.76 0.32
N ILE B 25 -9.39 0.47 0.17
CA ILE B 25 -9.42 -0.12 -1.14
C ILE B 25 -10.83 -0.01 -1.66
N THR B 26 -10.94 0.60 -2.82
CA THR B 26 -12.20 0.78 -3.46
C THR B 26 -12.16 0.06 -4.78
N LYS B 27 -13.26 -0.60 -5.11
CA LYS B 27 -13.33 -1.34 -6.37
C LYS B 27 -13.07 -0.43 -7.56
N GLU B 28 -12.55 0.75 -7.30
CA GLU B 28 -12.22 1.71 -8.34
C GLU B 28 -10.97 2.49 -7.99
N CYS B 29 -10.41 2.26 -6.79
CA CYS B 29 -9.26 3.02 -6.36
C CYS B 29 -8.69 2.54 -5.05
N VAL B 30 -7.61 3.19 -4.69
CA VAL B 30 -6.89 2.90 -3.46
C VAL B 30 -6.64 4.22 -2.81
N MET B 31 -6.66 4.29 -1.49
CA MET B 31 -6.50 5.61 -0.89
C MET B 31 -5.90 5.61 0.50
N ARG B 32 -5.21 6.69 0.81
CA ARG B 32 -4.62 6.85 2.13
C ARG B 32 -5.57 7.69 2.97
N VAL B 33 -6.21 7.01 3.90
CA VAL B 33 -7.18 7.64 4.77
C VAL B 33 -6.55 8.02 6.10
N ASP B 34 -7.07 9.09 6.68
CA ASP B 34 -6.55 9.59 7.94
C ASP B 34 -7.24 8.92 9.12
N GLU B 35 -6.64 7.83 9.57
CA GLU B 35 -7.17 7.07 10.71
C GLU B 35 -7.80 7.99 11.73
N LYS B 36 -7.30 9.21 11.76
CA LYS B 36 -7.79 10.22 12.68
C LYS B 36 -9.13 10.80 12.22
N THR B 37 -9.22 11.10 10.93
CA THR B 37 -10.43 11.71 10.38
C THR B 37 -11.22 10.73 9.50
N LYS B 38 -10.62 9.61 9.14
CA LYS B 38 -11.29 8.63 8.30
C LYS B 38 -11.51 9.21 6.91
N GLU B 39 -11.08 10.45 6.72
CA GLU B 39 -11.20 11.10 5.43
C GLU B 39 -10.02 10.73 4.56
N VAL B 40 -10.23 10.75 3.27
CA VAL B 40 -9.18 10.37 2.34
C VAL B 40 -8.21 11.50 2.08
N ILE B 41 -6.93 11.15 2.13
CA ILE B 41 -5.89 12.12 1.87
C ILE B 41 -5.34 11.87 0.48
N GLN B 42 -5.36 10.59 0.08
CA GLN B 42 -4.85 10.22 -1.22
C GLN B 42 -5.76 9.24 -1.92
N GLU B 43 -5.63 9.19 -3.23
CA GLU B 43 -6.41 8.26 -4.04
C GLU B 43 -5.61 7.76 -5.22
N TRP B 44 -5.91 6.54 -5.62
CA TRP B 44 -5.25 5.95 -6.77
C TRP B 44 -6.06 4.79 -7.34
N SER B 45 -6.38 4.87 -8.62
CA SER B 45 -7.18 3.85 -9.26
C SER B 45 -6.68 2.46 -8.92
N LEU B 46 -7.62 1.57 -8.72
CA LEU B 46 -7.32 0.20 -8.43
C LEU B 46 -7.09 -0.47 -9.77
N THR B 47 -7.88 -0.03 -10.74
CA THR B 47 -7.75 -0.54 -12.10
C THR B 47 -6.51 0.04 -12.75
N ASN B 48 -5.68 0.70 -11.95
CA ASN B 48 -4.45 1.27 -12.47
C ASN B 48 -3.26 0.53 -11.91
N ILE B 49 -3.51 -0.35 -10.95
CA ILE B 49 -2.43 -1.09 -10.34
C ILE B 49 -1.61 -1.84 -11.38
N LYS B 50 -0.30 -1.97 -11.11
CA LYS B 50 0.59 -2.69 -12.03
C LYS B 50 0.98 -4.02 -11.41
N ARG B 51 1.36 -3.95 -10.14
CA ARG B 51 1.70 -5.13 -9.37
C ARG B 51 1.89 -4.70 -7.93
N TRP B 52 1.36 -5.48 -7.01
CA TRP B 52 1.43 -5.15 -5.60
C TRP B 52 2.17 -6.24 -4.84
N ALA B 53 2.38 -6.05 -3.54
CA ALA B 53 3.11 -7.05 -2.79
C ALA B 53 2.81 -6.98 -1.31
N ALA B 54 1.93 -7.87 -0.89
CA ALA B 54 1.55 -7.96 0.49
C ALA B 54 2.57 -8.77 1.29
N SER B 55 2.86 -8.32 2.51
CA SER B 55 3.81 -9.01 3.37
C SER B 55 3.18 -9.27 4.73
N PRO B 56 3.86 -9.98 5.60
CA PRO B 56 3.33 -10.30 6.95
C PRO B 56 3.44 -9.12 7.90
N LYS B 57 4.12 -8.08 7.46
CA LYS B 57 4.33 -6.89 8.26
C LYS B 57 3.98 -5.64 7.48
N SER B 58 3.98 -5.76 6.17
CA SER B 58 3.69 -4.62 5.32
C SER B 58 3.10 -5.03 4.00
N PHE B 59 2.56 -4.06 3.30
CA PHE B 59 1.96 -4.31 2.01
C PHE B 59 2.37 -3.21 1.06
N THR B 60 2.35 -3.49 -0.22
CA THR B 60 2.86 -2.51 -1.18
C THR B 60 2.13 -2.56 -2.51
N LEU B 61 2.16 -1.42 -3.18
CA LEU B 61 1.53 -1.27 -4.47
C LEU B 61 2.50 -0.76 -5.51
N ASP B 62 2.45 -1.28 -6.73
CA ASP B 62 3.30 -0.77 -7.77
C ASP B 62 2.48 -0.17 -8.89
N PHE B 63 2.31 1.13 -8.81
CA PHE B 63 1.61 1.85 -9.88
C PHE B 63 2.29 3.15 -10.22
N GLY B 64 3.15 3.12 -11.23
CA GLY B 64 3.84 4.33 -11.66
C GLY B 64 5.33 4.06 -11.82
N ASP B 65 5.67 2.79 -11.78
CA ASP B 65 7.06 2.38 -11.90
C ASP B 65 7.80 3.19 -12.96
N TYR B 66 7.06 3.87 -13.82
CA TYR B 66 7.70 4.67 -14.83
C TYR B 66 8.66 5.62 -14.15
N GLN B 67 8.22 6.10 -13.00
CA GLN B 67 9.01 6.97 -12.17
C GLN B 67 9.06 6.33 -10.79
N ASP B 68 8.14 6.73 -9.95
CA ASP B 68 8.00 6.12 -8.65
C ASP B 68 6.56 5.72 -8.46
N GLY B 69 6.28 4.46 -8.75
CA GLY B 69 4.92 3.95 -8.63
C GLY B 69 4.70 3.16 -7.36
N TYR B 70 5.77 3.01 -6.60
CA TYR B 70 5.69 2.18 -5.40
C TYR B 70 5.16 2.91 -4.19
N TYR B 71 3.92 2.57 -3.84
CA TYR B 71 3.31 3.13 -2.64
C TYR B 71 3.08 2.00 -1.64
N SER B 72 3.68 2.13 -0.47
CA SER B 72 3.58 1.08 0.53
C SER B 72 3.40 1.62 1.92
N VAL B 73 2.98 0.72 2.80
CA VAL B 73 2.77 1.07 4.18
C VAL B 73 3.00 -0.16 5.06
N GLN B 74 2.94 0.02 6.38
CA GLN B 74 3.14 -1.11 7.29
C GLN B 74 1.82 -1.64 7.80
N THR B 75 1.65 -2.91 7.58
CA THR B 75 0.46 -3.62 8.02
C THR B 75 0.75 -5.09 8.18
N THR B 76 0.25 -5.70 9.24
CA THR B 76 0.49 -7.11 9.43
C THR B 76 -0.52 -7.95 8.68
N GLU B 77 -1.45 -7.26 8.01
CA GLU B 77 -2.42 -7.96 7.17
C GLU B 77 -2.34 -7.39 5.76
N GLY B 78 -1.40 -7.92 5.01
CA GLY B 78 -1.22 -7.51 3.63
C GLY B 78 -2.14 -8.30 2.72
N GLU B 79 -1.94 -9.62 2.76
CA GLU B 79 -2.72 -10.55 1.95
C GLU B 79 -4.19 -10.21 2.00
N GLN B 80 -4.57 -9.51 3.03
CA GLN B 80 -5.96 -9.12 3.17
C GLN B 80 -6.23 -7.91 2.30
N ILE B 81 -5.26 -7.03 2.28
CA ILE B 81 -5.34 -5.83 1.47
C ILE B 81 -5.07 -6.18 0.01
N ALA B 82 -4.08 -7.03 -0.16
CA ALA B 82 -3.62 -7.45 -1.49
C ALA B 82 -4.57 -8.42 -2.17
N GLN B 83 -5.09 -9.40 -1.44
CA GLN B 83 -5.97 -10.40 -2.07
C GLN B 83 -7.22 -9.75 -2.61
N LEU B 84 -7.65 -8.76 -1.88
CA LEU B 84 -8.84 -8.03 -2.23
C LEU B 84 -8.54 -7.13 -3.41
N ILE B 85 -7.49 -6.33 -3.27
CA ILE B 85 -7.05 -5.49 -4.33
C ILE B 85 -6.96 -6.38 -5.54
N ALA B 86 -6.18 -7.43 -5.34
CA ALA B 86 -5.99 -8.45 -6.35
C ALA B 86 -7.32 -8.96 -6.87
N GLY B 87 -8.30 -9.00 -5.98
CA GLY B 87 -9.61 -9.51 -6.35
C GLY B 87 -10.45 -8.42 -6.97
N TYR B 88 -10.03 -7.20 -6.75
CA TYR B 88 -10.73 -6.05 -7.27
C TYR B 88 -10.21 -5.76 -8.67
N ILE B 89 -8.92 -5.94 -8.88
CA ILE B 89 -8.37 -5.76 -10.22
C ILE B 89 -8.90 -6.83 -11.12
N ASP B 90 -9.46 -7.82 -10.49
CA ASP B 90 -10.01 -8.97 -11.19
C ASP B 90 -11.35 -8.60 -11.79
N ILE B 91 -11.93 -7.60 -11.19
CA ILE B 91 -13.23 -7.12 -11.57
C ILE B 91 -13.15 -6.01 -12.58
N ILE B 92 -12.52 -4.94 -12.15
CA ILE B 92 -12.38 -3.74 -12.94
C ILE B 92 -11.53 -3.95 -14.19
N LEU B 93 -10.73 -5.01 -14.20
CA LEU B 93 -9.87 -5.25 -15.37
C LEU B 93 -10.69 -5.15 -16.66
N ASP A 1 7.73 -18.32 -13.91
CA ASP A 1 7.38 -18.42 -12.46
C ASP A 1 7.79 -17.13 -11.76
N ILE A 2 6.98 -16.71 -10.79
CA ILE A 2 7.25 -15.50 -10.04
C ILE A 2 7.98 -15.82 -8.75
N ASP A 3 8.76 -14.86 -8.27
CA ASP A 3 9.51 -15.04 -7.03
C ASP A 3 10.16 -13.73 -6.59
N GLN A 4 10.64 -12.95 -7.56
CA GLN A 4 11.28 -11.68 -7.25
C GLN A 4 10.26 -10.65 -6.79
N MET A 5 9.24 -10.44 -7.63
CA MET A 5 8.18 -9.48 -7.35
C MET A 5 8.09 -9.14 -5.87
N PHE A 6 7.65 -10.10 -5.08
CA PHE A 6 7.53 -9.89 -3.66
C PHE A 6 8.77 -9.15 -3.14
N SER A 7 9.93 -9.77 -3.32
CA SER A 7 11.18 -9.17 -2.88
C SER A 7 11.41 -7.82 -3.56
N THR A 8 11.04 -7.74 -4.83
CA THR A 8 11.23 -6.51 -5.59
C THR A 8 10.53 -5.33 -4.88
N LEU A 9 9.30 -5.54 -4.45
CA LEU A 9 8.57 -4.49 -3.76
C LEU A 9 9.09 -4.35 -2.33
N LEU A 10 9.39 -5.48 -1.71
CA LEU A 10 9.93 -5.45 -0.36
C LEU A 10 11.24 -4.66 -0.35
N GLY A 11 12.07 -4.84 -1.37
CA GLY A 11 13.31 -4.09 -1.46
C GLY A 11 12.99 -2.60 -1.57
N GLU A 12 11.97 -2.29 -2.35
CA GLU A 12 11.54 -0.91 -2.52
C GLU A 12 10.99 -0.38 -1.20
N MET A 13 10.29 -1.23 -0.47
CA MET A 13 9.74 -0.82 0.81
C MET A 13 10.86 -0.34 1.72
N ASP A 14 12.03 -0.96 1.60
CA ASP A 14 13.15 -0.55 2.44
C ASP A 14 13.34 0.97 2.38
N LEU A 15 12.98 1.56 1.25
CA LEU A 15 13.14 3.01 1.07
C LEU A 15 12.06 3.78 1.84
N LEU A 16 11.06 3.06 2.36
CA LEU A 16 9.99 3.70 3.12
C LEU A 16 10.34 3.73 4.60
N THR A 17 11.39 3.01 4.98
CA THR A 17 11.79 2.94 6.38
C THR A 17 13.15 3.56 6.56
N GLN A 18 13.86 3.73 5.45
CA GLN A 18 15.19 4.31 5.50
C GLN A 18 15.21 5.58 6.33
N SER A 19 14.67 6.67 5.77
CA SER A 19 14.67 7.93 6.47
C SER A 19 13.96 9.01 5.67
N LEU A 20 14.27 9.08 4.38
CA LEU A 20 13.66 10.07 3.50
C LEU A 20 12.15 9.87 3.42
N GLY A 21 11.69 9.21 2.36
CA GLY A 21 10.26 8.96 2.20
C GLY A 21 9.45 10.23 2.45
N VAL A 22 9.20 10.99 1.40
CA VAL A 22 8.43 12.22 1.52
C VAL A 22 6.94 11.91 1.62
N ASP A 23 6.21 12.20 0.54
CA ASP A 23 4.77 11.95 0.51
C ASP A 23 4.08 12.65 1.68
N THR A 24 3.56 13.84 1.44
CA THR A 24 2.88 14.59 2.48
C THR A 24 3.89 15.26 3.41
N TYR B 1 -17.44 -6.10 -0.90
CA TYR B 1 -18.70 -5.42 -0.47
C TYR B 1 -18.73 -4.01 -1.03
N GLY B 2 -17.63 -3.60 -1.66
CA GLY B 2 -17.54 -2.27 -2.24
C GLY B 2 -16.20 -1.63 -1.93
N VAL B 3 -16.02 -1.21 -0.68
CA VAL B 3 -14.79 -0.58 -0.26
C VAL B 3 -14.25 -1.23 1.02
N SER B 4 -12.95 -1.53 1.03
CA SER B 4 -12.32 -2.15 2.18
C SER B 4 -11.42 -1.15 2.89
N PHE B 5 -11.20 -1.34 4.19
CA PHE B 5 -10.39 -0.41 4.97
C PHE B 5 -9.30 -1.15 5.76
N PHE B 6 -8.05 -0.63 5.75
CA PHE B 6 -6.98 -1.27 6.49
C PHE B 6 -6.10 -0.24 7.16
N LEU B 7 -5.90 -0.41 8.45
CA LEU B 7 -5.04 0.48 9.19
C LEU B 7 -3.60 0.11 8.96
N VAL B 8 -2.98 0.96 8.20
CA VAL B 8 -1.61 0.77 7.80
C VAL B 8 -0.76 1.93 8.30
N LYS B 9 0.55 1.75 8.40
CA LYS B 9 1.43 2.82 8.85
C LYS B 9 2.10 3.45 7.65
N GLU B 10 2.31 4.75 7.73
CA GLU B 10 2.91 5.48 6.64
C GLU B 10 4.04 6.39 7.10
N LYS B 11 4.97 6.60 6.20
CA LYS B 11 6.12 7.45 6.47
C LYS B 11 5.77 8.92 6.32
N MET B 12 5.57 9.57 7.45
CA MET B 12 5.23 11.00 7.46
C MET B 12 6.46 11.84 7.72
N LYS B 13 6.27 13.15 7.71
CA LYS B 13 7.34 14.08 7.96
C LYS B 13 7.28 14.57 9.39
N GLY B 14 8.40 15.04 9.88
CA GLY B 14 8.50 15.55 11.23
C GLY B 14 9.33 14.61 12.08
N LYS B 15 9.39 13.36 11.64
CA LYS B 15 10.14 12.34 12.36
C LYS B 15 10.96 11.49 11.39
N ASN B 16 10.98 10.19 11.64
CA ASN B 16 11.71 9.27 10.78
C ASN B 16 11.00 7.93 10.67
N LYS B 17 10.06 7.68 11.59
CA LYS B 17 9.32 6.43 11.60
C LYS B 17 8.01 6.56 10.84
N LEU B 18 7.22 5.51 10.88
CA LEU B 18 5.93 5.51 10.20
C LEU B 18 4.85 5.97 11.14
N VAL B 19 3.73 6.36 10.56
CA VAL B 19 2.63 6.85 11.34
C VAL B 19 1.38 6.00 11.07
N PRO B 20 0.73 5.47 12.09
CA PRO B 20 -0.49 4.67 11.86
C PRO B 20 -1.35 5.40 10.86
N ARG B 21 -2.02 4.68 10.00
CA ARG B 21 -2.79 5.33 8.98
C ARG B 21 -3.97 4.45 8.64
N LEU B 22 -4.69 4.84 7.63
CA LEU B 22 -5.86 4.11 7.26
C LEU B 22 -5.98 4.09 5.76
N LEU B 23 -6.01 2.88 5.20
CA LEU B 23 -6.09 2.70 3.77
C LEU B 23 -7.52 2.37 3.41
N GLY B 24 -7.87 2.62 2.15
CA GLY B 24 -9.18 2.28 1.70
C GLY B 24 -9.13 1.75 0.29
N ILE B 25 -9.35 0.46 0.16
CA ILE B 25 -9.39 -0.15 -1.15
C ILE B 25 -10.80 -0.05 -1.68
N THR B 26 -10.93 0.58 -2.81
CA THR B 26 -12.19 0.76 -3.46
C THR B 26 -12.17 0.03 -4.76
N LYS B 27 -13.26 -0.64 -5.08
CA LYS B 27 -13.33 -1.39 -6.33
C LYS B 27 -13.10 -0.49 -7.54
N GLU B 28 -12.57 0.69 -7.29
CA GLU B 28 -12.26 1.65 -8.34
C GLU B 28 -11.00 2.43 -7.99
N CYS B 29 -10.44 2.20 -6.81
CA CYS B 29 -9.28 2.97 -6.39
C CYS B 29 -8.70 2.49 -5.08
N VAL B 30 -7.64 3.16 -4.71
CA VAL B 30 -6.91 2.88 -3.50
C VAL B 30 -6.65 4.21 -2.85
N MET B 31 -6.66 4.28 -1.53
CA MET B 31 -6.49 5.61 -0.94
C MET B 31 -5.89 5.61 0.44
N ARG B 32 -5.20 6.71 0.75
CA ARG B 32 -4.62 6.88 2.07
C ARG B 32 -5.56 7.70 2.91
N VAL B 33 -6.19 7.03 3.85
CA VAL B 33 -7.16 7.66 4.72
C VAL B 33 -6.54 8.05 6.06
N ASP B 34 -7.06 9.11 6.64
CA ASP B 34 -6.54 9.61 7.90
C ASP B 34 -7.22 8.92 9.07
N GLU B 35 -6.61 7.84 9.53
CA GLU B 35 -7.13 7.07 10.66
C GLU B 35 -7.75 8.00 11.69
N LYS B 36 -7.25 9.22 11.73
CA LYS B 36 -7.72 10.23 12.66
C LYS B 36 -9.08 10.78 12.25
N THR B 37 -9.25 11.03 10.96
CA THR B 37 -10.49 11.61 10.47
C THR B 37 -11.28 10.63 9.59
N LYS B 38 -10.63 9.58 9.12
CA LYS B 38 -11.29 8.59 8.28
C LYS B 38 -11.53 9.16 6.90
N GLU B 39 -11.07 10.40 6.68
CA GLU B 39 -11.21 11.03 5.40
C GLU B 39 -10.04 10.64 4.51
N VAL B 40 -10.23 10.77 3.21
CA VAL B 40 -9.18 10.40 2.27
C VAL B 40 -8.24 11.53 1.98
N ILE B 41 -6.96 11.22 2.03
CA ILE B 41 -5.93 12.19 1.74
C ILE B 41 -5.40 11.91 0.35
N GLN B 42 -5.42 10.64 -0.03
CA GLN B 42 -4.90 10.24 -1.33
C GLN B 42 -5.81 9.24 -2.01
N GLU B 43 -5.70 9.19 -3.32
CA GLU B 43 -6.47 8.24 -4.11
C GLU B 43 -5.67 7.73 -5.29
N TRP B 44 -5.97 6.51 -5.67
CA TRP B 44 -5.30 5.92 -6.82
C TRP B 44 -6.11 4.75 -7.37
N SER B 45 -6.43 4.82 -8.66
CA SER B 45 -7.23 3.79 -9.30
C SER B 45 -6.72 2.41 -8.95
N LEU B 46 -7.66 1.51 -8.73
CA LEU B 46 -7.33 0.15 -8.44
C LEU B 46 -7.11 -0.53 -9.79
N THR B 47 -7.91 -0.10 -10.76
CA THR B 47 -7.78 -0.61 -12.11
C THR B 47 -6.55 -0.03 -12.77
N ASN B 48 -5.72 0.64 -11.97
CA ASN B 48 -4.49 1.23 -12.50
C ASN B 48 -3.30 0.50 -11.94
N ILE B 49 -3.53 -0.39 -10.98
CA ILE B 49 -2.45 -1.12 -10.37
C ILE B 49 -1.61 -1.86 -11.41
N LYS B 50 -0.30 -1.99 -11.14
CA LYS B 50 0.59 -2.70 -12.06
C LYS B 50 0.99 -4.03 -11.43
N ARG B 51 1.33 -3.97 -10.15
CA ARG B 51 1.69 -5.14 -9.38
C ARG B 51 1.88 -4.71 -7.93
N TRP B 52 1.34 -5.48 -7.03
CA TRP B 52 1.41 -5.15 -5.62
C TRP B 52 2.16 -6.23 -4.86
N ALA B 53 2.36 -6.04 -3.56
CA ALA B 53 3.11 -7.04 -2.81
C ALA B 53 2.81 -6.96 -1.32
N ALA B 54 1.95 -7.84 -0.89
CA ALA B 54 1.57 -7.92 0.50
C ALA B 54 2.61 -8.69 1.29
N SER B 55 2.79 -8.31 2.56
CA SER B 55 3.75 -8.98 3.41
C SER B 55 3.12 -9.23 4.79
N PRO B 56 3.79 -9.94 5.66
CA PRO B 56 3.26 -10.24 7.01
C PRO B 56 3.37 -9.06 7.96
N LYS B 57 4.07 -8.03 7.50
CA LYS B 57 4.28 -6.82 8.30
C LYS B 57 3.95 -5.58 7.50
N SER B 58 3.95 -5.71 6.19
CA SER B 58 3.67 -4.58 5.32
C SER B 58 3.08 -5.01 4.01
N PHE B 59 2.56 -4.03 3.30
CA PHE B 59 1.97 -4.29 2.01
C PHE B 59 2.37 -3.19 1.06
N THR B 60 2.33 -3.46 -0.23
CA THR B 60 2.83 -2.49 -1.18
C THR B 60 2.11 -2.53 -2.51
N LEU B 61 2.14 -1.39 -3.19
CA LEU B 61 1.50 -1.26 -4.49
C LEU B 61 2.47 -0.75 -5.52
N ASP B 62 2.41 -1.28 -6.74
CA ASP B 62 3.27 -0.77 -7.79
C ASP B 62 2.45 -0.17 -8.91
N PHE B 63 2.28 1.12 -8.84
CA PHE B 63 1.58 1.84 -9.91
C PHE B 63 2.26 3.15 -10.25
N GLY B 64 3.11 3.11 -11.27
CA GLY B 64 3.79 4.31 -11.71
C GLY B 64 5.27 4.05 -11.87
N ASP B 65 5.62 2.79 -11.84
CA ASP B 65 7.01 2.37 -11.96
C ASP B 65 7.76 3.16 -13.02
N TYR B 66 7.02 3.83 -13.88
CA TYR B 66 7.64 4.64 -14.90
C TYR B 66 8.60 5.59 -14.23
N GLN B 67 8.16 6.06 -13.08
CA GLN B 67 8.95 6.94 -12.25
C GLN B 67 9.02 6.31 -10.87
N ASP B 68 8.08 6.71 -10.03
CA ASP B 68 7.97 6.12 -8.71
C ASP B 68 6.52 5.73 -8.52
N GLY B 69 6.25 4.47 -8.80
CA GLY B 69 4.90 3.96 -8.69
C GLY B 69 4.68 3.17 -7.41
N TYR B 70 5.74 3.00 -6.65
CA TYR B 70 5.67 2.20 -5.45
C TYR B 70 5.15 2.92 -4.23
N TYR B 71 3.91 2.59 -3.87
CA TYR B 71 3.30 3.15 -2.66
C TYR B 71 3.08 2.03 -1.67
N SER B 72 3.70 2.16 -0.51
CA SER B 72 3.61 1.12 0.50
C SER B 72 3.42 1.66 1.89
N VAL B 73 3.00 0.77 2.77
CA VAL B 73 2.79 1.12 4.15
C VAL B 73 3.02 -0.10 5.04
N GLN B 74 2.95 0.08 6.36
CA GLN B 74 3.16 -1.05 7.27
C GLN B 74 1.83 -1.55 7.79
N THR B 75 1.64 -2.83 7.59
CA THR B 75 0.43 -3.51 8.03
C THR B 75 0.72 -4.99 8.24
N THR B 76 0.23 -5.55 9.32
CA THR B 76 0.47 -6.96 9.55
C THR B 76 -0.59 -7.82 8.89
N GLU B 77 -1.29 -7.21 7.95
CA GLU B 77 -2.27 -7.93 7.15
C GLU B 77 -2.25 -7.37 5.73
N GLY B 78 -1.32 -7.87 4.94
CA GLY B 78 -1.20 -7.47 3.56
C GLY B 78 -2.11 -8.32 2.69
N GLU B 79 -1.89 -9.62 2.76
CA GLU B 79 -2.66 -10.58 1.98
C GLU B 79 -4.14 -10.27 2.04
N GLN B 80 -4.52 -9.52 3.04
CA GLN B 80 -5.92 -9.16 3.19
C GLN B 80 -6.20 -7.95 2.32
N ILE B 81 -5.23 -7.06 2.29
CA ILE B 81 -5.31 -5.87 1.47
C ILE B 81 -5.05 -6.22 0.01
N ALA B 82 -4.05 -7.07 -0.16
CA ALA B 82 -3.60 -7.50 -1.48
C ALA B 82 -4.55 -8.47 -2.17
N GLN B 83 -5.07 -9.44 -1.43
CA GLN B 83 -5.95 -10.43 -2.06
C GLN B 83 -7.21 -9.79 -2.59
N LEU B 84 -7.63 -8.79 -1.87
CA LEU B 84 -8.83 -8.06 -2.20
C LEU B 84 -8.52 -7.16 -3.39
N ILE B 85 -7.48 -6.36 -3.26
CA ILE B 85 -7.04 -5.52 -4.32
C ILE B 85 -6.96 -6.41 -5.53
N ALA B 86 -6.18 -7.47 -5.33
CA ALA B 86 -5.99 -8.49 -6.34
C ALA B 86 -7.31 -9.00 -6.86
N GLY B 87 -8.29 -9.05 -5.96
CA GLY B 87 -9.61 -9.55 -6.33
C GLY B 87 -10.44 -8.47 -6.95
N TYR B 88 -10.04 -7.25 -6.72
CA TYR B 88 -10.73 -6.11 -7.25
C TYR B 88 -10.22 -5.81 -8.65
N ILE B 89 -8.92 -6.00 -8.86
CA ILE B 89 -8.38 -5.81 -10.21
C ILE B 89 -8.91 -6.89 -11.11
N ASP B 90 -9.48 -7.88 -10.47
CA ASP B 90 -10.03 -9.02 -11.17
C ASP B 90 -11.37 -8.67 -11.75
N ILE B 91 -11.95 -7.66 -11.15
CA ILE B 91 -13.26 -7.18 -11.52
C ILE B 91 -13.18 -6.08 -12.54
N ILE B 92 -12.54 -5.01 -12.12
CA ILE B 92 -12.41 -3.80 -12.91
C ILE B 92 -11.58 -4.02 -14.16
N LEU B 93 -10.76 -5.08 -14.18
CA LEU B 93 -9.92 -5.31 -15.35
C LEU B 93 -10.75 -5.21 -16.64
N ASP A 1 5.02 -11.77 -14.70
CA ASP A 1 6.24 -12.21 -13.97
C ASP A 1 5.90 -12.42 -12.51
N ILE A 2 6.74 -13.15 -11.79
CA ILE A 2 6.52 -13.40 -10.37
C ILE A 2 7.83 -13.71 -9.66
N ASP A 3 7.73 -14.23 -8.44
CA ASP A 3 8.90 -14.58 -7.65
C ASP A 3 9.67 -13.34 -7.21
N GLN A 4 10.02 -12.50 -8.17
CA GLN A 4 10.75 -11.28 -7.87
C GLN A 4 9.84 -10.25 -7.23
N MET A 5 8.75 -9.92 -7.94
CA MET A 5 7.77 -8.94 -7.49
C MET A 5 7.84 -8.73 -5.98
N PHE A 6 7.40 -9.74 -5.25
CA PHE A 6 7.42 -9.66 -3.81
C PHE A 6 8.69 -8.97 -3.33
N SER A 7 9.83 -9.52 -3.72
CA SER A 7 11.11 -8.95 -3.34
C SER A 7 11.32 -7.60 -4.01
N THR A 8 10.86 -7.49 -5.26
CA THR A 8 11.00 -6.25 -6.03
C THR A 8 10.29 -5.09 -5.34
N LEU A 9 9.29 -5.41 -4.52
CA LEU A 9 8.55 -4.36 -3.79
C LEU A 9 9.11 -4.26 -2.37
N LEU A 10 9.43 -5.39 -1.78
CA LEU A 10 9.99 -5.40 -0.44
C LEU A 10 11.28 -4.60 -0.42
N GLY A 11 12.09 -4.76 -1.46
CA GLY A 11 13.34 -4.02 -1.55
C GLY A 11 13.03 -2.53 -1.61
N GLU A 12 11.96 -2.19 -2.32
CA GLU A 12 11.54 -0.81 -2.45
C GLU A 12 11.00 -0.31 -1.11
N MET A 13 10.29 -1.17 -0.40
CA MET A 13 9.76 -0.80 0.90
C MET A 13 10.89 -0.37 1.83
N ASP A 14 12.06 -0.96 1.66
CA ASP A 14 13.21 -0.61 2.48
C ASP A 14 13.43 0.90 2.47
N LEU A 15 13.02 1.55 1.39
CA LEU A 15 13.19 3.01 1.26
C LEU A 15 12.15 3.75 2.09
N LEU A 16 11.13 3.05 2.59
CA LEU A 16 10.09 3.69 3.39
C LEU A 16 10.53 3.74 4.85
N THR A 17 11.63 3.05 5.17
CA THR A 17 12.12 3.02 6.54
C THR A 17 13.53 3.59 6.62
N GLN A 18 14.34 3.20 5.66
CA GLN A 18 15.71 3.65 5.60
C GLN A 18 16.37 3.50 6.95
N SER A 19 17.62 3.92 7.03
CA SER A 19 18.37 3.87 8.28
C SER A 19 18.04 2.61 9.06
N LEU A 20 17.03 2.70 9.92
CA LEU A 20 16.61 1.57 10.73
C LEU A 20 16.58 0.30 9.90
N GLY A 21 16.22 0.43 8.62
CA GLY A 21 16.14 -0.71 7.72
C GLY A 21 15.55 -1.92 8.42
N VAL A 22 14.24 -1.86 8.68
CA VAL A 22 13.56 -2.97 9.35
C VAL A 22 13.48 -4.18 8.43
N ASP A 23 13.97 -4.03 7.20
CA ASP A 23 13.95 -5.12 6.24
C ASP A 23 15.29 -5.22 5.52
N THR A 24 16.33 -4.68 6.14
CA THR A 24 17.66 -4.70 5.55
C THR A 24 18.73 -4.85 6.63
N TYR B 1 -17.42 -6.05 -0.28
CA TYR B 1 -18.03 -4.96 0.53
C TYR B 1 -17.85 -3.63 -0.21
N GLY B 2 -17.68 -3.71 -1.52
CA GLY B 2 -17.50 -2.49 -2.33
C GLY B 2 -16.18 -1.83 -2.01
N VAL B 3 -16.04 -1.33 -0.79
CA VAL B 3 -14.82 -0.66 -0.36
C VAL B 3 -14.28 -1.28 0.92
N SER B 4 -12.97 -1.55 0.94
CA SER B 4 -12.34 -2.14 2.10
C SER B 4 -11.43 -1.11 2.78
N PHE B 5 -11.22 -1.28 4.08
CA PHE B 5 -10.41 -0.34 4.85
C PHE B 5 -9.34 -1.05 5.67
N PHE B 6 -8.09 -0.55 5.68
CA PHE B 6 -7.05 -1.19 6.47
C PHE B 6 -6.18 -0.15 7.14
N LEU B 7 -5.99 -0.31 8.44
CA LEU B 7 -5.16 0.59 9.19
C LEU B 7 -3.71 0.19 9.02
N VAL B 8 -3.06 0.97 8.22
CA VAL B 8 -1.68 0.74 7.86
C VAL B 8 -0.80 1.88 8.38
N LYS B 9 0.51 1.66 8.50
CA LYS B 9 1.39 2.72 8.97
C LYS B 9 2.15 3.31 7.80
N GLU B 10 2.39 4.60 7.86
CA GLU B 10 3.07 5.31 6.79
C GLU B 10 4.17 6.22 7.29
N LYS B 11 5.14 6.41 6.43
CA LYS B 11 6.28 7.26 6.73
C LYS B 11 5.93 8.73 6.53
N MET B 12 5.70 9.42 7.63
CA MET B 12 5.37 10.85 7.57
C MET B 12 6.59 11.70 7.87
N LYS B 13 6.39 13.00 7.81
CA LYS B 13 7.45 13.94 8.09
C LYS B 13 7.31 14.48 9.51
N GLY B 14 8.45 14.82 10.09
CA GLY B 14 8.49 15.33 11.46
C GLY B 14 9.30 14.39 12.34
N LYS B 15 9.38 13.14 11.92
CA LYS B 15 10.11 12.14 12.67
C LYS B 15 10.90 11.25 11.74
N ASN B 16 10.97 9.96 12.08
CA ASN B 16 11.71 9.01 11.26
C ASN B 16 10.94 7.69 11.15
N LYS B 17 10.01 7.46 12.09
CA LYS B 17 9.24 6.23 12.08
C LYS B 17 7.98 6.40 11.26
N LEU B 18 7.14 5.36 11.24
CA LEU B 18 5.91 5.40 10.50
C LEU B 18 4.79 5.92 11.37
N VAL B 19 3.70 6.28 10.73
CA VAL B 19 2.56 6.82 11.44
C VAL B 19 1.33 5.99 11.13
N PRO B 20 0.62 5.50 12.13
CA PRO B 20 -0.61 4.71 11.86
C PRO B 20 -1.40 5.44 10.79
N ARG B 21 -2.07 4.71 9.93
CA ARG B 21 -2.79 5.35 8.87
C ARG B 21 -3.98 4.50 8.51
N LEU B 22 -4.67 4.88 7.47
CA LEU B 22 -5.85 4.16 7.10
C LEU B 22 -5.95 4.12 5.59
N LEU B 23 -6.01 2.91 5.05
CA LEU B 23 -6.09 2.72 3.63
C LEU B 23 -7.51 2.40 3.25
N GLY B 24 -7.85 2.64 2.00
CA GLY B 24 -9.17 2.32 1.54
C GLY B 24 -9.13 1.76 0.14
N ILE B 25 -9.35 0.46 0.03
CA ILE B 25 -9.40 -0.17 -1.26
C ILE B 25 -10.82 -0.09 -1.78
N THR B 26 -10.94 0.49 -2.95
CA THR B 26 -12.21 0.65 -3.57
C THR B 26 -12.20 -0.12 -4.87
N LYS B 27 -13.29 -0.81 -5.16
CA LYS B 27 -13.37 -1.59 -6.38
C LYS B 27 -13.14 -0.73 -7.62
N GLU B 28 -12.65 0.47 -7.40
CA GLU B 28 -12.35 1.40 -8.47
C GLU B 28 -11.10 2.22 -8.14
N CYS B 29 -10.54 2.01 -6.95
CA CYS B 29 -9.37 2.80 -6.55
C CYS B 29 -8.76 2.33 -5.24
N VAL B 30 -7.73 3.06 -4.88
CA VAL B 30 -6.98 2.80 -3.67
C VAL B 30 -6.69 4.13 -3.03
N MET B 31 -6.68 4.23 -1.72
CA MET B 31 -6.45 5.55 -1.15
C MET B 31 -5.82 5.53 0.22
N ARG B 32 -5.08 6.60 0.51
CA ARG B 32 -4.47 6.78 1.81
C ARG B 32 -5.37 7.66 2.65
N VAL B 33 -6.02 7.03 3.62
CA VAL B 33 -6.95 7.73 4.49
C VAL B 33 -6.31 8.07 5.82
N ASP B 34 -6.76 9.18 6.40
CA ASP B 34 -6.21 9.65 7.66
C ASP B 34 -6.95 9.04 8.84
N GLU B 35 -6.46 7.91 9.30
CA GLU B 35 -7.05 7.20 10.43
C GLU B 35 -7.58 8.18 11.46
N LYS B 36 -6.96 9.33 11.49
CA LYS B 36 -7.33 10.38 12.42
C LYS B 36 -8.70 10.97 12.07
N THR B 37 -8.91 11.23 10.79
CA THR B 37 -10.15 11.83 10.33
C THR B 37 -10.96 10.90 9.43
N LYS B 38 -10.32 9.85 8.91
CA LYS B 38 -11.00 8.93 8.03
C LYS B 38 -11.14 9.54 6.64
N GLU B 39 -10.66 10.78 6.48
CA GLU B 39 -10.73 11.43 5.19
C GLU B 39 -9.60 10.92 4.31
N VAL B 40 -9.78 11.08 3.02
CA VAL B 40 -8.79 10.60 2.07
C VAL B 40 -7.74 11.65 1.77
N ILE B 41 -6.49 11.20 1.80
CA ILE B 41 -5.37 12.07 1.49
C ILE B 41 -4.91 11.78 0.08
N GLN B 42 -5.11 10.53 -0.34
CA GLN B 42 -4.69 10.13 -1.66
C GLN B 42 -5.67 9.15 -2.29
N GLU B 43 -5.62 9.09 -3.61
CA GLU B 43 -6.45 8.16 -4.36
C GLU B 43 -5.75 7.67 -5.60
N TRP B 44 -6.07 6.45 -5.97
CA TRP B 44 -5.51 5.87 -7.19
C TRP B 44 -6.34 4.70 -7.66
N SER B 45 -6.57 4.65 -8.97
CA SER B 45 -7.37 3.60 -9.55
C SER B 45 -6.83 2.23 -9.19
N LEU B 46 -7.75 1.34 -8.88
CA LEU B 46 -7.39 -0.02 -8.56
C LEU B 46 -7.13 -0.72 -9.89
N THR B 47 -7.91 -0.33 -10.89
CA THR B 47 -7.74 -0.87 -12.23
C THR B 47 -6.52 -0.25 -12.89
N ASN B 48 -5.72 0.45 -12.09
CA ASN B 48 -4.50 1.07 -12.59
C ASN B 48 -3.29 0.44 -11.95
N ILE B 49 -3.52 -0.47 -11.01
CA ILE B 49 -2.41 -1.11 -10.34
C ILE B 49 -1.51 -1.83 -11.34
N LYS B 50 -0.21 -1.91 -11.03
CA LYS B 50 0.74 -2.57 -11.92
C LYS B 50 1.15 -3.90 -11.29
N ARG B 51 1.44 -3.84 -9.99
CA ARG B 51 1.79 -5.01 -9.22
C ARG B 51 1.94 -4.61 -7.75
N TRP B 52 1.40 -5.41 -6.87
CA TRP B 52 1.45 -5.12 -5.45
C TRP B 52 2.19 -6.20 -4.71
N ALA B 53 2.41 -6.02 -3.41
CA ALA B 53 3.16 -7.00 -2.66
C ALA B 53 2.84 -6.95 -1.18
N ALA B 54 1.96 -7.84 -0.77
CA ALA B 54 1.56 -7.93 0.62
C ALA B 54 2.59 -8.73 1.42
N SER B 55 2.84 -8.30 2.65
CA SER B 55 3.79 -8.98 3.51
C SER B 55 3.15 -9.26 4.87
N PRO B 56 3.83 -9.96 5.75
CA PRO B 56 3.27 -10.30 7.09
C PRO B 56 3.36 -9.11 8.05
N LYS B 57 4.05 -8.08 7.62
CA LYS B 57 4.23 -6.88 8.43
C LYS B 57 3.90 -5.63 7.64
N SER B 58 3.95 -5.75 6.33
CA SER B 58 3.67 -4.61 5.48
C SER B 58 3.08 -5.02 4.16
N PHE B 59 2.61 -4.04 3.43
CA PHE B 59 2.01 -4.29 2.14
C PHE B 59 2.41 -3.19 1.19
N THR B 60 2.38 -3.46 -0.10
CA THR B 60 2.85 -2.48 -1.04
C THR B 60 2.10 -2.53 -2.37
N LEU B 61 2.13 -1.41 -3.05
CA LEU B 61 1.46 -1.26 -4.32
C LEU B 61 2.39 -0.69 -5.38
N ASP B 62 2.28 -1.16 -6.63
CA ASP B 62 3.09 -0.58 -7.69
C ASP B 62 2.22 0.02 -8.77
N PHE B 63 2.01 1.31 -8.65
CA PHE B 63 1.23 2.05 -9.66
C PHE B 63 1.90 3.36 -10.02
N GLY B 64 2.71 3.34 -11.06
CA GLY B 64 3.40 4.56 -11.50
C GLY B 64 4.87 4.30 -11.75
N ASP B 65 5.21 3.03 -11.77
CA ASP B 65 6.59 2.62 -11.99
C ASP B 65 7.27 3.44 -13.08
N TYR B 66 6.49 4.14 -13.87
CA TYR B 66 7.07 4.97 -14.91
C TYR B 66 8.07 5.90 -14.28
N GLN B 67 7.71 6.33 -13.09
CA GLN B 67 8.56 7.17 -12.28
C GLN B 67 8.70 6.48 -10.94
N ASP B 68 7.83 6.87 -10.01
CA ASP B 68 7.78 6.23 -8.72
C ASP B 68 6.33 5.85 -8.46
N GLY B 69 6.01 4.61 -8.75
CA GLY B 69 4.65 4.13 -8.56
C GLY B 69 4.51 3.31 -7.29
N TYR B 70 5.60 3.13 -6.60
CA TYR B 70 5.60 2.29 -5.42
C TYR B 70 5.19 3.00 -4.15
N TYR B 71 3.98 2.71 -3.71
CA TYR B 71 3.48 3.27 -2.45
C TYR B 71 3.23 2.13 -1.48
N SER B 72 3.82 2.21 -0.30
CA SER B 72 3.68 1.14 0.67
C SER B 72 3.49 1.66 2.08
N VAL B 73 3.03 0.77 2.93
CA VAL B 73 2.80 1.11 4.32
C VAL B 73 3.00 -0.13 5.19
N GLN B 74 2.94 0.04 6.51
CA GLN B 74 3.12 -1.10 7.41
C GLN B 74 1.79 -1.61 7.92
N THR B 75 1.58 -2.88 7.71
CA THR B 75 0.37 -3.56 8.15
C THR B 75 0.66 -5.02 8.35
N THR B 76 0.16 -5.60 9.43
CA THR B 76 0.40 -7.01 9.67
C THR B 76 -0.65 -7.87 8.99
N GLU B 77 -1.35 -7.24 8.05
CA GLU B 77 -2.32 -7.95 7.24
C GLU B 77 -2.29 -7.40 5.83
N GLY B 78 -1.35 -7.91 5.04
CA GLY B 78 -1.22 -7.51 3.66
C GLY B 78 -2.15 -8.35 2.79
N GLU B 79 -1.92 -9.65 2.84
CA GLU B 79 -2.70 -10.61 2.06
C GLU B 79 -4.17 -10.28 2.12
N GLN B 80 -4.56 -9.53 3.12
CA GLN B 80 -5.95 -9.15 3.25
C GLN B 80 -6.23 -7.95 2.39
N ILE B 81 -5.26 -7.07 2.36
CA ILE B 81 -5.34 -5.87 1.54
C ILE B 81 -5.06 -6.23 0.08
N ALA B 82 -4.06 -7.07 -0.08
CA ALA B 82 -3.59 -7.50 -1.39
C ALA B 82 -4.53 -8.48 -2.07
N GLN B 83 -5.05 -9.46 -1.35
CA GLN B 83 -5.91 -10.45 -1.99
C GLN B 83 -7.16 -9.82 -2.53
N LEU B 84 -7.60 -8.83 -1.82
CA LEU B 84 -8.79 -8.10 -2.18
C LEU B 84 -8.49 -7.22 -3.37
N ILE B 85 -7.45 -6.41 -3.23
CA ILE B 85 -6.99 -5.59 -4.31
C ILE B 85 -6.90 -6.49 -5.50
N ALA B 86 -6.12 -7.54 -5.29
CA ALA B 86 -5.91 -8.57 -6.29
C ALA B 86 -7.23 -9.12 -6.79
N GLY B 87 -8.21 -9.14 -5.89
CA GLY B 87 -9.52 -9.68 -6.24
C GLY B 87 -10.38 -8.62 -6.88
N TYR B 88 -9.98 -7.39 -6.69
CA TYR B 88 -10.69 -6.27 -7.22
C TYR B 88 -10.18 -5.99 -8.63
N ILE B 89 -8.89 -6.16 -8.84
CA ILE B 89 -8.35 -5.99 -10.20
C ILE B 89 -8.86 -7.10 -11.07
N ASP B 90 -9.40 -8.08 -10.41
CA ASP B 90 -9.94 -9.25 -11.10
C ASP B 90 -11.29 -8.93 -11.68
N ILE B 91 -11.89 -7.92 -11.09
CA ILE B 91 -13.20 -7.47 -11.48
C ILE B 91 -13.14 -6.39 -12.53
N ILE B 92 -12.54 -5.30 -12.12
CA ILE B 92 -12.42 -4.11 -12.95
C ILE B 92 -11.59 -4.36 -14.20
N LEU B 93 -10.76 -5.39 -14.19
CA LEU B 93 -9.92 -5.65 -15.38
C LEU B 93 -10.75 -5.60 -16.64
N ASP A 1 4.93 -10.16 -12.11
CA ASP A 1 5.94 -11.18 -12.53
C ASP A 1 5.77 -12.44 -11.70
N ILE A 2 5.18 -12.28 -10.51
CA ILE A 2 4.96 -13.41 -9.62
C ILE A 2 6.24 -14.18 -9.40
N ASP A 3 7.34 -13.59 -9.84
CA ASP A 3 8.65 -14.22 -9.71
C ASP A 3 9.64 -13.31 -8.98
N GLN A 4 9.49 -12.00 -9.17
CA GLN A 4 10.38 -11.04 -8.53
C GLN A 4 9.57 -10.00 -7.77
N MET A 5 8.43 -9.63 -8.34
CA MET A 5 7.55 -8.62 -7.75
C MET A 5 7.77 -8.48 -6.26
N PHE A 6 7.35 -9.48 -5.52
CA PHE A 6 7.50 -9.46 -4.07
C PHE A 6 8.82 -8.80 -3.70
N SER A 7 9.91 -9.33 -4.24
CA SER A 7 11.23 -8.77 -3.96
C SER A 7 11.39 -7.40 -4.63
N THR A 8 10.68 -7.20 -5.74
CA THR A 8 10.76 -5.94 -6.47
C THR A 8 10.04 -4.82 -5.70
N LEU A 9 9.19 -5.20 -4.75
CA LEU A 9 8.46 -4.22 -3.96
C LEU A 9 8.97 -4.23 -2.53
N LEU A 10 9.22 -5.43 -2.02
CA LEU A 10 9.74 -5.58 -0.67
C LEU A 10 11.09 -4.88 -0.57
N GLY A 11 11.92 -5.05 -1.60
CA GLY A 11 13.22 -4.39 -1.62
C GLY A 11 13.03 -2.88 -1.55
N GLU A 12 12.00 -2.40 -2.23
CA GLU A 12 11.68 -0.98 -2.24
C GLU A 12 11.16 -0.56 -0.88
N MET A 13 10.36 -1.42 -0.26
CA MET A 13 9.82 -1.12 1.06
C MET A 13 10.98 -0.84 2.02
N ASP A 14 12.10 -1.50 1.81
CA ASP A 14 13.26 -1.28 2.69
C ASP A 14 13.57 0.22 2.80
N LEU A 15 13.23 0.97 1.76
CA LEU A 15 13.50 2.41 1.75
C LEU A 15 12.49 3.16 2.65
N LEU A 16 11.47 2.46 3.12
CA LEU A 16 10.46 3.08 3.99
C LEU A 16 10.85 2.86 5.46
N THR A 17 11.86 2.02 5.68
CA THR A 17 12.29 1.73 7.05
C THR A 17 13.81 1.80 7.15
N GLN A 18 14.47 2.05 6.03
CA GLN A 18 15.90 2.14 5.99
C GLN A 18 16.53 1.08 6.89
N SER A 19 16.80 1.45 8.13
CA SER A 19 17.43 0.52 9.06
C SER A 19 16.85 0.66 10.46
N LEU A 20 16.02 1.68 10.66
CA LEU A 20 15.41 1.91 11.96
C LEU A 20 14.99 0.60 12.61
N GLY A 21 13.81 0.11 12.26
CA GLY A 21 13.30 -1.14 12.82
C GLY A 21 11.82 -1.30 12.53
N VAL A 22 10.99 -0.92 13.49
CA VAL A 22 9.55 -1.04 13.34
C VAL A 22 8.85 0.15 13.99
N ASP A 23 8.10 -0.10 15.06
CA ASP A 23 7.39 0.96 15.75
C ASP A 23 8.19 1.44 16.96
N THR A 24 9.49 1.64 16.77
CA THR A 24 10.36 2.10 17.84
C THR A 24 11.63 2.72 17.28
N TYR B 1 -18.37 -7.32 -0.19
CA TYR B 1 -17.29 -6.77 0.68
C TYR B 1 -17.16 -5.27 0.44
N GLY B 2 -17.54 -4.84 -0.76
CA GLY B 2 -17.45 -3.43 -1.11
C GLY B 2 -16.13 -2.82 -0.64
N VAL B 3 -16.04 -1.50 -0.70
CA VAL B 3 -14.82 -0.81 -0.28
C VAL B 3 -14.26 -1.43 0.99
N SER B 4 -12.93 -1.60 1.02
CA SER B 4 -12.26 -2.18 2.18
C SER B 4 -11.38 -1.13 2.86
N PHE B 5 -11.16 -1.29 4.16
CA PHE B 5 -10.36 -0.34 4.92
C PHE B 5 -9.29 -1.03 5.76
N PHE B 6 -8.04 -0.52 5.74
CA PHE B 6 -6.99 -1.13 6.53
C PHE B 6 -6.15 -0.07 7.20
N LEU B 7 -5.96 -0.23 8.50
CA LEU B 7 -5.14 0.69 9.24
C LEU B 7 -3.69 0.29 9.10
N VAL B 8 -3.05 1.04 8.26
CA VAL B 8 -1.67 0.81 7.91
C VAL B 8 -0.80 1.95 8.44
N LYS B 9 0.52 1.74 8.55
CA LYS B 9 1.40 2.79 9.03
C LYS B 9 2.17 3.36 7.85
N GLU B 10 2.43 4.65 7.92
CA GLU B 10 3.14 5.33 6.85
C GLU B 10 4.26 6.22 7.36
N LYS B 11 5.25 6.38 6.51
CA LYS B 11 6.40 7.21 6.84
C LYS B 11 6.11 8.67 6.56
N MET B 12 5.84 9.40 7.64
CA MET B 12 5.55 10.82 7.54
C MET B 12 6.78 11.66 7.86
N LYS B 13 6.62 12.97 7.76
CA LYS B 13 7.70 13.88 8.07
C LYS B 13 7.50 14.47 9.45
N GLY B 14 8.59 14.94 10.01
CA GLY B 14 8.57 15.53 11.34
C GLY B 14 9.29 14.63 12.32
N LYS B 15 9.37 13.36 11.97
CA LYS B 15 10.02 12.38 12.83
C LYS B 15 10.91 11.45 11.99
N ASN B 16 10.89 10.16 12.34
CA ASN B 16 11.68 9.19 11.61
C ASN B 16 10.95 7.86 11.51
N LYS B 17 9.94 7.67 12.35
CA LYS B 17 9.17 6.44 12.34
C LYS B 17 7.93 6.57 11.47
N LEU B 18 7.12 5.52 11.44
CA LEU B 18 5.89 5.52 10.66
C LEU B 18 4.76 6.09 11.48
N VAL B 19 3.69 6.42 10.78
CA VAL B 19 2.54 6.99 11.43
C VAL B 19 1.31 6.15 11.12
N PRO B 20 0.59 5.66 12.12
CA PRO B 20 -0.63 4.86 11.85
C PRO B 20 -1.41 5.57 10.76
N ARG B 21 -2.07 4.82 9.91
CA ARG B 21 -2.78 5.43 8.83
C ARG B 21 -3.96 4.58 8.48
N LEU B 22 -4.65 4.94 7.44
CA LEU B 22 -5.83 4.22 7.07
C LEU B 22 -5.94 4.17 5.57
N LEU B 23 -6.00 2.96 5.03
CA LEU B 23 -6.08 2.75 3.61
C LEU B 23 -7.51 2.44 3.24
N GLY B 24 -7.86 2.65 1.98
CA GLY B 24 -9.18 2.31 1.54
C GLY B 24 -9.13 1.74 0.14
N ILE B 25 -9.37 0.45 0.04
CA ILE B 25 -9.41 -0.19 -1.25
C ILE B 25 -10.83 -0.12 -1.77
N THR B 26 -10.96 0.45 -2.95
CA THR B 26 -12.23 0.60 -3.57
C THR B 26 -12.21 -0.17 -4.87
N LYS B 27 -13.28 -0.87 -5.17
CA LYS B 27 -13.35 -1.64 -6.40
C LYS B 27 -13.14 -0.78 -7.63
N GLU B 28 -12.66 0.42 -7.40
CA GLU B 28 -12.37 1.36 -8.48
C GLU B 28 -11.13 2.19 -8.15
N CYS B 29 -10.56 1.99 -6.96
CA CYS B 29 -9.41 2.80 -6.57
C CYS B 29 -8.79 2.35 -5.27
N VAL B 30 -7.73 3.05 -4.93
CA VAL B 30 -6.99 2.80 -3.72
C VAL B 30 -6.72 4.13 -3.09
N MET B 31 -6.69 4.23 -1.77
CA MET B 31 -6.50 5.56 -1.22
C MET B 31 -5.86 5.58 0.15
N ARG B 32 -5.13 6.66 0.42
CA ARG B 32 -4.52 6.85 1.73
C ARG B 32 -5.44 7.70 2.57
N VAL B 33 -6.07 7.06 3.54
CA VAL B 33 -7.01 7.74 4.42
C VAL B 33 -6.36 8.11 5.74
N ASP B 34 -6.85 9.20 6.33
CA ASP B 34 -6.30 9.69 7.57
C ASP B 34 -7.02 9.08 8.76
N GLU B 35 -6.48 7.99 9.25
CA GLU B 35 -7.05 7.28 10.40
C GLU B 35 -7.63 8.26 11.39
N LYS B 36 -7.06 9.45 11.40
CA LYS B 36 -7.51 10.51 12.30
C LYS B 36 -8.83 11.10 11.85
N THR B 37 -8.96 11.34 10.55
CA THR B 37 -10.17 11.96 10.01
C THR B 37 -10.98 10.98 9.15
N LYS B 38 -10.39 9.85 8.80
CA LYS B 38 -11.08 8.87 7.97
C LYS B 38 -11.30 9.43 6.57
N GLU B 39 -10.86 10.66 6.36
CA GLU B 39 -10.99 11.30 5.07
C GLU B 39 -9.83 10.89 4.19
N VAL B 40 -10.06 10.88 2.90
CA VAL B 40 -9.03 10.47 1.96
C VAL B 40 -8.07 11.59 1.64
N ILE B 41 -6.78 11.23 1.64
CA ILE B 41 -5.75 12.17 1.31
C ILE B 41 -5.26 11.88 -0.09
N GLN B 42 -5.32 10.60 -0.47
CA GLN B 42 -4.86 10.20 -1.78
C GLN B 42 -5.79 9.19 -2.40
N GLU B 43 -5.76 9.13 -3.71
CA GLU B 43 -6.57 8.18 -4.46
C GLU B 43 -5.84 7.70 -5.70
N TRP B 44 -6.14 6.47 -6.08
CA TRP B 44 -5.57 5.89 -7.29
C TRP B 44 -6.37 4.70 -7.74
N SER B 45 -6.64 4.64 -9.04
CA SER B 45 -7.42 3.56 -9.61
C SER B 45 -6.87 2.21 -9.22
N LEU B 46 -7.77 1.31 -8.90
CA LEU B 46 -7.40 -0.03 -8.56
C LEU B 46 -7.12 -0.75 -9.87
N THR B 47 -7.91 -0.38 -10.87
CA THR B 47 -7.74 -0.94 -12.21
C THR B 47 -6.52 -0.31 -12.86
N ASN B 48 -5.73 0.41 -12.07
CA ASN B 48 -4.52 1.04 -12.60
C ASN B 48 -3.29 0.43 -11.97
N ILE B 49 -3.51 -0.48 -11.02
CA ILE B 49 -2.41 -1.11 -10.34
C ILE B 49 -1.50 -1.84 -11.33
N LYS B 50 -0.20 -1.88 -11.02
CA LYS B 50 0.77 -2.55 -11.89
C LYS B 50 1.18 -3.87 -11.27
N ARG B 51 1.46 -3.81 -9.97
CA ARG B 51 1.83 -4.98 -9.20
C ARG B 51 1.96 -4.57 -7.74
N TRP B 52 1.42 -5.38 -6.87
CA TRP B 52 1.45 -5.08 -5.45
C TRP B 52 2.19 -6.16 -4.70
N ALA B 53 2.42 -5.97 -3.41
CA ALA B 53 3.17 -6.96 -2.66
C ALA B 53 2.87 -6.89 -1.17
N ALA B 54 2.01 -7.77 -0.74
CA ALA B 54 1.63 -7.85 0.65
C ALA B 54 2.69 -8.61 1.46
N SER B 55 2.83 -8.25 2.73
CA SER B 55 3.80 -8.91 3.59
C SER B 55 3.18 -9.16 4.95
N PRO B 56 3.85 -9.87 5.83
CA PRO B 56 3.32 -10.18 7.18
C PRO B 56 3.41 -9.00 8.13
N LYS B 57 4.09 -7.96 7.67
CA LYS B 57 4.28 -6.75 8.47
C LYS B 57 3.95 -5.51 7.66
N SER B 58 3.99 -5.65 6.35
CA SER B 58 3.71 -4.52 5.49
C SER B 58 3.11 -4.95 4.18
N PHE B 59 2.63 -3.96 3.44
CA PHE B 59 2.04 -4.22 2.16
C PHE B 59 2.42 -3.11 1.20
N THR B 60 2.38 -3.40 -0.08
CA THR B 60 2.85 -2.41 -1.03
C THR B 60 2.10 -2.46 -2.35
N LEU B 61 2.13 -1.34 -3.04
CA LEU B 61 1.46 -1.20 -4.31
C LEU B 61 2.38 -0.64 -5.37
N ASP B 62 2.24 -1.10 -6.62
CA ASP B 62 3.06 -0.53 -7.69
C ASP B 62 2.18 0.08 -8.76
N PHE B 63 1.98 1.37 -8.65
CA PHE B 63 1.21 2.11 -9.65
C PHE B 63 1.87 3.43 -10.02
N GLY B 64 2.68 3.40 -11.07
CA GLY B 64 3.35 4.61 -11.52
C GLY B 64 4.82 4.35 -11.77
N ASP B 65 5.16 3.07 -11.80
CA ASP B 65 6.53 2.66 -12.02
C ASP B 65 7.21 3.48 -13.10
N TYR B 66 6.42 4.18 -13.89
CA TYR B 66 6.99 5.02 -14.93
C TYR B 66 8.00 5.94 -14.29
N GLN B 67 7.63 6.38 -13.10
CA GLN B 67 8.50 7.22 -12.29
C GLN B 67 8.64 6.55 -10.95
N ASP B 68 7.78 6.93 -10.04
CA ASP B 68 7.72 6.29 -8.73
C ASP B 68 6.28 5.90 -8.47
N GLY B 69 5.97 4.66 -8.76
CA GLY B 69 4.62 4.16 -8.58
C GLY B 69 4.48 3.36 -7.31
N TYR B 70 5.58 3.17 -6.61
CA TYR B 70 5.57 2.34 -5.42
C TYR B 70 5.16 3.06 -4.16
N TYR B 71 3.95 2.76 -3.71
CA TYR B 71 3.45 3.33 -2.46
C TYR B 71 3.20 2.19 -1.49
N SER B 72 3.81 2.28 -0.31
CA SER B 72 3.68 1.23 0.68
C SER B 72 3.49 1.74 2.08
N VAL B 73 3.02 0.86 2.92
CA VAL B 73 2.80 1.19 4.31
C VAL B 73 3.01 -0.05 5.19
N GLN B 74 2.98 0.13 6.51
CA GLN B 74 3.16 -1.01 7.40
C GLN B 74 1.84 -1.52 7.92
N THR B 75 1.64 -2.79 7.73
CA THR B 75 0.44 -3.46 8.17
C THR B 75 0.72 -4.94 8.38
N THR B 76 0.23 -5.49 9.47
CA THR B 76 0.47 -6.91 9.71
C THR B 76 -0.59 -7.76 9.05
N GLU B 77 -1.28 -7.16 8.09
CA GLU B 77 -2.24 -7.87 7.28
C GLU B 77 -2.21 -7.34 5.86
N GLY B 78 -1.27 -7.87 5.09
CA GLY B 78 -1.13 -7.49 3.70
C GLY B 78 -2.05 -8.34 2.84
N GLU B 79 -1.83 -9.63 2.89
CA GLU B 79 -2.61 -10.60 2.12
C GLU B 79 -4.08 -10.27 2.18
N GLN B 80 -4.45 -9.51 3.17
CA GLN B 80 -5.85 -9.13 3.32
C GLN B 80 -6.13 -7.94 2.44
N ILE B 81 -5.17 -7.05 2.39
CA ILE B 81 -5.26 -5.86 1.56
C ILE B 81 -4.98 -6.23 0.12
N ALA B 82 -3.99 -7.08 -0.05
CA ALA B 82 -3.52 -7.51 -1.36
C ALA B 82 -4.46 -8.49 -2.04
N GLN B 83 -4.98 -9.46 -1.31
CA GLN B 83 -5.84 -10.46 -1.93
C GLN B 83 -7.09 -9.83 -2.48
N LEU B 84 -7.54 -8.84 -1.77
CA LEU B 84 -8.73 -8.11 -2.13
C LEU B 84 -8.43 -7.24 -3.33
N ILE B 85 -7.40 -6.43 -3.21
CA ILE B 85 -6.95 -5.60 -4.29
C ILE B 85 -6.85 -6.52 -5.47
N ALA B 86 -6.07 -7.55 -5.25
CA ALA B 86 -5.85 -8.60 -6.24
C ALA B 86 -7.17 -9.15 -6.74
N GLY B 87 -8.16 -9.18 -5.84
CA GLY B 87 -9.45 -9.73 -6.19
C GLY B 87 -10.32 -8.67 -6.84
N TYR B 88 -9.92 -7.44 -6.64
CA TYR B 88 -10.64 -6.33 -7.19
C TYR B 88 -10.14 -6.05 -8.59
N ILE B 89 -8.85 -6.21 -8.81
CA ILE B 89 -8.31 -6.05 -10.17
C ILE B 89 -8.82 -7.16 -11.04
N ASP B 90 -9.35 -8.15 -10.36
CA ASP B 90 -9.87 -9.33 -11.04
C ASP B 90 -11.22 -9.02 -11.62
N ILE B 91 -11.83 -8.01 -11.04
CA ILE B 91 -13.14 -7.59 -11.43
C ILE B 91 -13.09 -6.50 -12.49
N ILE B 92 -12.49 -5.40 -12.09
CA ILE B 92 -12.39 -4.22 -12.93
C ILE B 92 -11.56 -4.46 -14.17
N LEU B 93 -10.72 -5.49 -14.16
CA LEU B 93 -9.88 -5.74 -15.34
C LEU B 93 -10.72 -5.72 -16.62
N ASP A 1 8.56 -10.77 -13.61
CA ASP A 1 9.23 -11.85 -12.84
C ASP A 1 8.41 -12.17 -11.60
N ILE A 2 7.68 -13.29 -11.64
CA ILE A 2 6.86 -13.69 -10.51
C ILE A 2 7.71 -14.34 -9.43
N ASP A 3 9.00 -14.23 -9.59
CA ASP A 3 9.96 -14.81 -8.65
C ASP A 3 10.60 -13.73 -7.78
N GLN A 4 10.79 -12.55 -8.35
CA GLN A 4 11.41 -11.45 -7.61
C GLN A 4 10.35 -10.47 -7.11
N MET A 5 9.31 -10.30 -7.93
CA MET A 5 8.19 -9.39 -7.61
C MET A 5 8.14 -9.07 -6.13
N PHE A 6 7.72 -10.04 -5.34
CA PHE A 6 7.63 -9.84 -3.91
C PHE A 6 8.86 -9.10 -3.41
N SER A 7 10.02 -9.72 -3.57
CA SER A 7 11.27 -9.12 -3.14
C SER A 7 11.46 -7.75 -3.78
N THR A 8 11.03 -7.62 -5.03
CA THR A 8 11.15 -6.37 -5.75
C THR A 8 10.49 -5.23 -4.99
N LEU A 9 9.26 -5.46 -4.55
CA LEU A 9 8.52 -4.44 -3.79
C LEU A 9 9.06 -4.39 -2.37
N LEU A 10 9.32 -5.55 -1.81
CA LEU A 10 9.85 -5.62 -0.46
C LEU A 10 11.17 -4.85 -0.39
N GLY A 11 11.98 -4.96 -1.44
CA GLY A 11 13.24 -4.23 -1.50
C GLY A 11 12.96 -2.74 -1.51
N GLU A 12 11.96 -2.35 -2.30
CA GLU A 12 11.56 -0.96 -2.38
C GLU A 12 11.04 -0.50 -1.03
N MET A 13 10.34 -1.38 -0.34
CA MET A 13 9.82 -1.03 0.98
C MET A 13 10.97 -0.70 1.93
N ASP A 14 12.11 -1.34 1.73
CA ASP A 14 13.26 -1.07 2.58
C ASP A 14 13.53 0.43 2.65
N LEU A 15 13.18 1.14 1.58
CA LEU A 15 13.41 2.58 1.53
C LEU A 15 12.40 3.34 2.41
N LEU A 16 11.39 2.63 2.90
CA LEU A 16 10.37 3.25 3.76
C LEU A 16 10.76 3.07 5.23
N THR A 17 11.80 2.27 5.47
CA THR A 17 12.24 2.02 6.84
C THR A 17 13.76 2.19 6.95
N GLN A 18 14.39 2.48 5.84
CA GLN A 18 15.81 2.65 5.80
C GLN A 18 16.51 1.59 6.64
N SER A 19 16.74 1.91 7.91
CA SER A 19 17.42 0.98 8.80
C SER A 19 16.81 0.98 10.20
N LEU A 20 15.94 1.95 10.45
CA LEU A 20 15.29 2.07 11.75
C LEU A 20 14.76 0.72 12.20
N GLY A 21 14.25 -0.07 11.25
CA GLY A 21 13.71 -1.39 11.57
C GLY A 21 12.88 -1.35 12.85
N VAL A 22 11.65 -0.89 12.73
CA VAL A 22 10.76 -0.80 13.89
C VAL A 22 9.99 -2.11 14.07
N ASP A 23 8.69 -2.07 13.81
CA ASP A 23 7.85 -3.25 13.95
C ASP A 23 8.05 -3.89 15.32
N THR A 24 7.37 -3.35 16.33
CA THR A 24 7.48 -3.88 17.68
C THR A 24 6.55 -5.07 17.87
N TYR B 1 -17.41 -7.82 0.65
CA TYR B 1 -17.89 -6.45 1.00
C TYR B 1 -17.29 -5.45 0.03
N GLY B 2 -18.01 -4.35 -0.20
CA GLY B 2 -17.54 -3.32 -1.10
C GLY B 2 -16.20 -2.74 -0.64
N VAL B 3 -16.10 -1.41 -0.68
CA VAL B 3 -14.87 -0.74 -0.27
C VAL B 3 -14.30 -1.39 0.99
N SER B 4 -12.99 -1.57 1.00
CA SER B 4 -12.31 -2.19 2.15
C SER B 4 -11.43 -1.16 2.85
N PHE B 5 -11.20 -1.35 4.15
CA PHE B 5 -10.39 -0.41 4.93
C PHE B 5 -9.31 -1.12 5.73
N PHE B 6 -8.07 -0.61 5.71
CA PHE B 6 -7.01 -1.24 6.48
C PHE B 6 -6.15 -0.19 7.15
N LEU B 7 -5.94 -0.36 8.44
CA LEU B 7 -5.11 0.56 9.19
C LEU B 7 -3.67 0.18 9.01
N VAL B 8 -3.04 0.99 8.21
CA VAL B 8 -1.65 0.78 7.85
C VAL B 8 -0.79 1.92 8.36
N LYS B 9 0.52 1.73 8.47
CA LYS B 9 1.39 2.79 8.94
C LYS B 9 2.12 3.40 7.77
N GLU B 10 2.36 4.69 7.86
CA GLU B 10 3.02 5.41 6.78
C GLU B 10 4.14 6.29 7.28
N LYS B 11 5.11 6.48 6.42
CA LYS B 11 6.27 7.31 6.73
C LYS B 11 5.97 8.78 6.48
N MET B 12 5.71 9.49 7.57
CA MET B 12 5.41 10.92 7.48
C MET B 12 6.66 11.74 7.72
N LYS B 13 6.49 13.06 7.65
CA LYS B 13 7.59 13.96 7.86
C LYS B 13 7.51 14.55 9.26
N GLY B 14 8.64 15.02 9.74
CA GLY B 14 8.72 15.60 11.06
C GLY B 14 9.47 14.68 12.00
N LYS B 15 9.50 13.40 11.63
CA LYS B 15 10.16 12.39 12.44
C LYS B 15 10.97 11.45 11.56
N ASN B 16 10.96 10.16 11.90
CA ASN B 16 11.69 9.17 11.14
C ASN B 16 10.92 7.86 11.10
N LYS B 17 9.98 7.69 12.03
CA LYS B 17 9.19 6.46 12.09
C LYS B 17 7.93 6.59 11.24
N LEU B 18 7.10 5.54 11.28
CA LEU B 18 5.87 5.55 10.54
C LEU B 18 4.74 6.07 11.39
N VAL B 19 3.65 6.40 10.72
CA VAL B 19 2.50 6.94 11.41
C VAL B 19 1.27 6.09 11.12
N PRO B 20 0.59 5.56 12.11
CA PRO B 20 -0.62 4.75 11.86
C PRO B 20 -1.44 5.47 10.81
N ARG B 21 -2.10 4.74 9.95
CA ARG B 21 -2.85 5.36 8.91
C ARG B 21 -4.02 4.50 8.56
N LEU B 22 -4.74 4.87 7.53
CA LEU B 22 -5.90 4.13 7.17
C LEU B 22 -6.03 4.11 5.66
N LEU B 23 -6.04 2.91 5.11
CA LEU B 23 -6.13 2.73 3.68
C LEU B 23 -7.55 2.40 3.32
N GLY B 24 -7.90 2.63 2.06
CA GLY B 24 -9.22 2.30 1.61
C GLY B 24 -9.17 1.76 0.21
N ILE B 25 -9.40 0.47 0.08
CA ILE B 25 -9.44 -0.15 -1.23
C ILE B 25 -10.85 -0.07 -1.75
N THR B 26 -10.98 0.51 -2.92
CA THR B 26 -12.26 0.67 -3.55
C THR B 26 -12.23 -0.08 -4.86
N LYS B 27 -13.30 -0.77 -5.16
CA LYS B 27 -13.37 -1.53 -6.41
C LYS B 27 -13.15 -0.63 -7.62
N GLU B 28 -12.65 0.56 -7.39
CA GLU B 28 -12.35 1.51 -8.44
C GLU B 28 -11.11 2.33 -8.09
N CYS B 29 -10.55 2.11 -6.91
CA CYS B 29 -9.40 2.90 -6.49
C CYS B 29 -8.80 2.42 -5.19
N VAL B 30 -7.76 3.14 -4.82
CA VAL B 30 -7.02 2.86 -3.61
C VAL B 30 -6.76 4.19 -2.97
N MET B 31 -6.73 4.27 -1.65
CA MET B 31 -6.55 5.59 -1.07
C MET B 31 -5.93 5.59 0.32
N ARG B 32 -5.21 6.67 0.61
CA ARG B 32 -4.62 6.84 1.93
C ARG B 32 -5.55 7.69 2.76
N VAL B 33 -6.19 7.04 3.72
CA VAL B 33 -7.14 7.69 4.58
C VAL B 33 -6.50 8.07 5.91
N ASP B 34 -7.01 9.15 6.50
CA ASP B 34 -6.47 9.65 7.76
C ASP B 34 -7.17 9.00 8.93
N GLU B 35 -6.61 7.90 9.39
CA GLU B 35 -7.16 7.15 10.53
C GLU B 35 -7.77 8.10 11.55
N LYS B 36 -7.22 9.30 11.59
CA LYS B 36 -7.69 10.33 12.49
C LYS B 36 -9.01 10.94 12.03
N THR B 37 -9.09 11.23 10.74
CA THR B 37 -10.29 11.86 10.19
C THR B 37 -11.11 10.91 9.32
N LYS B 38 -10.54 9.76 8.96
CA LYS B 38 -11.24 8.79 8.14
C LYS B 38 -11.44 9.37 6.74
N GLU B 39 -10.98 10.59 6.54
CA GLU B 39 -11.09 11.24 5.25
C GLU B 39 -9.92 10.82 4.37
N VAL B 40 -10.13 10.87 3.08
CA VAL B 40 -9.09 10.45 2.15
C VAL B 40 -8.10 11.56 1.86
N ILE B 41 -6.83 11.19 1.90
CA ILE B 41 -5.78 12.13 1.61
C ILE B 41 -5.27 11.87 0.21
N GLN B 42 -5.36 10.60 -0.21
CA GLN B 42 -4.90 10.23 -1.53
C GLN B 42 -5.82 9.22 -2.17
N GLU B 43 -5.76 9.19 -3.49
CA GLU B 43 -6.57 8.25 -4.25
C GLU B 43 -5.84 7.77 -5.49
N TRP B 44 -6.13 6.55 -5.89
CA TRP B 44 -5.55 5.98 -7.09
C TRP B 44 -6.36 4.82 -7.59
N SER B 45 -6.59 4.78 -8.89
CA SER B 45 -7.39 3.72 -9.50
C SER B 45 -6.85 2.36 -9.14
N LEU B 46 -7.76 1.45 -8.86
CA LEU B 46 -7.41 0.10 -8.56
C LEU B 46 -7.14 -0.57 -9.89
N THR B 47 -7.91 -0.16 -10.89
CA THR B 47 -7.73 -0.67 -12.24
C THR B 47 -6.48 -0.05 -12.86
N ASN B 48 -5.72 0.65 -12.03
CA ASN B 48 -4.49 1.28 -12.52
C ASN B 48 -3.29 0.61 -11.88
N ILE B 49 -3.53 -0.34 -11.00
CA ILE B 49 -2.45 -1.03 -10.34
C ILE B 49 -1.56 -1.76 -11.35
N LYS B 50 -0.26 -1.83 -11.05
CA LYS B 50 0.68 -2.51 -11.94
C LYS B 50 1.09 -3.83 -11.32
N ARG B 51 1.40 -3.78 -10.04
CA ARG B 51 1.76 -4.95 -9.28
C ARG B 51 1.92 -4.56 -7.82
N TRP B 52 1.38 -5.35 -6.94
CA TRP B 52 1.43 -5.05 -5.52
C TRP B 52 2.16 -6.14 -4.77
N ALA B 53 2.38 -5.96 -3.47
CA ALA B 53 3.10 -6.97 -2.72
C ALA B 53 2.82 -6.90 -1.24
N ALA B 54 1.95 -7.78 -0.80
CA ALA B 54 1.58 -7.86 0.58
C ALA B 54 2.63 -8.64 1.38
N SER B 55 2.87 -8.22 2.61
CA SER B 55 3.84 -8.88 3.47
C SER B 55 3.22 -9.16 4.84
N PRO B 56 3.91 -9.86 5.70
CA PRO B 56 3.38 -10.19 7.05
C PRO B 56 3.47 -9.02 8.01
N LYS B 57 4.15 -7.97 7.56
CA LYS B 57 4.33 -6.77 8.36
C LYS B 57 3.99 -5.52 7.57
N SER B 58 4.02 -5.66 6.25
CA SER B 58 3.74 -4.52 5.40
C SER B 58 3.13 -4.95 4.09
N PHE B 59 2.65 -3.96 3.36
CA PHE B 59 2.03 -4.21 2.08
C PHE B 59 2.44 -3.12 1.13
N THR B 60 2.39 -3.40 -0.16
CA THR B 60 2.88 -2.43 -1.11
C THR B 60 2.11 -2.44 -2.42
N LEU B 61 2.16 -1.32 -3.11
CA LEU B 61 1.48 -1.16 -4.37
C LEU B 61 2.39 -0.60 -5.43
N ASP B 62 2.29 -1.11 -6.67
CA ASP B 62 3.10 -0.55 -7.74
C ASP B 62 2.22 0.08 -8.81
N PHE B 63 2.03 1.37 -8.69
CA PHE B 63 1.26 2.11 -9.69
C PHE B 63 1.93 3.42 -10.06
N GLY B 64 2.72 3.37 -11.12
CA GLY B 64 3.40 4.58 -11.60
C GLY B 64 4.86 4.29 -11.87
N ASP B 65 5.18 3.01 -11.89
CA ASP B 65 6.55 2.57 -12.12
C ASP B 65 7.22 3.37 -13.22
N TYR B 66 6.43 4.09 -14.01
CA TYR B 66 7.00 4.90 -15.05
C TYR B 66 8.02 5.82 -14.43
N GLN B 67 7.69 6.26 -13.24
CA GLN B 67 8.56 7.09 -12.45
C GLN B 67 8.72 6.43 -11.11
N ASP B 68 7.87 6.83 -10.18
CA ASP B 68 7.83 6.19 -8.88
C ASP B 68 6.39 5.83 -8.59
N GLY B 69 6.06 4.59 -8.88
CA GLY B 69 4.70 4.11 -8.67
C GLY B 69 4.57 3.31 -7.39
N TYR B 70 5.68 3.12 -6.70
CA TYR B 70 5.67 2.28 -5.51
C TYR B 70 5.29 3.02 -4.25
N TYR B 71 4.09 2.75 -3.78
CA TYR B 71 3.63 3.33 -2.51
C TYR B 71 3.30 2.20 -1.56
N SER B 72 3.88 2.26 -0.37
CA SER B 72 3.69 1.21 0.61
C SER B 72 3.49 1.73 2.00
N VAL B 73 3.03 0.84 2.87
CA VAL B 73 2.80 1.17 4.25
C VAL B 73 3.03 -0.06 5.12
N GLN B 74 2.98 0.11 6.44
CA GLN B 74 3.18 -1.03 7.34
C GLN B 74 1.87 -1.54 7.86
N THR B 75 1.66 -2.82 7.66
CA THR B 75 0.47 -3.50 8.10
C THR B 75 0.76 -4.98 8.29
N THR B 76 0.27 -5.56 9.37
CA THR B 76 0.51 -6.97 9.60
C THR B 76 -0.54 -7.82 8.94
N GLU B 77 -1.26 -7.19 8.01
CA GLU B 77 -2.23 -7.92 7.20
C GLU B 77 -2.22 -7.35 5.78
N GLY B 78 -1.28 -7.85 4.99
CA GLY B 78 -1.18 -7.43 3.61
C GLY B 78 -2.09 -8.28 2.74
N GLU B 79 -1.87 -9.59 2.81
CA GLU B 79 -2.63 -10.55 2.02
C GLU B 79 -4.10 -10.24 2.08
N GLN B 80 -4.49 -9.49 3.08
CA GLN B 80 -5.90 -9.12 3.21
C GLN B 80 -6.17 -7.92 2.35
N ILE B 81 -5.21 -7.02 2.31
CA ILE B 81 -5.30 -5.83 1.49
C ILE B 81 -5.03 -6.20 0.04
N ALA B 82 -4.02 -7.03 -0.13
CA ALA B 82 -3.56 -7.45 -1.45
C ALA B 82 -4.49 -8.44 -2.13
N GLN B 83 -5.02 -9.41 -1.40
CA GLN B 83 -5.88 -10.41 -2.04
C GLN B 83 -7.13 -9.77 -2.58
N LEU B 84 -7.57 -8.79 -1.86
CA LEU B 84 -8.77 -8.05 -2.22
C LEU B 84 -8.47 -7.16 -3.40
N ILE B 85 -7.44 -6.36 -3.27
CA ILE B 85 -6.99 -5.52 -4.34
C ILE B 85 -6.90 -6.42 -5.54
N ALA B 86 -6.11 -7.46 -5.33
CA ALA B 86 -5.90 -8.49 -6.33
C ALA B 86 -7.22 -9.04 -6.83
N GLY B 87 -8.20 -9.08 -5.93
CA GLY B 87 -9.50 -9.63 -6.26
C GLY B 87 -10.36 -8.57 -6.90
N TYR B 88 -9.97 -7.33 -6.70
CA TYR B 88 -10.69 -6.21 -7.24
C TYR B 88 -10.20 -5.93 -8.65
N ILE B 89 -8.91 -6.09 -8.88
CA ILE B 89 -8.39 -5.92 -10.24
C ILE B 89 -8.88 -7.03 -11.11
N ASP B 90 -9.41 -8.03 -10.44
CA ASP B 90 -9.94 -9.20 -11.11
C ASP B 90 -11.30 -8.89 -11.67
N ILE B 91 -11.91 -7.89 -11.08
CA ILE B 91 -13.23 -7.47 -11.44
C ILE B 91 -13.20 -6.38 -12.50
N ILE B 92 -12.60 -5.28 -12.10
CA ILE B 92 -12.52 -4.10 -12.92
C ILE B 92 -11.71 -4.32 -14.18
N LEU B 93 -10.86 -5.34 -14.20
CA LEU B 93 -10.04 -5.59 -15.39
C LEU B 93 -10.91 -5.56 -16.65
N ASP A 1 8.34 -11.04 -14.23
CA ASP A 1 9.27 -11.50 -13.15
C ASP A 1 8.47 -11.80 -11.89
N ILE A 2 7.60 -12.80 -11.97
CA ILE A 2 6.78 -13.18 -10.83
C ILE A 2 7.62 -13.89 -9.79
N ASP A 3 8.92 -13.83 -9.97
CA ASP A 3 9.86 -14.48 -9.06
C ASP A 3 10.52 -13.46 -8.14
N GLN A 4 10.73 -12.25 -8.65
CA GLN A 4 11.37 -11.20 -7.86
C GLN A 4 10.33 -10.24 -7.30
N MET A 5 9.28 -10.01 -8.08
CA MET A 5 8.19 -9.11 -7.71
C MET A 5 8.16 -8.85 -6.22
N PHE A 6 7.73 -9.84 -5.47
CA PHE A 6 7.66 -9.72 -4.03
C PHE A 6 8.90 -8.99 -3.51
N SER A 7 10.07 -9.61 -3.71
CA SER A 7 11.31 -9.01 -3.27
C SER A 7 11.50 -7.62 -3.88
N THR A 8 11.04 -7.45 -5.11
CA THR A 8 11.16 -6.17 -5.80
C THR A 8 10.47 -5.06 -5.01
N LEU A 9 9.25 -5.32 -4.56
CA LEU A 9 8.51 -4.33 -3.78
C LEU A 9 9.05 -4.30 -2.35
N LEU A 10 9.31 -5.48 -1.81
CA LEU A 10 9.84 -5.57 -0.46
C LEU A 10 11.17 -4.81 -0.39
N GLY A 11 11.98 -4.91 -1.43
CA GLY A 11 13.24 -4.19 -1.48
C GLY A 11 12.96 -2.69 -1.46
N GLU A 12 11.98 -2.28 -2.25
CA GLU A 12 11.58 -0.89 -2.31
C GLU A 12 11.06 -0.45 -0.95
N MET A 13 10.34 -1.33 -0.27
CA MET A 13 9.82 -1.00 1.05
C MET A 13 10.96 -0.69 2.01
N ASP A 14 12.10 -1.36 1.82
CA ASP A 14 13.25 -1.12 2.69
C ASP A 14 13.54 0.38 2.76
N LEU A 15 13.23 1.10 1.69
CA LEU A 15 13.49 2.55 1.65
C LEU A 15 12.46 3.31 2.50
N LEU A 16 11.37 2.64 2.87
CA LEU A 16 10.33 3.28 3.69
C LEU A 16 10.68 3.15 5.17
N THR A 17 11.65 2.29 5.47
CA THR A 17 12.06 2.08 6.86
C THR A 17 13.55 2.33 7.03
N GLN A 18 14.30 2.12 5.97
CA GLN A 18 15.73 2.31 5.99
C GLN A 18 16.31 1.80 7.31
N SER A 19 17.51 2.25 7.62
CA SER A 19 18.17 1.83 8.85
C SER A 19 17.35 2.22 10.08
N LEU A 20 16.54 3.26 9.95
CA LEU A 20 15.73 3.72 11.06
C LEU A 20 15.00 2.56 11.72
N GLY A 21 14.57 1.60 10.90
CA GLY A 21 13.86 0.44 11.42
C GLY A 21 14.55 -0.11 12.66
N VAL A 22 15.87 0.03 12.71
CA VAL A 22 16.64 -0.46 13.85
C VAL A 22 17.01 0.69 14.78
N ASP A 23 17.02 1.90 14.23
CA ASP A 23 17.35 3.08 15.02
C ASP A 23 16.12 3.59 15.77
N THR A 24 15.00 2.91 15.58
CA THR A 24 13.75 3.30 16.24
C THR A 24 13.51 2.43 17.47
N TYR B 1 -17.74 -6.68 0.13
CA TYR B 1 -18.03 -5.22 0.25
C TYR B 1 -17.46 -4.49 -0.95
N GLY B 2 -17.98 -3.29 -1.22
CA GLY B 2 -17.52 -2.50 -2.35
C GLY B 2 -16.19 -1.83 -2.03
N VAL B 3 -16.06 -1.34 -0.80
CA VAL B 3 -14.84 -0.68 -0.36
C VAL B 3 -14.30 -1.30 0.92
N SER B 4 -13.00 -1.56 0.94
CA SER B 4 -12.36 -2.15 2.10
C SER B 4 -11.45 -1.13 2.80
N PHE B 5 -11.24 -1.30 4.09
CA PHE B 5 -10.43 -0.37 4.86
C PHE B 5 -9.36 -1.09 5.69
N PHE B 6 -8.11 -0.59 5.68
CA PHE B 6 -7.06 -1.22 6.46
C PHE B 6 -6.20 -0.17 7.13
N LEU B 7 -6.00 -0.34 8.42
CA LEU B 7 -5.17 0.56 9.17
C LEU B 7 -3.72 0.17 9.00
N VAL B 8 -3.08 0.98 8.21
CA VAL B 8 -1.69 0.75 7.86
C VAL B 8 -0.82 1.90 8.37
N LYS B 9 0.50 1.69 8.49
CA LYS B 9 1.37 2.75 8.95
C LYS B 9 2.11 3.35 7.78
N GLU B 10 2.35 4.64 7.85
CA GLU B 10 3.01 5.34 6.76
C GLU B 10 4.13 6.24 7.25
N LYS B 11 5.10 6.43 6.38
CA LYS B 11 6.24 7.26 6.68
C LYS B 11 5.93 8.73 6.44
N MET B 12 5.69 9.44 7.54
CA MET B 12 5.39 10.87 7.47
C MET B 12 6.63 11.70 7.70
N LYS B 13 6.46 13.02 7.65
CA LYS B 13 7.55 13.93 7.87
C LYS B 13 7.47 14.49 9.28
N GLY B 14 8.60 14.96 9.74
CA GLY B 14 8.70 15.53 11.08
C GLY B 14 9.46 14.59 11.99
N LYS B 15 9.51 13.32 11.59
CA LYS B 15 10.19 12.31 12.38
C LYS B 15 10.98 11.37 11.47
N ASN B 16 10.97 10.08 11.81
CA ASN B 16 11.69 9.11 11.02
C ASN B 16 10.91 7.79 10.97
N LYS B 17 10.03 7.58 11.94
CA LYS B 17 9.23 6.37 12.00
C LYS B 17 7.97 6.50 11.17
N LEU B 18 7.13 5.46 11.21
CA LEU B 18 5.89 5.46 10.47
C LEU B 18 4.78 5.99 11.34
N VAL B 19 3.68 6.33 10.70
CA VAL B 19 2.53 6.87 11.40
C VAL B 19 1.30 6.02 11.11
N PRO B 20 0.60 5.52 12.11
CA PRO B 20 -0.62 4.73 11.85
C PRO B 20 -1.43 5.44 10.79
N ARG B 21 -2.10 4.72 9.94
CA ARG B 21 -2.84 5.35 8.89
C ARG B 21 -4.01 4.50 8.54
N LEU B 22 -4.72 4.87 7.50
CA LEU B 22 -5.89 4.15 7.13
C LEU B 22 -5.99 4.11 5.63
N LEU B 23 -6.04 2.92 5.08
CA LEU B 23 -6.12 2.72 3.65
C LEU B 23 -7.54 2.40 3.28
N GLY B 24 -7.89 2.64 2.03
CA GLY B 24 -9.21 2.31 1.58
C GLY B 24 -9.16 1.75 0.17
N ILE B 25 -9.39 0.46 0.05
CA ILE B 25 -9.43 -0.16 -1.25
C ILE B 25 -10.83 -0.08 -1.77
N THR B 26 -10.97 0.50 -2.94
CA THR B 26 -12.25 0.64 -3.56
C THR B 26 -12.22 -0.10 -4.87
N LYS B 27 -13.30 -0.80 -5.17
CA LYS B 27 -13.37 -1.56 -6.41
C LYS B 27 -13.16 -0.67 -7.63
N GLU B 28 -12.65 0.52 -7.39
CA GLU B 28 -12.36 1.47 -8.46
C GLU B 28 -11.12 2.29 -8.12
N CYS B 29 -10.55 2.07 -6.93
CA CYS B 29 -9.41 2.87 -6.52
C CYS B 29 -8.80 2.40 -5.22
N VAL B 30 -7.76 3.11 -4.86
CA VAL B 30 -7.01 2.84 -3.65
C VAL B 30 -6.74 4.17 -3.01
N MET B 31 -6.71 4.25 -1.68
CA MET B 31 -6.50 5.57 -1.12
C MET B 31 -5.89 5.57 0.27
N ARG B 32 -5.15 6.63 0.55
CA ARG B 32 -4.54 6.82 1.86
C ARG B 32 -5.47 7.67 2.70
N VAL B 33 -6.11 7.03 3.66
CA VAL B 33 -7.05 7.71 4.52
C VAL B 33 -6.41 8.07 5.86
N ASP B 34 -6.88 9.15 6.44
CA ASP B 34 -6.34 9.64 7.69
C ASP B 34 -7.06 9.00 8.87
N GLU B 35 -6.53 7.90 9.34
CA GLU B 35 -7.11 7.17 10.48
C GLU B 35 -7.69 8.15 11.49
N LYS B 36 -7.11 9.32 11.53
CA LYS B 36 -7.56 10.36 12.45
C LYS B 36 -8.87 11.00 11.97
N THR B 37 -8.94 11.29 10.68
CA THR B 37 -10.12 11.94 10.12
C THR B 37 -10.95 11.01 9.24
N LYS B 38 -10.40 9.84 8.90
CA LYS B 38 -11.12 8.90 8.07
C LYS B 38 -11.32 9.47 6.68
N GLU B 39 -10.83 10.70 6.48
CA GLU B 39 -10.93 11.34 5.19
C GLU B 39 -9.77 10.90 4.32
N VAL B 40 -9.98 10.93 3.02
CA VAL B 40 -8.95 10.50 2.09
C VAL B 40 -7.94 11.58 1.81
N ILE B 41 -6.68 11.19 1.82
CA ILE B 41 -5.61 12.11 1.54
C ILE B 41 -5.10 11.83 0.13
N GLN B 42 -5.22 10.57 -0.28
CA GLN B 42 -4.77 10.17 -1.59
C GLN B 42 -5.71 9.19 -2.25
N GLU B 43 -5.67 9.15 -3.56
CA GLU B 43 -6.50 8.23 -4.33
C GLU B 43 -5.77 7.75 -5.56
N TRP B 44 -6.10 6.53 -5.97
CA TRP B 44 -5.54 5.97 -7.18
C TRP B 44 -6.36 4.78 -7.65
N SER B 45 -6.62 4.73 -8.95
CA SER B 45 -7.42 3.68 -9.53
C SER B 45 -6.87 2.32 -9.17
N LEU B 46 -7.78 1.41 -8.87
CA LEU B 46 -7.42 0.07 -8.56
C LEU B 46 -7.14 -0.61 -9.88
N THR B 47 -7.92 -0.22 -10.89
CA THR B 47 -7.74 -0.74 -12.23
C THR B 47 -6.50 -0.13 -12.85
N ASN B 48 -5.73 0.58 -12.04
CA ASN B 48 -4.51 1.20 -12.53
C ASN B 48 -3.30 0.56 -11.89
N ILE B 49 -3.54 -0.39 -11.00
CA ILE B 49 -2.45 -1.06 -10.32
C ILE B 49 -1.55 -1.79 -11.32
N LYS B 50 -0.24 -1.82 -11.02
CA LYS B 50 0.71 -2.50 -11.90
C LYS B 50 1.11 -3.82 -11.28
N ARG B 51 1.41 -3.77 -10.00
CA ARG B 51 1.76 -4.95 -9.24
C ARG B 51 1.91 -4.55 -7.77
N TRP B 52 1.37 -5.34 -6.89
CA TRP B 52 1.41 -5.05 -5.48
C TRP B 52 2.16 -6.14 -4.73
N ALA B 53 2.38 -5.95 -3.44
CA ALA B 53 3.13 -6.95 -2.70
C ALA B 53 2.84 -6.89 -1.22
N ALA B 54 1.98 -7.78 -0.79
CA ALA B 54 1.60 -7.88 0.60
C ALA B 54 2.65 -8.66 1.39
N SER B 55 2.83 -8.28 2.65
CA SER B 55 3.81 -8.95 3.51
C SER B 55 3.18 -9.22 4.88
N PRO B 56 3.86 -9.94 5.74
CA PRO B 56 3.33 -10.25 7.09
C PRO B 56 3.43 -9.07 8.05
N LYS B 57 4.11 -8.03 7.60
CA LYS B 57 4.31 -6.83 8.39
C LYS B 57 3.96 -5.59 7.60
N SER B 58 4.00 -5.70 6.29
CA SER B 58 3.72 -4.57 5.44
C SER B 58 3.13 -4.99 4.12
N PHE B 59 2.64 -4.01 3.40
CA PHE B 59 2.03 -4.25 2.11
C PHE B 59 2.43 -3.14 1.17
N THR B 60 2.38 -3.42 -0.12
CA THR B 60 2.86 -2.43 -1.06
C THR B 60 2.11 -2.46 -2.38
N LEU B 61 2.14 -1.33 -3.06
CA LEU B 61 1.46 -1.18 -4.33
C LEU B 61 2.38 -0.62 -5.39
N ASP B 62 2.27 -1.09 -6.64
CA ASP B 62 3.07 -0.53 -7.70
C ASP B 62 2.20 0.09 -8.76
N PHE B 63 2.00 1.38 -8.65
CA PHE B 63 1.22 2.12 -9.64
C PHE B 63 1.88 3.44 -10.01
N GLY B 64 2.68 3.41 -11.06
CA GLY B 64 3.34 4.63 -11.52
C GLY B 64 4.81 4.36 -11.79
N ASP B 65 5.15 3.09 -11.81
CA ASP B 65 6.53 2.67 -12.04
C ASP B 65 7.20 3.49 -13.12
N TYR B 66 6.40 4.19 -13.91
CA TYR B 66 6.97 5.02 -14.96
C TYR B 66 7.98 5.95 -14.31
N GLN B 67 7.62 6.39 -13.13
CA GLN B 67 8.47 7.23 -12.33
C GLN B 67 8.63 6.56 -10.98
N ASP B 68 7.77 6.94 -10.06
CA ASP B 68 7.73 6.30 -8.76
C ASP B 68 6.29 5.91 -8.49
N GLY B 69 5.99 4.67 -8.78
CA GLY B 69 4.63 4.16 -8.59
C GLY B 69 4.51 3.35 -7.31
N TYR B 70 5.61 3.18 -6.62
CA TYR B 70 5.60 2.33 -5.44
C TYR B 70 5.20 3.06 -4.18
N TYR B 71 3.98 2.77 -3.73
CA TYR B 71 3.49 3.32 -2.46
C TYR B 71 3.22 2.18 -1.50
N SER B 72 3.82 2.26 -0.32
CA SER B 72 3.67 1.19 0.65
C SER B 72 3.46 1.71 2.05
N VAL B 73 3.02 0.81 2.91
CA VAL B 73 2.78 1.13 4.28
C VAL B 73 3.01 -0.10 5.16
N GLN B 74 2.94 0.06 6.48
CA GLN B 74 3.15 -1.07 7.37
C GLN B 74 1.82 -1.60 7.89
N THR B 75 1.64 -2.88 7.67
CA THR B 75 0.44 -3.57 8.11
C THR B 75 0.73 -5.04 8.28
N THR B 76 0.23 -5.64 9.34
CA THR B 76 0.47 -7.06 9.55
C THR B 76 -0.54 -7.89 8.80
N GLU B 77 -1.46 -7.22 8.13
CA GLU B 77 -2.42 -7.90 7.28
C GLU B 77 -2.33 -7.34 5.87
N GLY B 78 -1.38 -7.86 5.12
CA GLY B 78 -1.19 -7.46 3.74
C GLY B 78 -2.09 -8.28 2.83
N GLU B 79 -1.91 -9.58 2.89
CA GLU B 79 -2.67 -10.52 2.07
C GLU B 79 -4.15 -10.19 2.12
N GLN B 80 -4.54 -9.47 3.13
CA GLN B 80 -5.93 -9.09 3.26
C GLN B 80 -6.20 -7.90 2.38
N ILE B 81 -5.24 -7.01 2.35
CA ILE B 81 -5.32 -5.82 1.53
C ILE B 81 -5.04 -6.18 0.09
N ALA B 82 -4.03 -7.03 -0.08
CA ALA B 82 -3.56 -7.45 -1.40
C ALA B 82 -4.50 -8.44 -2.08
N GLN B 83 -5.02 -9.41 -1.34
CA GLN B 83 -5.88 -10.41 -1.97
C GLN B 83 -7.13 -9.79 -2.52
N LEU B 84 -7.58 -8.79 -1.82
CA LEU B 84 -8.77 -8.07 -2.17
C LEU B 84 -8.47 -7.19 -3.38
N ILE B 85 -7.43 -6.38 -3.24
CA ILE B 85 -6.98 -5.55 -4.32
C ILE B 85 -6.89 -6.46 -5.51
N ALA B 86 -6.11 -7.50 -5.29
CA ALA B 86 -5.89 -8.54 -6.28
C ALA B 86 -7.21 -9.09 -6.78
N GLY B 87 -8.19 -9.14 -5.88
CA GLY B 87 -9.50 -9.68 -6.22
C GLY B 87 -10.37 -8.62 -6.86
N TYR B 88 -9.96 -7.39 -6.66
CA TYR B 88 -10.69 -6.27 -7.21
C TYR B 88 -10.20 -6.00 -8.62
N ILE B 89 -8.90 -6.16 -8.85
CA ILE B 89 -8.38 -5.99 -10.20
C ILE B 89 -8.88 -7.10 -11.07
N ASP B 90 -9.41 -8.09 -10.40
CA ASP B 90 -9.93 -9.27 -11.07
C ASP B 90 -11.29 -8.96 -11.63
N ILE B 91 -11.91 -7.97 -11.04
CA ILE B 91 -13.23 -7.55 -11.40
C ILE B 91 -13.21 -6.47 -12.46
N ILE B 92 -12.60 -5.36 -12.07
CA ILE B 92 -12.52 -4.18 -12.89
C ILE B 92 -11.71 -4.41 -14.17
N LEU B 93 -10.86 -5.43 -14.16
CA LEU B 93 -10.04 -5.68 -15.35
C LEU B 93 -10.90 -5.66 -16.61
N ASP A 1 5.34 -17.17 -14.31
CA ASP A 1 6.79 -16.91 -14.07
C ASP A 1 6.95 -16.13 -12.77
N ILE A 2 7.43 -14.90 -12.89
CA ILE A 2 7.61 -14.06 -11.71
C ILE A 2 8.56 -14.72 -10.72
N ASP A 3 9.26 -13.89 -9.95
CA ASP A 3 10.20 -14.39 -8.95
C ASP A 3 10.77 -13.26 -8.11
N GLN A 4 10.85 -12.06 -8.70
CA GLN A 4 11.40 -10.91 -7.99
C GLN A 4 10.29 -10.08 -7.39
N MET A 5 9.27 -9.79 -8.21
CA MET A 5 8.12 -8.99 -7.80
C MET A 5 8.09 -8.76 -6.29
N PHE A 6 7.66 -9.78 -5.57
CA PHE A 6 7.60 -9.69 -4.13
C PHE A 6 8.84 -8.98 -3.59
N SER A 7 10.00 -9.59 -3.83
CA SER A 7 11.25 -9.01 -3.37
C SER A 7 11.45 -7.62 -3.95
N THR A 8 10.99 -7.42 -5.18
CA THR A 8 11.12 -6.14 -5.85
C THR A 8 10.45 -5.02 -5.04
N LEU A 9 9.22 -5.29 -4.59
CA LEU A 9 8.48 -4.31 -3.80
C LEU A 9 9.02 -4.29 -2.38
N LEU A 10 9.27 -5.47 -1.84
CA LEU A 10 9.81 -5.59 -0.50
C LEU A 10 11.16 -4.85 -0.43
N GLY A 11 11.95 -4.94 -1.48
CA GLY A 11 13.23 -4.25 -1.53
C GLY A 11 12.98 -2.75 -1.48
N GLU A 12 11.98 -2.31 -2.23
CA GLU A 12 11.62 -0.89 -2.26
C GLU A 12 11.10 -0.48 -0.89
N MET A 13 10.37 -1.37 -0.24
CA MET A 13 9.85 -1.06 1.09
C MET A 13 11.00 -0.77 2.04
N ASP A 14 12.12 -1.44 1.84
CA ASP A 14 13.27 -1.20 2.71
C ASP A 14 13.57 0.29 2.82
N LEU A 15 13.23 1.04 1.77
CA LEU A 15 13.49 2.48 1.77
C LEU A 15 12.50 3.22 2.67
N LEU A 16 11.47 2.52 3.12
CA LEU A 16 10.47 3.12 4.01
C LEU A 16 10.86 2.89 5.47
N THR A 17 11.87 2.06 5.68
CA THR A 17 12.32 1.75 7.05
C THR A 17 13.83 1.83 7.14
N GLN A 18 14.47 2.10 6.01
CA GLN A 18 15.91 2.19 5.97
C GLN A 18 16.55 1.10 6.81
N SER A 19 16.82 1.41 8.08
CA SER A 19 17.46 0.44 8.95
C SER A 19 16.87 0.49 10.36
N LEU A 20 16.06 1.51 10.61
CA LEU A 20 15.43 1.67 11.93
C LEU A 20 14.85 0.34 12.41
N GLY A 21 13.74 -0.07 11.81
CA GLY A 21 13.10 -1.32 12.20
C GLY A 21 12.29 -1.15 13.48
N VAL A 22 11.02 -0.78 13.33
CA VAL A 22 10.16 -0.59 14.49
C VAL A 22 9.73 -1.93 15.07
N ASP A 23 10.15 -3.02 14.41
CA ASP A 23 9.81 -4.36 14.88
C ASP A 23 8.33 -4.46 15.22
N THR A 24 7.48 -4.40 14.20
CA THR A 24 6.04 -4.47 14.40
C THR A 24 5.69 -5.68 15.28
N TYR B 1 -17.48 -6.17 -0.33
CA TYR B 1 -17.98 -5.07 0.54
C TYR B 1 -17.83 -3.75 -0.19
N GLY B 2 -17.64 -3.81 -1.50
CA GLY B 2 -17.50 -2.60 -2.31
C GLY B 2 -16.17 -1.90 -1.99
N VAL B 3 -16.05 -1.41 -0.77
CA VAL B 3 -14.83 -0.72 -0.35
C VAL B 3 -14.29 -1.33 0.94
N SER B 4 -12.98 -1.59 0.96
CA SER B 4 -12.33 -2.16 2.12
C SER B 4 -11.43 -1.13 2.80
N PHE B 5 -11.22 -1.29 4.10
CA PHE B 5 -10.40 -0.34 4.86
C PHE B 5 -9.34 -1.06 5.70
N PHE B 6 -8.09 -0.55 5.69
CA PHE B 6 -7.04 -1.17 6.47
C PHE B 6 -6.19 -0.12 7.15
N LEU B 7 -5.99 -0.28 8.44
CA LEU B 7 -5.18 0.63 9.19
C LEU B 7 -3.72 0.25 9.05
N VAL B 8 -3.08 1.00 8.23
CA VAL B 8 -1.69 0.78 7.89
C VAL B 8 -0.83 1.92 8.42
N LYS B 9 0.49 1.71 8.53
CA LYS B 9 1.36 2.76 9.02
C LYS B 9 2.14 3.34 7.86
N GLU B 10 2.42 4.62 7.95
CA GLU B 10 3.12 5.31 6.87
C GLU B 10 4.24 6.20 7.39
N LYS B 11 5.23 6.38 6.55
CA LYS B 11 6.37 7.22 6.87
C LYS B 11 6.09 8.68 6.58
N MET B 12 5.80 9.43 7.65
CA MET B 12 5.53 10.86 7.53
C MET B 12 6.79 11.68 7.76
N LYS B 13 6.62 12.99 7.65
CA LYS B 13 7.72 13.90 7.86
C LYS B 13 7.63 14.50 9.25
N GLY B 14 8.78 14.85 9.79
CA GLY B 14 8.85 15.44 11.12
C GLY B 14 9.60 14.51 12.06
N LYS B 15 9.61 13.24 11.70
CA LYS B 15 10.26 12.24 12.53
C LYS B 15 11.03 11.25 11.66
N ASN B 16 11.07 10.00 12.09
CA ASN B 16 11.77 8.96 11.33
C ASN B 16 10.95 7.67 11.31
N LYS B 17 10.02 7.53 12.25
CA LYS B 17 9.19 6.34 12.32
C LYS B 17 7.96 6.48 11.44
N LEU B 18 7.10 5.47 11.48
CA LEU B 18 5.88 5.48 10.69
C LEU B 18 4.75 6.04 11.50
N VAL B 19 3.67 6.37 10.82
CA VAL B 19 2.52 6.93 11.47
C VAL B 19 1.28 6.10 11.15
N PRO B 20 0.56 5.60 12.14
CA PRO B 20 -0.65 4.80 11.86
C PRO B 20 -1.44 5.51 10.78
N ARG B 21 -2.09 4.77 9.92
CA ARG B 21 -2.80 5.39 8.84
C ARG B 21 -3.98 4.53 8.49
N LEU B 22 -4.68 4.90 7.45
CA LEU B 22 -5.85 4.19 7.08
C LEU B 22 -5.96 4.15 5.57
N LEU B 23 -6.02 2.95 5.03
CA LEU B 23 -6.10 2.75 3.61
C LEU B 23 -7.52 2.42 3.24
N GLY B 24 -7.87 2.65 1.99
CA GLY B 24 -9.19 2.31 1.55
C GLY B 24 -9.16 1.74 0.14
N ILE B 25 -9.38 0.46 0.05
CA ILE B 25 -9.43 -0.18 -1.25
C ILE B 25 -10.84 -0.11 -1.77
N THR B 26 -10.98 0.46 -2.94
CA THR B 26 -12.25 0.61 -3.57
C THR B 26 -12.23 -0.15 -4.86
N LYS B 27 -13.30 -0.86 -5.14
CA LYS B 27 -13.38 -1.63 -6.39
C LYS B 27 -13.17 -0.76 -7.62
N GLU B 28 -12.69 0.44 -7.39
CA GLU B 28 -12.41 1.39 -8.47
C GLU B 28 -11.17 2.22 -8.14
N CYS B 29 -10.60 2.01 -6.96
CA CYS B 29 -9.46 2.82 -6.55
C CYS B 29 -8.83 2.36 -5.26
N VAL B 30 -7.79 3.08 -4.91
CA VAL B 30 -7.04 2.82 -3.71
C VAL B 30 -6.77 4.16 -3.09
N MET B 31 -6.72 4.25 -1.76
CA MET B 31 -6.53 5.58 -1.20
C MET B 31 -5.89 5.59 0.17
N ARG B 32 -5.16 6.66 0.44
CA ARG B 32 -4.55 6.85 1.75
C ARG B 32 -5.46 7.71 2.60
N VAL B 33 -6.08 7.07 3.56
CA VAL B 33 -7.02 7.74 4.44
C VAL B 33 -6.37 8.11 5.76
N ASP B 34 -6.85 9.18 6.36
CA ASP B 34 -6.29 9.67 7.61
C ASP B 34 -7.01 9.05 8.79
N GLU B 35 -6.49 7.94 9.27
CA GLU B 35 -7.06 7.24 10.41
C GLU B 35 -7.64 8.22 11.42
N LYS B 36 -7.06 9.39 11.44
CA LYS B 36 -7.49 10.45 12.35
C LYS B 36 -8.81 11.08 11.89
N THR B 37 -8.90 11.34 10.58
CA THR B 37 -10.08 12.00 10.03
C THR B 37 -10.92 11.05 9.18
N LYS B 38 -10.37 9.88 8.83
CA LYS B 38 -11.09 8.91 8.03
C LYS B 38 -11.30 9.48 6.63
N GLU B 39 -10.84 10.70 6.41
CA GLU B 39 -10.97 11.34 5.12
C GLU B 39 -9.81 10.92 4.23
N VAL B 40 -10.04 10.91 2.94
CA VAL B 40 -9.02 10.49 2.00
C VAL B 40 -8.04 11.59 1.68
N ILE B 41 -6.77 11.21 1.70
CA ILE B 41 -5.71 12.14 1.37
C ILE B 41 -5.23 11.86 -0.03
N GLN B 42 -5.32 10.59 -0.43
CA GLN B 42 -4.88 10.20 -1.75
C GLN B 42 -5.82 9.20 -2.37
N GLU B 43 -5.79 9.14 -3.70
CA GLU B 43 -6.60 8.20 -4.44
C GLU B 43 -5.90 7.73 -5.69
N TRP B 44 -6.20 6.51 -6.06
CA TRP B 44 -5.64 5.95 -7.28
C TRP B 44 -6.44 4.74 -7.74
N SER B 45 -6.72 4.69 -9.04
CA SER B 45 -7.50 3.60 -9.60
C SER B 45 -6.93 2.26 -9.21
N LEU B 46 -7.83 1.34 -8.90
CA LEU B 46 -7.45 0.01 -8.56
C LEU B 46 -7.18 -0.71 -9.87
N THR B 47 -7.97 -0.34 -10.87
CA THR B 47 -7.80 -0.88 -12.21
C THR B 47 -6.59 -0.26 -12.87
N ASN B 48 -5.79 0.46 -12.07
CA ASN B 48 -4.60 1.09 -12.60
C ASN B 48 -3.36 0.48 -11.97
N ILE B 49 -3.59 -0.43 -11.02
CA ILE B 49 -2.47 -1.07 -10.35
C ILE B 49 -1.56 -1.78 -11.34
N LYS B 50 -0.26 -1.83 -11.03
CA LYS B 50 0.70 -2.48 -11.90
C LYS B 50 1.12 -3.82 -11.29
N ARG B 51 1.41 -3.77 -10.00
CA ARG B 51 1.76 -4.95 -9.24
C ARG B 51 1.91 -4.54 -7.78
N TRP B 52 1.37 -5.34 -6.89
CA TRP B 52 1.39 -5.04 -5.48
C TRP B 52 2.14 -6.13 -4.73
N ALA B 53 2.36 -5.94 -3.44
CA ALA B 53 3.11 -6.94 -2.69
C ALA B 53 2.83 -6.87 -1.21
N ALA B 54 1.97 -7.76 -0.78
CA ALA B 54 1.59 -7.84 0.61
C ALA B 54 2.64 -8.62 1.41
N SER B 55 2.81 -8.24 2.67
CA SER B 55 3.78 -8.91 3.52
C SER B 55 3.16 -9.16 4.90
N PRO B 56 3.84 -9.88 5.77
CA PRO B 56 3.31 -10.19 7.11
C PRO B 56 3.42 -9.00 8.06
N LYS B 57 4.11 -7.97 7.61
CA LYS B 57 4.31 -6.76 8.41
C LYS B 57 3.97 -5.52 7.60
N SER B 58 3.99 -5.65 6.29
CA SER B 58 3.72 -4.52 5.43
C SER B 58 3.11 -4.95 4.12
N PHE B 59 2.64 -3.96 3.39
CA PHE B 59 2.02 -4.21 2.11
C PHE B 59 2.41 -3.11 1.16
N THR B 60 2.37 -3.39 -0.12
CA THR B 60 2.83 -2.40 -1.07
C THR B 60 2.07 -2.44 -2.38
N LEU B 61 2.10 -1.30 -3.07
CA LEU B 61 1.42 -1.16 -4.34
C LEU B 61 2.33 -0.59 -5.40
N ASP B 62 2.22 -1.09 -6.64
CA ASP B 62 3.01 -0.51 -7.71
C ASP B 62 2.13 0.11 -8.77
N PHE B 63 1.93 1.39 -8.64
CA PHE B 63 1.14 2.12 -9.65
C PHE B 63 1.79 3.44 -10.01
N GLY B 64 2.58 3.43 -11.06
CA GLY B 64 3.23 4.66 -11.53
C GLY B 64 4.69 4.40 -11.81
N ASP B 65 5.05 3.12 -11.84
CA ASP B 65 6.43 2.73 -12.07
C ASP B 65 7.09 3.55 -13.15
N TYR B 66 6.28 4.25 -13.93
CA TYR B 66 6.84 5.09 -14.97
C TYR B 66 7.84 6.02 -14.33
N GLN B 67 7.48 6.46 -13.14
CA GLN B 67 8.34 7.30 -12.34
C GLN B 67 8.50 6.62 -11.00
N ASP B 68 7.64 6.99 -10.07
CA ASP B 68 7.62 6.35 -8.78
C ASP B 68 6.18 5.95 -8.50
N GLY B 69 5.89 4.71 -8.80
CA GLY B 69 4.54 4.19 -8.60
C GLY B 69 4.43 3.37 -7.33
N TYR B 70 5.53 3.20 -6.64
CA TYR B 70 5.54 2.36 -5.46
C TYR B 70 5.14 3.08 -4.19
N TYR B 71 3.92 2.79 -3.73
CA TYR B 71 3.44 3.34 -2.47
C TYR B 71 3.18 2.20 -1.51
N SER B 72 3.79 2.29 -0.33
CA SER B 72 3.66 1.23 0.65
C SER B 72 3.47 1.75 2.05
N VAL B 73 3.01 0.85 2.90
CA VAL B 73 2.80 1.17 4.29
C VAL B 73 3.00 -0.06 5.16
N GLN B 74 2.99 0.10 6.48
CA GLN B 74 3.18 -1.03 7.38
C GLN B 74 1.85 -1.54 7.90
N THR B 75 1.66 -2.82 7.69
CA THR B 75 0.45 -3.49 8.14
C THR B 75 0.73 -4.96 8.34
N THR B 76 0.25 -5.52 9.43
CA THR B 76 0.48 -6.94 9.67
C THR B 76 -0.57 -7.80 9.00
N GLU B 77 -1.27 -7.18 8.07
CA GLU B 77 -2.24 -7.91 7.26
C GLU B 77 -2.23 -7.35 5.85
N GLY B 78 -1.28 -7.84 5.06
CA GLY B 78 -1.17 -7.43 3.68
C GLY B 78 -2.07 -8.28 2.80
N GLU B 79 -1.84 -9.58 2.86
CA GLU B 79 -2.60 -10.55 2.08
C GLU B 79 -4.07 -10.24 2.13
N GLN B 80 -4.47 -9.51 3.14
CA GLN B 80 -5.87 -9.15 3.28
C GLN B 80 -6.16 -7.95 2.39
N ILE B 81 -5.21 -7.05 2.36
CA ILE B 81 -5.31 -5.86 1.54
C ILE B 81 -5.03 -6.23 0.09
N ALA B 82 -4.01 -7.06 -0.08
CA ALA B 82 -3.56 -7.49 -1.40
C ALA B 82 -4.50 -8.47 -2.08
N GLN B 83 -5.02 -9.44 -1.34
CA GLN B 83 -5.88 -10.44 -1.98
C GLN B 83 -7.13 -9.81 -2.52
N LEU B 84 -7.58 -8.82 -1.81
CA LEU B 84 -8.77 -8.09 -2.15
C LEU B 84 -8.47 -7.22 -3.36
N ILE B 85 -7.44 -6.42 -3.23
CA ILE B 85 -6.99 -5.59 -4.31
C ILE B 85 -6.90 -6.49 -5.50
N ALA B 86 -6.11 -7.53 -5.29
CA ALA B 86 -5.89 -8.58 -6.28
C ALA B 86 -7.22 -9.13 -6.78
N GLY B 87 -8.19 -9.16 -5.88
CA GLY B 87 -9.50 -9.71 -6.22
C GLY B 87 -10.36 -8.65 -6.86
N TYR B 88 -9.97 -7.41 -6.66
CA TYR B 88 -10.69 -6.30 -7.20
C TYR B 88 -10.19 -6.01 -8.61
N ILE B 89 -8.89 -6.18 -8.83
CA ILE B 89 -8.37 -6.01 -10.19
C ILE B 89 -8.86 -7.13 -11.06
N ASP B 90 -9.40 -8.11 -10.39
CA ASP B 90 -9.91 -9.29 -11.07
C ASP B 90 -11.27 -8.99 -11.66
N ILE B 91 -11.87 -7.99 -11.08
CA ILE B 91 -13.19 -7.55 -11.46
C ILE B 91 -13.15 -6.47 -12.52
N ILE B 92 -12.54 -5.37 -12.11
CA ILE B 92 -12.44 -4.18 -12.94
C ILE B 92 -11.61 -4.42 -14.18
N LEU B 93 -10.76 -5.45 -14.18
CA LEU B 93 -9.93 -5.70 -15.35
C LEU B 93 -10.76 -5.66 -16.64
N ASP A 1 6.14 -17.18 -14.37
CA ASP A 1 7.51 -16.59 -14.26
C ASP A 1 7.58 -15.71 -13.02
N ILE A 2 8.18 -14.54 -13.16
CA ILE A 2 8.32 -13.63 -12.05
C ILE A 2 9.05 -14.28 -10.89
N ASP A 3 9.74 -13.46 -10.10
CA ASP A 3 10.48 -13.96 -8.96
C ASP A 3 11.04 -12.82 -8.11
N GLN A 4 11.31 -11.69 -8.76
CA GLN A 4 11.85 -10.53 -8.06
C GLN A 4 10.74 -9.69 -7.45
N MET A 5 9.67 -9.48 -8.23
CA MET A 5 8.52 -8.69 -7.80
C MET A 5 8.49 -8.51 -6.30
N PHE A 6 8.03 -9.52 -5.60
CA PHE A 6 7.96 -9.47 -4.15
C PHE A 6 9.19 -8.74 -3.60
N SER A 7 10.37 -9.33 -3.83
CA SER A 7 11.61 -8.72 -3.35
C SER A 7 11.75 -7.30 -3.88
N THR A 8 11.15 -7.03 -5.04
CA THR A 8 11.22 -5.71 -5.65
C THR A 8 10.51 -4.68 -4.78
N LEU A 9 9.29 -4.99 -4.37
CA LEU A 9 8.53 -4.07 -3.53
C LEU A 9 9.04 -4.17 -2.10
N LEU A 10 9.27 -5.39 -1.64
CA LEU A 10 9.79 -5.59 -0.30
C LEU A 10 11.12 -4.87 -0.14
N GLY A 11 11.97 -4.95 -1.18
CA GLY A 11 13.25 -4.26 -1.15
C GLY A 11 13.01 -2.76 -0.99
N GLU A 12 12.05 -2.25 -1.75
CA GLU A 12 11.69 -0.84 -1.67
C GLU A 12 11.17 -0.52 -0.29
N MET A 13 10.48 -1.46 0.32
CA MET A 13 9.97 -1.24 1.67
C MET A 13 11.12 -1.19 2.67
N ASP A 14 12.17 -1.96 2.40
CA ASP A 14 13.33 -1.98 3.29
C ASP A 14 13.86 -0.57 3.50
N LEU A 15 13.52 0.34 2.58
CA LEU A 15 14.00 1.71 2.70
C LEU A 15 13.29 2.45 3.83
N LEU A 16 11.99 2.18 4.00
CA LEU A 16 11.24 2.82 5.07
C LEU A 16 11.08 1.87 6.25
N THR A 17 11.76 0.72 6.15
CA THR A 17 11.70 -0.28 7.23
C THR A 17 13.09 -0.66 7.71
N GLN A 18 14.08 -0.52 6.83
CA GLN A 18 15.43 -0.85 7.15
C GLN A 18 15.50 -2.09 8.02
N SER A 19 15.50 -1.89 9.34
CA SER A 19 15.58 -3.00 10.26
C SER A 19 14.69 -2.78 11.48
N LEU A 20 14.14 -1.58 11.59
CA LEU A 20 13.27 -1.24 12.72
C LEU A 20 12.01 -2.11 12.70
N GLY A 21 10.98 -1.64 12.02
CA GLY A 21 9.72 -2.38 11.94
C GLY A 21 9.24 -2.80 13.32
N VAL A 22 9.52 -1.96 14.31
CA VAL A 22 9.11 -2.25 15.68
C VAL A 22 7.87 -1.44 16.05
N ASP A 23 8.02 -0.50 16.97
CA ASP A 23 6.90 0.33 17.40
C ASP A 23 5.63 -0.52 17.57
N THR A 24 5.82 -1.81 17.80
CA THR A 24 4.69 -2.72 17.98
C THR A 24 5.08 -3.90 18.84
N TYR B 1 -17.15 -6.30 -0.73
CA TYR B 1 -17.71 -5.33 0.26
C TYR B 1 -17.61 -3.92 -0.31
N GLY B 2 -17.61 -3.81 -1.63
CA GLY B 2 -17.52 -2.52 -2.29
C GLY B 2 -16.19 -1.84 -1.97
N VAL B 3 -16.07 -1.34 -0.74
CA VAL B 3 -14.86 -0.67 -0.31
C VAL B 3 -14.32 -1.30 0.98
N SER B 4 -13.01 -1.54 1.01
CA SER B 4 -12.37 -2.13 2.17
C SER B 4 -11.47 -1.11 2.86
N PHE B 5 -11.27 -1.27 4.16
CA PHE B 5 -10.45 -0.32 4.93
C PHE B 5 -9.38 -1.05 5.74
N PHE B 6 -8.14 -0.54 5.74
CA PHE B 6 -7.07 -1.17 6.51
C PHE B 6 -6.21 -0.12 7.18
N LEU B 7 -6.00 -0.29 8.47
CA LEU B 7 -5.16 0.62 9.21
C LEU B 7 -3.72 0.24 9.01
N VAL B 8 -3.09 1.04 8.20
CA VAL B 8 -1.72 0.81 7.81
C VAL B 8 -0.86 2.01 8.21
N LYS B 9 0.45 1.79 8.38
CA LYS B 9 1.32 2.90 8.74
C LYS B 9 1.91 3.50 7.49
N GLU B 10 1.98 4.81 7.45
CA GLU B 10 2.49 5.50 6.28
C GLU B 10 3.62 6.47 6.61
N LYS B 11 4.47 6.68 5.62
CA LYS B 11 5.60 7.55 5.77
C LYS B 11 5.20 9.01 5.72
N MET B 12 5.15 9.62 6.90
CA MET B 12 4.78 11.02 7.01
C MET B 12 6.01 11.89 7.23
N LYS B 13 5.77 13.19 7.33
CA LYS B 13 6.83 14.14 7.56
C LYS B 13 6.94 14.45 9.04
N GLY B 14 8.16 14.67 9.47
CA GLY B 14 8.43 14.99 10.87
C GLY B 14 9.43 14.00 11.44
N LYS B 15 9.45 12.82 10.85
CA LYS B 15 10.36 11.78 11.31
C LYS B 15 10.92 11.01 10.12
N ASN B 16 11.09 9.70 10.29
CA ASN B 16 11.63 8.87 9.22
C ASN B 16 10.84 7.56 9.11
N LYS B 17 10.11 7.21 10.17
CA LYS B 17 9.34 5.99 10.17
C LYS B 17 7.93 6.23 9.65
N LEU B 18 7.12 5.18 9.63
CA LEU B 18 5.76 5.28 9.18
C LEU B 18 4.86 5.71 10.32
N VAL B 19 3.71 6.21 9.96
CA VAL B 19 2.76 6.68 10.94
C VAL B 19 1.43 5.95 10.79
N PRO B 20 0.85 5.41 11.85
CA PRO B 20 -0.46 4.73 11.74
C PRO B 20 -1.31 5.47 10.74
N ARG B 21 -2.03 4.75 9.91
CA ARG B 21 -2.80 5.40 8.89
C ARG B 21 -3.98 4.55 8.55
N LEU B 22 -4.69 4.93 7.54
CA LEU B 22 -5.87 4.21 7.17
C LEU B 22 -5.99 4.18 5.66
N LEU B 23 -6.07 2.98 5.12
CA LEU B 23 -6.17 2.79 3.69
C LEU B 23 -7.58 2.46 3.32
N GLY B 24 -7.95 2.69 2.08
CA GLY B 24 -9.26 2.35 1.63
C GLY B 24 -9.21 1.79 0.23
N ILE B 25 -9.42 0.49 0.12
CA ILE B 25 -9.45 -0.13 -1.18
C ILE B 25 -10.85 -0.07 -1.71
N THR B 26 -11.00 0.53 -2.87
CA THR B 26 -12.27 0.67 -3.50
C THR B 26 -12.24 -0.08 -4.80
N LYS B 27 -13.31 -0.78 -5.10
CA LYS B 27 -13.37 -1.55 -6.34
C LYS B 27 -13.15 -0.68 -7.56
N GLU B 28 -12.68 0.52 -7.33
CA GLU B 28 -12.38 1.46 -8.39
C GLU B 28 -11.15 2.29 -8.06
N CYS B 29 -10.58 2.08 -6.88
CA CYS B 29 -9.44 2.89 -6.47
C CYS B 29 -8.83 2.43 -5.17
N VAL B 30 -7.79 3.14 -4.81
CA VAL B 30 -7.03 2.88 -3.60
C VAL B 30 -6.77 4.21 -2.96
N MET B 31 -6.73 4.31 -1.65
CA MET B 31 -6.55 5.63 -1.08
C MET B 31 -5.92 5.63 0.30
N ARG B 32 -5.19 6.71 0.58
CA ARG B 32 -4.57 6.90 1.88
C ARG B 32 -5.51 7.74 2.73
N VAL B 33 -6.14 7.10 3.69
CA VAL B 33 -7.08 7.77 4.56
C VAL B 33 -6.43 8.13 5.88
N ASP B 34 -6.92 9.20 6.48
CA ASP B 34 -6.37 9.69 7.74
C ASP B 34 -7.09 9.05 8.91
N GLU B 35 -6.53 7.95 9.39
CA GLU B 35 -7.09 7.23 10.52
C GLU B 35 -7.69 8.19 11.54
N LYS B 36 -7.14 9.38 11.57
CA LYS B 36 -7.59 10.41 12.47
C LYS B 36 -8.91 11.03 12.01
N THR B 37 -9.01 11.31 10.71
CA THR B 37 -10.20 11.94 10.17
C THR B 37 -11.02 10.98 9.30
N LYS B 38 -10.44 9.83 8.95
CA LYS B 38 -11.15 8.87 8.13
C LYS B 38 -11.37 9.43 6.73
N GLU B 39 -10.92 10.67 6.53
CA GLU B 39 -11.06 11.32 5.24
C GLU B 39 -9.89 10.92 4.36
N VAL B 40 -10.13 10.93 3.06
CA VAL B 40 -9.09 10.52 2.12
C VAL B 40 -8.15 11.64 1.79
N ILE B 41 -6.87 11.31 1.80
CA ILE B 41 -5.84 12.27 1.46
C ILE B 41 -5.34 11.96 0.07
N GLN B 42 -5.38 10.68 -0.30
CA GLN B 42 -4.91 10.27 -1.61
C GLN B 42 -5.83 9.26 -2.23
N GLU B 43 -5.79 9.21 -3.55
CA GLU B 43 -6.60 8.27 -4.30
C GLU B 43 -5.88 7.80 -5.55
N TRP B 44 -6.17 6.57 -5.94
CA TRP B 44 -5.60 6.01 -7.15
C TRP B 44 -6.40 4.81 -7.61
N SER B 45 -6.67 4.77 -8.92
CA SER B 45 -7.45 3.69 -9.49
C SER B 45 -6.89 2.34 -9.11
N LEU B 46 -7.79 1.43 -8.81
CA LEU B 46 -7.42 0.09 -8.48
C LEU B 46 -7.14 -0.61 -9.79
N THR B 47 -7.92 -0.25 -10.79
CA THR B 47 -7.75 -0.78 -12.14
C THR B 47 -6.53 -0.15 -12.79
N ASN B 48 -5.74 0.56 -11.98
CA ASN B 48 -4.54 1.20 -12.50
C ASN B 48 -3.31 0.57 -11.87
N ILE B 49 -3.53 -0.33 -10.94
CA ILE B 49 -2.42 -0.98 -10.26
C ILE B 49 -1.51 -1.69 -11.27
N LYS B 50 -0.21 -1.75 -10.94
CA LYS B 50 0.76 -2.41 -11.83
C LYS B 50 1.17 -3.73 -11.21
N ARG B 51 1.44 -3.68 -9.92
CA ARG B 51 1.81 -4.87 -9.16
C ARG B 51 1.95 -4.47 -7.70
N TRP B 52 1.42 -5.29 -6.82
CA TRP B 52 1.45 -4.99 -5.40
C TRP B 52 2.20 -6.08 -4.67
N ALA B 53 2.41 -5.90 -3.37
CA ALA B 53 3.17 -6.90 -2.63
C ALA B 53 2.86 -6.85 -1.15
N ALA B 54 1.99 -7.75 -0.73
CA ALA B 54 1.62 -7.86 0.65
C ALA B 54 2.66 -8.64 1.44
N SER B 55 2.83 -8.28 2.72
CA SER B 55 3.79 -8.96 3.56
C SER B 55 3.18 -9.23 4.93
N PRO B 56 3.86 -9.94 5.80
CA PRO B 56 3.32 -10.26 7.16
C PRO B 56 3.45 -9.08 8.11
N LYS B 57 4.13 -8.05 7.65
CA LYS B 57 4.35 -6.85 8.45
C LYS B 57 4.01 -5.60 7.67
N SER B 58 4.02 -5.73 6.36
CA SER B 58 3.74 -4.58 5.51
C SER B 58 3.15 -5.00 4.19
N PHE B 59 2.65 -4.01 3.48
CA PHE B 59 2.05 -4.25 2.19
C PHE B 59 2.43 -3.13 1.25
N THR B 60 2.38 -3.39 -0.04
CA THR B 60 2.86 -2.40 -0.98
C THR B 60 2.09 -2.42 -2.28
N LEU B 61 2.17 -1.29 -2.98
CA LEU B 61 1.47 -1.12 -4.24
C LEU B 61 2.38 -0.55 -5.29
N ASP B 62 2.28 -1.03 -6.55
CA ASP B 62 3.08 -0.45 -7.61
C ASP B 62 2.19 0.17 -8.66
N PHE B 63 1.99 1.46 -8.54
CA PHE B 63 1.19 2.19 -9.51
C PHE B 63 1.83 3.53 -9.86
N GLY B 64 2.61 3.52 -10.94
CA GLY B 64 3.26 4.74 -11.40
C GLY B 64 4.71 4.49 -11.69
N ASP B 65 5.06 3.23 -11.75
CA ASP B 65 6.43 2.82 -12.01
C ASP B 65 7.08 3.66 -13.10
N TYR B 66 6.27 4.38 -13.85
CA TYR B 66 6.81 5.22 -14.88
C TYR B 66 7.83 6.14 -14.26
N GLN B 67 7.50 6.55 -13.05
CA GLN B 67 8.39 7.38 -12.26
C GLN B 67 8.56 6.69 -10.92
N ASP B 68 7.72 7.06 -9.98
CA ASP B 68 7.71 6.40 -8.70
C ASP B 68 6.28 6.01 -8.39
N GLY B 69 5.96 4.77 -8.70
CA GLY B 69 4.61 4.28 -8.49
C GLY B 69 4.49 3.46 -7.22
N TYR B 70 5.61 3.26 -6.56
CA TYR B 70 5.63 2.41 -5.39
C TYR B 70 5.26 3.11 -4.10
N TYR B 71 4.04 2.83 -3.63
CA TYR B 71 3.60 3.37 -2.35
C TYR B 71 3.34 2.21 -1.40
N SER B 72 3.94 2.28 -0.21
CA SER B 72 3.81 1.20 0.74
C SER B 72 3.59 1.70 2.13
N VAL B 73 3.01 0.82 2.94
CA VAL B 73 2.72 1.13 4.31
C VAL B 73 2.97 -0.10 5.18
N GLN B 74 2.91 0.08 6.50
CA GLN B 74 3.13 -1.04 7.42
C GLN B 74 1.81 -1.58 7.94
N THR B 75 1.65 -2.86 7.75
CA THR B 75 0.46 -3.56 8.21
C THR B 75 0.77 -5.03 8.40
N THR B 76 0.28 -5.61 9.48
CA THR B 76 0.54 -7.02 9.71
C THR B 76 -0.50 -7.89 9.03
N GLU B 77 -1.22 -7.27 8.12
CA GLU B 77 -2.19 -8.00 7.30
C GLU B 77 -2.19 -7.42 5.89
N GLY B 78 -1.27 -7.89 5.08
CA GLY B 78 -1.18 -7.46 3.71
C GLY B 78 -2.09 -8.30 2.84
N GLU B 79 -1.88 -9.60 2.90
CA GLU B 79 -2.64 -10.55 2.11
C GLU B 79 -4.12 -10.24 2.17
N GLN B 80 -4.51 -9.49 3.17
CA GLN B 80 -5.89 -9.11 3.32
C GLN B 80 -6.17 -7.91 2.43
N ILE B 81 -5.21 -7.02 2.42
CA ILE B 81 -5.30 -5.83 1.59
C ILE B 81 -5.02 -6.18 0.15
N ALA B 82 -4.01 -7.02 -0.03
CA ALA B 82 -3.55 -7.43 -1.35
C ALA B 82 -4.49 -8.41 -2.04
N GLN B 83 -5.02 -9.39 -1.31
CA GLN B 83 -5.87 -10.39 -1.96
C GLN B 83 -7.12 -9.74 -2.50
N LEU B 84 -7.57 -8.76 -1.77
CA LEU B 84 -8.77 -8.03 -2.12
C LEU B 84 -8.46 -7.14 -3.32
N ILE B 85 -7.42 -6.34 -3.19
CA ILE B 85 -6.98 -5.51 -4.25
C ILE B 85 -6.87 -6.40 -5.45
N ALA B 86 -6.09 -7.45 -5.24
CA ALA B 86 -5.87 -8.47 -6.23
C ALA B 86 -7.20 -9.02 -6.74
N GLY B 87 -8.17 -9.08 -5.85
CA GLY B 87 -9.47 -9.62 -6.19
C GLY B 87 -10.34 -8.56 -6.83
N TYR B 88 -9.94 -7.32 -6.63
CA TYR B 88 -10.67 -6.20 -7.17
C TYR B 88 -10.17 -5.92 -8.58
N ILE B 89 -8.87 -6.08 -8.80
CA ILE B 89 -8.34 -5.90 -10.15
C ILE B 89 -8.83 -7.02 -11.02
N ASP B 90 -9.37 -8.01 -10.37
CA ASP B 90 -9.89 -9.18 -11.04
C ASP B 90 -11.23 -8.87 -11.63
N ILE B 91 -11.85 -7.87 -11.04
CA ILE B 91 -13.16 -7.43 -11.43
C ILE B 91 -13.11 -6.34 -12.49
N ILE B 92 -12.50 -5.25 -12.08
CA ILE B 92 -12.40 -4.06 -12.89
C ILE B 92 -11.57 -4.29 -14.15
N LEU B 93 -10.73 -5.32 -14.15
CA LEU B 93 -9.89 -5.56 -15.31
C LEU B 93 -10.73 -5.53 -16.59
N ASP A 1 8.42 -9.33 -12.39
CA ASP A 1 8.45 -10.77 -12.77
C ASP A 1 8.09 -11.62 -11.57
N ILE A 2 7.14 -12.52 -11.76
CA ILE A 2 6.71 -13.40 -10.67
C ILE A 2 7.91 -13.89 -9.88
N ASP A 3 7.63 -14.42 -8.70
CA ASP A 3 8.67 -14.94 -7.83
C ASP A 3 9.51 -13.80 -7.24
N GLN A 4 9.94 -12.88 -8.08
CA GLN A 4 10.74 -11.76 -7.62
C GLN A 4 9.87 -10.66 -7.05
N MET A 5 8.79 -10.34 -7.78
CA MET A 5 7.84 -9.30 -7.38
C MET A 5 7.88 -9.04 -5.88
N PHE A 6 7.42 -10.01 -5.13
CA PHE A 6 7.41 -9.89 -3.68
C PHE A 6 8.68 -9.19 -3.21
N SER A 7 9.82 -9.79 -3.54
CA SER A 7 11.11 -9.21 -3.15
C SER A 7 11.35 -7.89 -3.87
N THR A 8 10.88 -7.80 -5.11
CA THR A 8 11.06 -6.60 -5.91
C THR A 8 10.38 -5.39 -5.24
N LEU A 9 9.35 -5.66 -4.46
CA LEU A 9 8.63 -4.60 -3.76
C LEU A 9 9.17 -4.47 -2.34
N LEU A 10 9.45 -5.61 -1.72
CA LEU A 10 9.98 -5.61 -0.37
C LEU A 10 11.32 -4.85 -0.35
N GLY A 11 12.16 -5.08 -1.36
CA GLY A 11 13.43 -4.39 -1.44
C GLY A 11 13.18 -2.88 -1.52
N GLU A 12 12.13 -2.51 -2.23
CA GLU A 12 11.76 -1.11 -2.36
C GLU A 12 11.22 -0.59 -1.04
N MET A 13 10.45 -1.42 -0.35
CA MET A 13 9.91 -1.01 0.93
C MET A 13 11.04 -0.63 1.87
N ASP A 14 12.19 -1.26 1.72
CA ASP A 14 13.33 -0.93 2.58
C ASP A 14 13.59 0.57 2.55
N LEU A 15 13.23 1.22 1.45
CA LEU A 15 13.45 2.67 1.34
C LEU A 15 12.41 3.46 2.14
N LEU A 16 11.41 2.76 2.65
CA LEU A 16 10.36 3.41 3.46
C LEU A 16 10.72 3.34 4.93
N THR A 17 11.75 2.57 5.26
CA THR A 17 12.17 2.43 6.66
C THR A 17 13.64 2.78 6.81
N GLN A 18 14.31 2.94 5.68
CA GLN A 18 15.71 3.27 5.69
C GLN A 18 16.49 2.27 6.52
N SER A 19 16.52 2.48 7.83
CA SER A 19 17.29 1.59 8.71
C SER A 19 16.72 1.59 10.12
N LEU A 20 15.82 2.53 10.39
CA LEU A 20 15.21 2.64 11.71
C LEU A 20 14.44 1.37 12.05
N GLY A 21 14.07 0.61 11.03
CA GLY A 21 13.32 -0.62 11.23
C GLY A 21 13.95 -1.46 12.34
N VAL A 22 15.27 -1.38 12.46
CA VAL A 22 15.99 -2.13 13.48
C VAL A 22 15.71 -3.62 13.34
N ASP A 23 14.93 -3.99 12.33
CA ASP A 23 14.59 -5.38 12.09
C ASP A 23 14.09 -5.58 10.66
N THR A 24 12.83 -5.22 10.43
CA THR A 24 12.24 -5.36 9.10
C THR A 24 13.23 -4.93 8.02
N TYR B 1 -17.35 -7.86 0.59
CA TYR B 1 -17.85 -6.52 0.98
C TYR B 1 -17.28 -5.47 0.04
N GLY B 2 -18.01 -4.36 -0.12
CA GLY B 2 -17.57 -3.28 -1.00
C GLY B 2 -16.22 -2.73 -0.54
N VAL B 3 -16.10 -1.41 -0.59
CA VAL B 3 -14.86 -0.76 -0.18
C VAL B 3 -14.28 -1.42 1.07
N SER B 4 -12.96 -1.60 1.08
CA SER B 4 -12.29 -2.22 2.22
C SER B 4 -11.42 -1.20 2.92
N PHE B 5 -11.18 -1.41 4.22
CA PHE B 5 -10.38 -0.47 5.01
C PHE B 5 -9.28 -1.19 5.80
N PHE B 6 -8.04 -0.67 5.78
CA PHE B 6 -6.98 -1.31 6.53
C PHE B 6 -6.11 -0.26 7.20
N LEU B 7 -5.90 -0.43 8.48
CA LEU B 7 -5.05 0.48 9.23
C LEU B 7 -3.61 0.12 9.01
N VAL B 8 -3.00 0.96 8.24
CA VAL B 8 -1.62 0.78 7.85
C VAL B 8 -0.77 1.95 8.35
N LYS B 9 0.55 1.76 8.43
CA LYS B 9 1.42 2.83 8.88
C LYS B 9 2.10 3.47 7.68
N GLU B 10 2.30 4.76 7.76
CA GLU B 10 2.91 5.49 6.67
C GLU B 10 4.01 6.42 7.13
N LYS B 11 4.96 6.62 6.24
CA LYS B 11 6.10 7.49 6.50
C LYS B 11 5.73 8.95 6.26
N MET B 12 5.50 9.66 7.36
CA MET B 12 5.16 11.08 7.28
C MET B 12 6.39 11.95 7.45
N LYS B 13 6.17 13.25 7.38
CA LYS B 13 7.24 14.20 7.53
C LYS B 13 7.23 14.78 8.94
N GLY B 14 8.41 15.15 9.40
CA GLY B 14 8.56 15.71 10.73
C GLY B 14 9.39 14.79 11.59
N LYS B 15 9.42 13.52 11.21
CA LYS B 15 10.16 12.52 11.95
C LYS B 15 10.90 11.58 11.01
N ASN B 16 10.97 10.30 11.39
CA ASN B 16 11.65 9.32 10.56
C ASN B 16 10.88 8.00 10.57
N LYS B 17 10.03 7.81 11.58
CA LYS B 17 9.26 6.58 11.69
C LYS B 17 7.97 6.69 10.89
N LEU B 18 7.15 5.64 10.98
CA LEU B 18 5.88 5.62 10.28
C LEU B 18 4.78 6.13 11.19
N VAL B 19 3.67 6.46 10.57
CA VAL B 19 2.54 6.96 11.32
C VAL B 19 1.31 6.10 11.06
N PRO B 20 0.67 5.54 12.08
CA PRO B 20 -0.54 4.72 11.85
C PRO B 20 -1.41 5.45 10.86
N ARG B 21 -2.09 4.72 10.00
CA ARG B 21 -2.88 5.36 9.00
C ARG B 21 -4.03 4.47 8.66
N LEU B 22 -4.78 4.85 7.66
CA LEU B 22 -5.94 4.11 7.30
C LEU B 22 -6.06 4.08 5.79
N LEU B 23 -6.05 2.88 5.24
CA LEU B 23 -6.13 2.69 3.81
C LEU B 23 -7.54 2.35 3.44
N GLY B 24 -7.90 2.59 2.19
CA GLY B 24 -9.21 2.26 1.73
C GLY B 24 -9.15 1.72 0.32
N ILE B 25 -9.38 0.43 0.17
CA ILE B 25 -9.40 -0.16 -1.14
C ILE B 25 -10.81 -0.07 -1.68
N THR B 26 -10.92 0.55 -2.83
CA THR B 26 -12.19 0.73 -3.48
C THR B 26 -12.14 0.00 -4.79
N LYS B 27 -13.21 -0.68 -5.12
CA LYS B 27 -13.28 -1.43 -6.38
C LYS B 27 -13.04 -0.51 -7.58
N GLU B 28 -12.53 0.67 -7.32
CA GLU B 28 -12.23 1.64 -8.36
C GLU B 28 -10.98 2.44 -8.00
N CYS B 29 -10.43 2.20 -6.80
CA CYS B 29 -9.27 2.98 -6.37
C CYS B 29 -8.70 2.50 -5.07
N VAL B 30 -7.63 3.16 -4.71
CA VAL B 30 -6.91 2.88 -3.48
C VAL B 30 -6.67 4.20 -2.81
N MET B 31 -6.69 4.26 -1.50
CA MET B 31 -6.54 5.59 -0.90
C MET B 31 -5.94 5.58 0.50
N ARG B 32 -5.25 6.67 0.81
CA ARG B 32 -4.67 6.84 2.13
C ARG B 32 -5.63 7.67 2.97
N VAL B 33 -6.29 7.00 3.89
CA VAL B 33 -7.26 7.64 4.75
C VAL B 33 -6.64 8.04 6.08
N ASP B 34 -7.18 9.10 6.65
CA ASP B 34 -6.66 9.63 7.91
C ASP B 34 -7.32 8.95 9.08
N GLU B 35 -6.71 7.87 9.55
CA GLU B 35 -7.23 7.10 10.68
C GLU B 35 -7.86 8.02 11.70
N LYS B 36 -7.38 9.25 11.73
CA LYS B 36 -7.88 10.25 12.65
C LYS B 36 -9.23 10.80 12.20
N THR B 37 -9.35 11.09 10.91
CA THR B 37 -10.57 11.67 10.37
C THR B 37 -11.35 10.68 9.52
N LYS B 38 -10.72 9.56 9.15
CA LYS B 38 -11.40 8.56 8.33
C LYS B 38 -11.64 9.12 6.93
N GLU B 39 -11.24 10.36 6.72
CA GLU B 39 -11.39 11.00 5.43
C GLU B 39 -10.19 10.66 4.55
N VAL B 40 -10.41 10.67 3.26
CA VAL B 40 -9.35 10.32 2.33
C VAL B 40 -8.42 11.48 2.06
N ILE B 41 -7.13 11.18 2.11
CA ILE B 41 -6.12 12.17 1.84
C ILE B 41 -5.57 11.92 0.45
N GLN B 42 -5.56 10.65 0.04
CA GLN B 42 -5.05 10.30 -1.25
C GLN B 42 -5.91 9.25 -1.93
N GLU B 43 -5.81 9.21 -3.24
CA GLU B 43 -6.54 8.24 -4.04
C GLU B 43 -5.73 7.77 -5.22
N TRP B 44 -5.99 6.54 -5.62
CA TRP B 44 -5.31 5.97 -6.77
C TRP B 44 -6.10 4.80 -7.33
N SER B 45 -6.42 4.88 -8.62
CA SER B 45 -7.19 3.84 -9.27
C SER B 45 -6.69 2.46 -8.92
N LEU B 46 -7.62 1.55 -8.73
CA LEU B 46 -7.29 0.19 -8.44
C LEU B 46 -7.05 -0.48 -9.78
N THR B 47 -7.84 -0.05 -10.75
CA THR B 47 -7.70 -0.56 -12.11
C THR B 47 -6.46 0.03 -12.75
N ASN B 48 -5.65 0.70 -11.95
CA ASN B 48 -4.42 1.28 -12.46
C ASN B 48 -3.23 0.55 -11.89
N ILE B 49 -3.48 -0.34 -10.95
CA ILE B 49 -2.40 -1.08 -10.33
C ILE B 49 -1.57 -1.83 -11.37
N LYS B 50 -0.25 -1.96 -11.11
CA LYS B 50 0.64 -2.67 -12.02
C LYS B 50 1.03 -4.00 -11.39
N ARG B 51 1.40 -3.92 -10.12
CA ARG B 51 1.76 -5.11 -9.35
C ARG B 51 1.95 -4.67 -7.90
N TRP B 52 1.41 -5.44 -6.99
CA TRP B 52 1.47 -5.10 -5.59
C TRP B 52 2.21 -6.20 -4.83
N ALA B 53 2.40 -6.01 -3.53
CA ALA B 53 3.14 -7.00 -2.77
C ALA B 53 2.84 -6.93 -1.29
N ALA B 54 1.96 -7.79 -0.87
CA ALA B 54 1.57 -7.87 0.52
C ALA B 54 2.60 -8.66 1.32
N SER B 55 2.81 -8.27 2.58
CA SER B 55 3.76 -8.94 3.43
C SER B 55 3.14 -9.19 4.81
N PRO B 56 3.80 -9.90 5.68
CA PRO B 56 3.28 -10.21 7.03
C PRO B 56 3.39 -9.02 7.98
N LYS B 57 4.09 -8.00 7.51
CA LYS B 57 4.30 -6.78 8.31
C LYS B 57 3.97 -5.54 7.51
N SER B 58 3.98 -5.68 6.20
CA SER B 58 3.70 -4.55 5.34
C SER B 58 3.10 -4.97 4.03
N PHE B 59 2.59 -3.98 3.31
CA PHE B 59 1.99 -4.24 2.03
C PHE B 59 2.41 -3.14 1.08
N THR B 60 2.37 -3.43 -0.21
CA THR B 60 2.87 -2.44 -1.15
C THR B 60 2.16 -2.48 -2.48
N LEU B 61 2.17 -1.35 -3.17
CA LEU B 61 1.53 -1.21 -4.46
C LEU B 61 2.50 -0.70 -5.49
N ASP B 62 2.43 -1.22 -6.72
CA ASP B 62 3.29 -0.71 -7.77
C ASP B 62 2.47 -0.11 -8.88
N PHE B 63 2.28 1.18 -8.81
CA PHE B 63 1.57 1.89 -9.88
C PHE B 63 2.25 3.20 -10.23
N GLY B 64 3.09 3.17 -11.24
CA GLY B 64 3.76 4.38 -11.69
C GLY B 64 5.25 4.13 -11.86
N ASP B 65 5.61 2.86 -11.84
CA ASP B 65 7.00 2.46 -11.95
C ASP B 65 7.74 3.25 -13.02
N TYR B 66 7.00 3.92 -13.87
CA TYR B 66 7.60 4.73 -14.89
C TYR B 66 8.55 5.69 -14.21
N GLN B 67 8.11 6.16 -13.06
CA GLN B 67 8.89 7.04 -12.23
C GLN B 67 8.97 6.42 -10.86
N ASP B 68 8.03 6.81 -10.01
CA ASP B 68 7.92 6.22 -8.70
C ASP B 68 6.48 5.82 -8.51
N GLY B 69 6.23 4.57 -8.79
CA GLY B 69 4.87 4.03 -8.67
C GLY B 69 4.67 3.24 -7.39
N TYR B 70 5.73 3.09 -6.63
CA TYR B 70 5.67 2.28 -5.43
C TYR B 70 5.15 2.99 -4.22
N TYR B 71 3.91 2.64 -3.84
CA TYR B 71 3.31 3.19 -2.63
C TYR B 71 3.09 2.06 -1.64
N SER B 72 3.70 2.20 -0.48
CA SER B 72 3.62 1.17 0.52
C SER B 72 3.43 1.70 1.92
N VAL B 73 2.99 0.81 2.79
CA VAL B 73 2.79 1.14 4.17
C VAL B 73 3.04 -0.08 5.06
N GLN B 74 2.97 0.10 6.38
CA GLN B 74 3.18 -1.02 7.29
C GLN B 74 1.86 -1.53 7.82
N THR B 75 1.66 -2.80 7.61
CA THR B 75 0.45 -3.48 8.05
C THR B 75 0.74 -4.97 8.24
N THR B 76 0.25 -5.53 9.32
CA THR B 76 0.49 -6.95 9.56
C THR B 76 -0.57 -7.80 8.90
N GLU B 77 -1.28 -7.19 7.96
CA GLU B 77 -2.25 -7.90 7.16
C GLU B 77 -2.23 -7.35 5.74
N GLY B 78 -1.30 -7.86 4.95
CA GLY B 78 -1.18 -7.46 3.56
C GLY B 78 -2.09 -8.31 2.70
N GLU B 79 -1.87 -9.61 2.76
CA GLU B 79 -2.64 -10.57 1.97
C GLU B 79 -4.10 -10.26 2.03
N GLN B 80 -4.49 -9.51 3.03
CA GLN B 80 -5.89 -9.14 3.18
C GLN B 80 -6.17 -7.94 2.31
N ILE B 81 -5.21 -7.04 2.28
CA ILE B 81 -5.30 -5.86 1.47
C ILE B 81 -5.03 -6.21 0.01
N ALA B 82 -4.03 -7.05 -0.17
CA ALA B 82 -3.58 -7.47 -1.48
C ALA B 82 -4.52 -8.44 -2.17
N GLN B 83 -5.04 -9.42 -1.44
CA GLN B 83 -5.91 -10.42 -2.08
C GLN B 83 -7.16 -9.77 -2.62
N LEU B 84 -7.60 -8.79 -1.90
CA LEU B 84 -8.80 -8.06 -2.24
C LEU B 84 -8.50 -7.15 -3.42
N ILE B 85 -7.45 -6.36 -3.27
CA ILE B 85 -7.01 -5.51 -4.34
C ILE B 85 -6.91 -6.39 -5.55
N ALA B 86 -6.14 -7.45 -5.34
CA ALA B 86 -5.94 -8.46 -6.36
C ALA B 86 -7.27 -8.97 -6.88
N GLY B 87 -8.25 -9.02 -6.00
CA GLY B 87 -9.56 -9.53 -6.37
C GLY B 87 -10.40 -8.45 -6.99
N TYR B 88 -9.99 -7.23 -6.75
CA TYR B 88 -10.67 -6.08 -7.27
C TYR B 88 -10.16 -5.78 -8.67
N ILE B 89 -8.87 -5.96 -8.89
CA ILE B 89 -8.32 -5.77 -10.24
C ILE B 89 -8.85 -6.84 -11.14
N ASP B 90 -9.43 -7.83 -10.51
CA ASP B 90 -9.97 -8.96 -11.22
C ASP B 90 -11.32 -8.61 -11.79
N ILE B 91 -11.91 -7.61 -11.17
CA ILE B 91 -13.21 -7.14 -11.54
C ILE B 91 -13.13 -6.04 -12.57
N ILE B 92 -12.46 -4.98 -12.17
CA ILE B 92 -12.30 -3.81 -12.98
C ILE B 92 -11.41 -4.05 -14.20
N LEU B 93 -10.60 -5.11 -14.16
CA LEU B 93 -9.70 -5.39 -15.28
C LEU B 93 -9.22 -4.09 -15.92
N ASP A 1 4.04 -15.13 -14.28
CA ASP A 1 5.31 -14.34 -14.38
C ASP A 1 5.69 -13.82 -13.00
N ILE A 2 6.26 -14.69 -12.18
CA ILE A 2 6.67 -14.30 -10.83
C ILE A 2 7.92 -15.03 -10.42
N ASP A 3 8.72 -14.37 -9.59
CA ASP A 3 9.96 -14.95 -9.11
C ASP A 3 10.65 -14.05 -8.08
N GLN A 4 10.54 -12.75 -8.27
CA GLN A 4 11.16 -11.79 -7.36
C GLN A 4 10.14 -10.76 -6.88
N MET A 5 9.13 -10.52 -7.72
CA MET A 5 8.07 -9.55 -7.43
C MET A 5 8.01 -9.20 -5.96
N PHE A 6 7.60 -10.16 -5.16
CA PHE A 6 7.50 -9.94 -3.72
C PHE A 6 8.75 -9.21 -3.23
N SER A 7 9.90 -9.87 -3.36
CA SER A 7 11.15 -9.27 -2.93
C SER A 7 11.38 -7.92 -3.62
N THR A 8 11.03 -7.86 -4.90
CA THR A 8 11.20 -6.63 -5.67
C THR A 8 10.56 -5.44 -4.95
N LEU A 9 9.31 -5.61 -4.52
CA LEU A 9 8.60 -4.56 -3.81
C LEU A 9 9.14 -4.46 -2.39
N LEU A 10 9.34 -5.60 -1.76
CA LEU A 10 9.88 -5.62 -0.40
C LEU A 10 11.20 -4.84 -0.37
N GLY A 11 11.99 -4.94 -1.43
CA GLY A 11 13.24 -4.19 -1.51
C GLY A 11 12.91 -2.70 -1.52
N GLU A 12 12.00 -2.31 -2.40
CA GLU A 12 11.57 -0.92 -2.48
C GLU A 12 11.08 -0.45 -1.13
N MET A 13 10.33 -1.30 -0.44
CA MET A 13 9.83 -0.95 0.87
C MET A 13 11.00 -0.58 1.79
N ASP A 14 12.12 -1.25 1.63
CA ASP A 14 13.28 -0.95 2.46
C ASP A 14 13.54 0.56 2.50
N LEU A 15 13.22 1.23 1.39
CA LEU A 15 13.44 2.68 1.31
C LEU A 15 12.42 3.45 2.16
N LEU A 16 11.32 2.77 2.52
CA LEU A 16 10.29 3.40 3.34
C LEU A 16 10.67 3.31 4.82
N THR A 17 11.69 2.51 5.13
CA THR A 17 12.11 2.34 6.51
C THR A 17 13.61 2.62 6.64
N GLN A 18 14.27 2.77 5.51
CA GLN A 18 15.69 3.03 5.50
C GLN A 18 16.44 1.98 6.29
N SER A 19 16.49 2.15 7.61
CA SER A 19 17.21 1.21 8.45
C SER A 19 16.65 1.18 9.87
N LEU A 20 15.81 2.17 10.18
CA LEU A 20 15.21 2.25 11.51
C LEU A 20 14.79 0.87 12.00
N GLY A 21 13.59 0.45 11.61
CA GLY A 21 13.08 -0.86 12.02
C GLY A 21 11.58 -0.97 11.75
N VAL A 22 10.78 -0.71 12.77
CA VAL A 22 9.33 -0.79 12.64
C VAL A 22 8.66 0.33 13.43
N ASP A 23 9.28 0.71 14.54
CA ASP A 23 8.73 1.78 15.39
C ASP A 23 7.28 1.47 15.77
N THR A 24 7.09 0.86 16.94
CA THR A 24 5.75 0.51 17.40
C THR A 24 5.80 0.02 18.84
N TYR B 1 -16.70 -6.37 -1.38
CA TYR B 1 -17.29 -5.58 -0.27
C TYR B 1 -17.24 -4.10 -0.62
N GLY B 2 -17.47 -3.79 -1.91
CA GLY B 2 -17.44 -2.40 -2.36
C GLY B 2 -16.11 -1.74 -2.01
N VAL B 3 -15.99 -1.29 -0.77
CA VAL B 3 -14.77 -0.63 -0.31
C VAL B 3 -14.25 -1.29 0.96
N SER B 4 -12.94 -1.55 1.00
CA SER B 4 -12.32 -2.17 2.16
C SER B 4 -11.42 -1.16 2.87
N PHE B 5 -11.22 -1.36 4.17
CA PHE B 5 -10.40 -0.44 4.96
C PHE B 5 -9.31 -1.18 5.74
N PHE B 6 -8.08 -0.65 5.74
CA PHE B 6 -6.99 -1.29 6.48
C PHE B 6 -6.12 -0.26 7.16
N LEU B 7 -5.94 -0.43 8.45
CA LEU B 7 -5.10 0.48 9.21
C LEU B 7 -3.66 0.09 9.00
N VAL B 8 -3.02 0.93 8.25
CA VAL B 8 -1.64 0.73 7.88
C VAL B 8 -0.78 1.89 8.37
N LYS B 9 0.55 1.70 8.44
CA LYS B 9 1.42 2.78 8.88
C LYS B 9 2.11 3.39 7.68
N GLU B 10 2.34 4.67 7.75
CA GLU B 10 2.98 5.39 6.65
C GLU B 10 4.03 6.36 7.11
N LYS B 11 4.98 6.58 6.24
CA LYS B 11 6.08 7.50 6.51
C LYS B 11 5.68 8.94 6.31
N MET B 12 5.39 9.62 7.42
CA MET B 12 5.00 11.02 7.38
C MET B 12 6.21 11.92 7.49
N LYS B 13 5.94 13.21 7.44
CA LYS B 13 6.98 14.20 7.55
C LYS B 13 7.01 14.79 8.95
N GLY B 14 8.19 15.14 9.40
CA GLY B 14 8.37 15.72 10.72
C GLY B 14 9.25 14.81 11.56
N LYS B 15 9.25 13.53 11.22
CA LYS B 15 10.03 12.56 11.96
C LYS B 15 10.80 11.66 11.00
N ASN B 16 10.91 10.38 11.35
CA ASN B 16 11.61 9.42 10.52
C ASN B 16 10.88 8.08 10.51
N LYS B 17 10.00 7.88 11.48
CA LYS B 17 9.27 6.62 11.58
C LYS B 17 7.95 6.70 10.82
N LEU B 18 7.18 5.63 10.90
CA LEU B 18 5.88 5.59 10.24
C LEU B 18 4.81 6.07 11.17
N VAL B 19 3.67 6.40 10.58
CA VAL B 19 2.56 6.89 11.37
C VAL B 19 1.32 6.03 11.09
N PRO B 20 0.68 5.48 12.11
CA PRO B 20 -0.53 4.67 11.88
C PRO B 20 -1.40 5.40 10.88
N ARG B 21 -2.07 4.68 10.02
CA ARG B 21 -2.85 5.33 9.01
C ARG B 21 -4.01 4.45 8.66
N LEU B 22 -4.76 4.85 7.68
CA LEU B 22 -5.93 4.12 7.31
C LEU B 22 -6.04 4.09 5.79
N LEU B 23 -6.03 2.89 5.25
CA LEU B 23 -6.11 2.71 3.81
C LEU B 23 -7.53 2.37 3.43
N GLY B 24 -7.88 2.62 2.18
CA GLY B 24 -9.19 2.28 1.73
C GLY B 24 -9.14 1.75 0.31
N ILE B 25 -9.35 0.47 0.16
CA ILE B 25 -9.37 -0.13 -1.15
C ILE B 25 -10.79 -0.03 -1.68
N THR B 26 -10.91 0.60 -2.82
CA THR B 26 -12.17 0.77 -3.46
C THR B 26 -12.13 0.05 -4.78
N LYS B 27 -13.22 -0.64 -5.12
CA LYS B 27 -13.28 -1.37 -6.38
C LYS B 27 -13.04 -0.45 -7.57
N GLU B 28 -12.51 0.72 -7.31
CA GLU B 28 -12.20 1.69 -8.34
C GLU B 28 -10.95 2.48 -7.98
N CYS B 29 -10.40 2.24 -6.79
CA CYS B 29 -9.25 3.01 -6.36
C CYS B 29 -8.68 2.55 -5.05
N VAL B 30 -7.60 3.20 -4.69
CA VAL B 30 -6.89 2.92 -3.47
C VAL B 30 -6.65 4.24 -2.81
N MET B 31 -6.67 4.31 -1.49
CA MET B 31 -6.53 5.63 -0.88
C MET B 31 -5.92 5.64 0.50
N ARG B 32 -5.23 6.73 0.81
CA ARG B 32 -4.65 6.90 2.14
C ARG B 32 -5.61 7.71 2.97
N VAL B 33 -6.26 7.05 3.90
CA VAL B 33 -7.22 7.68 4.77
C VAL B 33 -6.61 8.06 6.10
N ASP B 34 -7.14 9.13 6.68
CA ASP B 34 -6.62 9.63 7.94
C ASP B 34 -7.29 8.95 9.12
N GLU B 35 -6.69 7.87 9.57
CA GLU B 35 -7.19 7.10 10.70
C GLU B 35 -7.84 8.02 11.73
N LYS B 36 -7.34 9.24 11.77
CA LYS B 36 -7.84 10.23 12.69
C LYS B 36 -9.20 10.79 12.25
N THR B 37 -9.32 11.08 10.95
CA THR B 37 -10.55 11.65 10.42
C THR B 37 -11.33 10.65 9.56
N LYS B 38 -10.69 9.55 9.18
CA LYS B 38 -11.36 8.55 8.36
C LYS B 38 -11.62 9.11 6.97
N GLU B 39 -11.21 10.36 6.76
CA GLU B 39 -11.37 11.00 5.47
C GLU B 39 -10.18 10.67 4.59
N VAL B 40 -10.40 10.68 3.30
CA VAL B 40 -9.34 10.33 2.36
C VAL B 40 -8.42 11.50 2.10
N ILE B 41 -7.13 11.20 2.15
CA ILE B 41 -6.12 12.20 1.88
C ILE B 41 -5.58 11.97 0.49
N GLN B 42 -5.58 10.71 0.07
CA GLN B 42 -5.06 10.37 -1.24
C GLN B 42 -5.92 9.32 -1.91
N GLU B 43 -5.82 9.28 -3.23
CA GLU B 43 -6.55 8.30 -4.02
C GLU B 43 -5.72 7.82 -5.19
N TRP B 44 -5.97 6.58 -5.58
CA TRP B 44 -5.27 6.01 -6.73
C TRP B 44 -6.07 4.84 -7.31
N SER B 45 -6.41 4.95 -8.59
CA SER B 45 -7.18 3.92 -9.24
C SER B 45 -6.66 2.53 -8.91
N LEU B 46 -7.59 1.63 -8.71
CA LEU B 46 -7.26 0.26 -8.43
C LEU B 46 -7.00 -0.38 -9.78
N THR B 47 -7.80 0.05 -10.76
CA THR B 47 -7.65 -0.43 -12.12
C THR B 47 -6.37 0.14 -12.72
N ASN B 48 -5.59 0.82 -11.89
CA ASN B 48 -4.34 1.40 -12.37
C ASN B 48 -3.18 0.64 -11.80
N ILE B 49 -3.46 -0.32 -10.92
CA ILE B 49 -2.40 -1.09 -10.31
C ILE B 49 -1.59 -1.86 -11.35
N LYS B 50 -0.27 -1.97 -11.11
CA LYS B 50 0.60 -2.70 -12.03
C LYS B 50 1.00 -4.02 -11.39
N ARG B 51 1.39 -3.96 -10.13
CA ARG B 51 1.73 -5.13 -9.36
C ARG B 51 1.93 -4.69 -7.91
N TRP B 52 1.39 -5.46 -7.00
CA TRP B 52 1.46 -5.13 -5.59
C TRP B 52 2.20 -6.22 -4.83
N ALA B 53 2.40 -6.03 -3.54
CA ALA B 53 3.14 -7.03 -2.78
C ALA B 53 2.85 -6.95 -1.30
N ALA B 54 1.96 -7.82 -0.87
CA ALA B 54 1.59 -7.90 0.52
C ALA B 54 2.62 -8.69 1.32
N SER B 55 2.84 -8.29 2.56
CA SER B 55 3.79 -8.97 3.42
C SER B 55 3.18 -9.21 4.80
N PRO B 56 3.85 -9.92 5.66
CA PRO B 56 3.32 -10.23 7.02
C PRO B 56 3.44 -9.04 7.96
N LYS B 57 4.13 -8.02 7.50
CA LYS B 57 4.35 -6.81 8.29
C LYS B 57 4.01 -5.57 7.50
N SER B 58 4.01 -5.70 6.19
CA SER B 58 3.73 -4.57 5.32
C SER B 58 3.13 -4.99 4.01
N PHE B 59 2.61 -4.01 3.30
CA PHE B 59 2.01 -4.27 2.01
C PHE B 59 2.42 -3.16 1.07
N THR B 60 2.38 -3.45 -0.21
CA THR B 60 2.88 -2.46 -1.16
C THR B 60 2.16 -2.51 -2.49
N LEU B 61 2.17 -1.37 -3.17
CA LEU B 61 1.53 -1.24 -4.46
C LEU B 61 2.50 -0.73 -5.50
N ASP B 62 2.42 -1.25 -6.73
CA ASP B 62 3.28 -0.73 -7.78
C ASP B 62 2.45 -0.14 -8.90
N PHE B 63 2.27 1.16 -8.83
CA PHE B 63 1.56 1.86 -9.90
C PHE B 63 2.24 3.18 -10.25
N GLY B 64 3.10 3.12 -11.27
CA GLY B 64 3.78 4.33 -11.72
C GLY B 64 5.26 4.07 -11.88
N ASP B 65 5.61 2.80 -11.84
CA ASP B 65 7.00 2.38 -11.96
C ASP B 65 7.74 3.17 -13.02
N TYR B 66 7.01 3.84 -13.89
CA TYR B 66 7.62 4.64 -14.91
C TYR B 66 8.58 5.60 -14.23
N GLN B 67 8.13 6.07 -13.09
CA GLN B 67 8.94 6.95 -12.26
C GLN B 67 9.01 6.33 -10.89
N ASP B 68 8.07 6.73 -10.04
CA ASP B 68 7.96 6.14 -8.73
C ASP B 68 6.52 5.76 -8.53
N GLY B 69 6.24 4.51 -8.81
CA GLY B 69 4.89 3.99 -8.69
C GLY B 69 4.68 3.20 -7.41
N TYR B 70 5.74 3.05 -6.64
CA TYR B 70 5.67 2.23 -5.45
C TYR B 70 5.14 2.96 -4.23
N TYR B 71 3.91 2.61 -3.86
CA TYR B 71 3.30 3.16 -2.65
C TYR B 71 3.09 2.04 -1.66
N SER B 72 3.70 2.18 -0.50
CA SER B 72 3.62 1.14 0.51
C SER B 72 3.42 1.68 1.90
N VAL B 73 3.00 0.78 2.77
CA VAL B 73 2.78 1.11 4.16
C VAL B 73 3.04 -0.10 5.04
N GLN B 74 2.97 0.09 6.37
CA GLN B 74 3.19 -1.04 7.27
C GLN B 74 1.87 -1.56 7.81
N THR B 75 1.68 -2.83 7.59
CA THR B 75 0.49 -3.53 8.05
C THR B 75 0.78 -5.00 8.23
N THR B 76 0.29 -5.58 9.32
CA THR B 76 0.53 -6.99 9.55
C THR B 76 -0.53 -7.85 8.88
N GLU B 77 -1.23 -7.23 7.95
CA GLU B 77 -2.21 -7.95 7.15
C GLU B 77 -2.20 -7.40 5.73
N GLY B 78 -1.28 -7.89 4.94
CA GLY B 78 -1.17 -7.50 3.55
C GLY B 78 -2.09 -8.33 2.69
N GLU B 79 -1.88 -9.63 2.74
CA GLU B 79 -2.66 -10.58 1.97
C GLU B 79 -4.14 -10.26 2.03
N GLN B 80 -4.51 -9.51 3.03
CA GLN B 80 -5.90 -9.12 3.18
C GLN B 80 -6.17 -7.91 2.31
N ILE B 81 -5.21 -7.03 2.29
CA ILE B 81 -5.29 -5.84 1.47
C ILE B 81 -5.01 -6.19 0.01
N ALA B 82 -4.02 -7.04 -0.16
CA ALA B 82 -3.56 -7.47 -1.48
C ALA B 82 -4.51 -8.43 -2.17
N GLN B 83 -5.05 -9.41 -1.44
CA GLN B 83 -5.92 -10.39 -2.08
C GLN B 83 -7.17 -9.74 -2.61
N LEU B 84 -7.61 -8.76 -1.89
CA LEU B 84 -8.79 -8.02 -2.23
C LEU B 84 -8.48 -7.12 -3.41
N ILE B 85 -7.43 -6.33 -3.27
CA ILE B 85 -6.98 -5.48 -4.33
C ILE B 85 -6.90 -6.36 -5.54
N ALA B 86 -6.14 -7.42 -5.33
CA ALA B 86 -5.94 -8.45 -6.35
C ALA B 86 -7.27 -8.96 -6.85
N GLY B 87 -8.25 -9.00 -5.96
CA GLY B 87 -9.56 -9.50 -6.32
C GLY B 87 -10.40 -8.42 -6.94
N TYR B 88 -9.99 -7.20 -6.72
CA TYR B 88 -10.68 -6.06 -7.26
C TYR B 88 -10.18 -5.77 -8.65
N ILE B 89 -8.88 -5.96 -8.88
CA ILE B 89 -8.34 -5.78 -10.23
C ILE B 89 -8.87 -6.87 -11.11
N ASP B 90 -9.43 -7.85 -10.47
CA ASP B 90 -9.97 -9.01 -11.16
C ASP B 90 -11.32 -8.66 -11.73
N ILE B 91 -11.90 -7.65 -11.14
CA ILE B 91 -13.22 -7.19 -11.50
C ILE B 91 -13.16 -6.09 -12.54
N ILE B 92 -12.53 -5.01 -12.12
CA ILE B 92 -12.42 -3.81 -12.92
C ILE B 92 -11.59 -4.04 -14.18
N LEU B 93 -10.78 -5.08 -14.20
CA LEU B 93 -9.94 -5.32 -15.38
C LEU B 93 -10.79 -5.24 -16.65
N ASP A 1 3.00 -14.14 -14.29
CA ASP A 1 4.17 -13.21 -14.37
C ASP A 1 4.65 -12.90 -12.95
N ILE A 2 5.24 -13.89 -12.31
CA ILE A 2 5.75 -13.69 -10.96
C ILE A 2 7.04 -14.48 -10.75
N ASP A 3 7.89 -13.96 -9.88
CA ASP A 3 9.15 -14.62 -9.58
C ASP A 3 9.91 -13.89 -8.47
N GLN A 4 10.03 -12.58 -8.60
CA GLN A 4 10.74 -11.78 -7.61
C GLN A 4 9.84 -10.69 -7.03
N MET A 5 8.82 -10.34 -7.80
CA MET A 5 7.84 -9.31 -7.40
C MET A 5 7.89 -9.03 -5.92
N PHE A 6 7.50 -10.01 -5.14
CA PHE A 6 7.51 -9.86 -3.69
C PHE A 6 8.78 -9.13 -3.26
N SER A 7 9.91 -9.75 -3.53
CA SER A 7 11.19 -9.15 -3.16
C SER A 7 11.41 -7.83 -3.90
N THR A 8 10.92 -7.77 -5.14
CA THR A 8 11.07 -6.58 -5.95
C THR A 8 10.38 -5.38 -5.29
N LEU A 9 9.33 -5.64 -4.52
CA LEU A 9 8.61 -4.58 -3.83
C LEU A 9 9.15 -4.45 -2.41
N LEU A 10 9.45 -5.58 -1.80
CA LEU A 10 9.98 -5.58 -0.45
C LEU A 10 11.31 -4.81 -0.42
N GLY A 11 12.15 -5.05 -1.42
CA GLY A 11 13.43 -4.34 -1.51
C GLY A 11 13.17 -2.85 -1.58
N GLU A 12 12.11 -2.48 -2.30
CA GLU A 12 11.74 -1.08 -2.42
C GLU A 12 11.20 -0.57 -1.09
N MET A 13 10.43 -1.39 -0.42
CA MET A 13 9.89 -1.00 0.88
C MET A 13 11.03 -0.63 1.83
N ASP A 14 12.17 -1.26 1.66
CA ASP A 14 13.32 -0.95 2.51
C ASP A 14 13.58 0.55 2.52
N LEU A 15 13.22 1.23 1.43
CA LEU A 15 13.45 2.66 1.33
C LEU A 15 12.42 3.44 2.16
N LEU A 16 11.41 2.74 2.67
CA LEU A 16 10.38 3.38 3.50
C LEU A 16 10.75 3.26 4.97
N THR A 17 11.79 2.49 5.26
CA THR A 17 12.22 2.30 6.64
C THR A 17 13.71 2.55 6.78
N GLN A 18 14.37 2.76 5.65
CA GLN A 18 15.79 3.00 5.64
C GLN A 18 16.51 2.01 6.54
N SER A 19 16.74 2.41 7.79
CA SER A 19 17.46 1.54 8.71
C SER A 19 16.88 1.64 10.12
N LEU A 20 15.96 2.57 10.31
CA LEU A 20 15.33 2.78 11.62
C LEU A 20 14.87 1.44 12.20
N GLY A 21 13.63 1.06 11.91
CA GLY A 21 13.09 -0.19 12.41
C GLY A 21 12.40 0.00 13.76
N VAL A 22 11.07 0.17 13.73
CA VAL A 22 10.30 0.37 14.94
C VAL A 22 8.84 0.66 14.60
N ASP A 23 7.96 -0.08 15.24
CA ASP A 23 6.52 0.10 15.02
C ASP A 23 5.94 1.12 15.99
N THR A 24 5.46 0.63 17.14
CA THR A 24 4.89 1.52 18.15
C THR A 24 5.33 1.09 19.55
N TYR B 1 -18.82 -6.90 0.64
CA TYR B 1 -17.80 -6.26 1.51
C TYR B 1 -17.49 -4.86 0.97
N GLY B 2 -17.79 -4.64 -0.31
CA GLY B 2 -17.55 -3.34 -0.93
C GLY B 2 -16.21 -2.77 -0.48
N VAL B 3 -16.09 -1.45 -0.54
CA VAL B 3 -14.85 -0.78 -0.14
C VAL B 3 -14.27 -1.42 1.11
N SER B 4 -12.96 -1.61 1.12
CA SER B 4 -12.27 -2.22 2.26
C SER B 4 -11.39 -1.18 2.94
N PHE B 5 -11.15 -1.38 4.24
CA PHE B 5 -10.35 -0.42 5.02
C PHE B 5 -9.25 -1.15 5.81
N PHE B 6 -8.02 -0.61 5.78
CA PHE B 6 -6.93 -1.24 6.54
C PHE B 6 -6.08 -0.18 7.21
N LEU B 7 -5.86 -0.35 8.49
CA LEU B 7 -5.03 0.57 9.23
C LEU B 7 -3.58 0.22 9.02
N VAL B 8 -3.00 1.02 8.18
CA VAL B 8 -1.62 0.84 7.78
C VAL B 8 -0.78 2.02 8.27
N LYS B 9 0.53 1.84 8.40
CA LYS B 9 1.39 2.93 8.85
C LYS B 9 2.03 3.58 7.65
N GLU B 10 2.21 4.88 7.75
CA GLU B 10 2.79 5.64 6.66
C GLU B 10 3.97 6.49 7.11
N LYS B 11 4.92 6.61 6.21
CA LYS B 11 6.12 7.38 6.45
C LYS B 11 5.85 8.87 6.38
N MET B 12 5.73 9.49 7.55
CA MET B 12 5.50 10.93 7.62
C MET B 12 6.78 11.65 8.04
N LYS B 13 6.74 12.97 7.92
CA LYS B 13 7.86 13.79 8.30
C LYS B 13 7.61 14.44 9.65
N GLY B 14 8.66 14.56 10.43
CA GLY B 14 8.57 15.16 11.75
C GLY B 14 9.11 14.21 12.79
N LYS B 15 9.16 12.93 12.43
CA LYS B 15 9.64 11.92 13.36
C LYS B 15 10.56 10.95 12.65
N ASN B 16 10.44 10.88 11.33
CA ASN B 16 11.28 9.98 10.53
C ASN B 16 10.64 8.59 10.46
N LYS B 17 9.88 8.22 11.49
CA LYS B 17 9.24 6.91 11.52
C LYS B 17 7.91 6.95 10.80
N LEU B 18 7.19 5.82 10.86
CA LEU B 18 5.90 5.71 10.22
C LEU B 18 4.83 6.23 11.13
N VAL B 19 3.68 6.49 10.55
CA VAL B 19 2.56 7.01 11.29
C VAL B 19 1.32 6.15 11.06
N PRO B 20 0.67 5.64 12.07
CA PRO B 20 -0.54 4.82 11.86
C PRO B 20 -1.40 5.52 10.82
N ARG B 21 -2.05 4.77 9.97
CA ARG B 21 -2.81 5.39 8.92
C ARG B 21 -3.99 4.52 8.61
N LEU B 22 -4.71 4.87 7.57
CA LEU B 22 -5.88 4.13 7.23
C LEU B 22 -6.01 4.10 5.72
N LEU B 23 -6.02 2.89 5.17
CA LEU B 23 -6.11 2.71 3.75
C LEU B 23 -7.54 2.38 3.38
N GLY B 24 -7.89 2.61 2.13
CA GLY B 24 -9.21 2.27 1.69
C GLY B 24 -9.17 1.73 0.28
N ILE B 25 -9.39 0.45 0.16
CA ILE B 25 -9.42 -0.17 -1.15
C ILE B 25 -10.84 -0.08 -1.68
N THR B 26 -10.96 0.52 -2.84
CA THR B 26 -12.22 0.69 -3.47
C THR B 26 -12.19 -0.05 -4.79
N LYS B 27 -13.26 -0.73 -5.11
CA LYS B 27 -13.33 -1.47 -6.37
C LYS B 27 -13.11 -0.57 -7.57
N GLU B 28 -12.58 0.62 -7.32
CA GLU B 28 -12.28 1.58 -8.37
C GLU B 28 -11.03 2.36 -8.02
N CYS B 29 -10.47 2.15 -6.83
CA CYS B 29 -9.31 2.92 -6.41
C CYS B 29 -8.73 2.46 -5.11
N VAL B 30 -7.65 3.11 -4.75
CA VAL B 30 -6.93 2.84 -3.53
C VAL B 30 -6.68 4.17 -2.89
N MET B 31 -6.69 4.26 -1.57
CA MET B 31 -6.54 5.59 -0.99
C MET B 31 -5.93 5.59 0.39
N ARG B 32 -5.22 6.69 0.69
CA ARG B 32 -4.64 6.87 2.00
C ARG B 32 -5.58 7.70 2.84
N VAL B 33 -6.22 7.04 3.78
CA VAL B 33 -7.19 7.68 4.65
C VAL B 33 -6.55 8.09 5.97
N ASP B 34 -7.09 9.17 6.54
CA ASP B 34 -6.56 9.68 7.78
C ASP B 34 -7.22 9.02 8.97
N GLU B 35 -6.62 7.94 9.43
CA GLU B 35 -7.13 7.18 10.58
C GLU B 35 -7.76 8.11 11.60
N LYS B 36 -7.26 9.33 11.62
CA LYS B 36 -7.75 10.34 12.54
C LYS B 36 -9.10 10.90 12.09
N THR B 37 -9.23 11.18 10.80
CA THR B 37 -10.44 11.75 10.26
C THR B 37 -11.23 10.76 9.41
N LYS B 38 -10.62 9.64 9.04
CA LYS B 38 -11.28 8.65 8.23
C LYS B 38 -11.54 9.19 6.83
N GLU B 39 -11.14 10.44 6.62
CA GLU B 39 -11.29 11.08 5.33
C GLU B 39 -10.11 10.73 4.45
N VAL B 40 -10.34 10.72 3.16
CA VAL B 40 -9.28 10.35 2.22
C VAL B 40 -8.36 11.50 1.93
N ILE B 41 -7.06 11.20 1.97
CA ILE B 41 -6.05 12.19 1.68
C ILE B 41 -5.51 11.92 0.29
N GLN B 42 -5.53 10.66 -0.12
CA GLN B 42 -5.03 10.29 -1.41
C GLN B 42 -5.90 9.25 -2.07
N GLU B 43 -5.82 9.19 -3.39
CA GLU B 43 -6.56 8.22 -4.16
C GLU B 43 -5.75 7.72 -5.35
N TRP B 44 -6.02 6.49 -5.72
CA TRP B 44 -5.34 5.90 -6.87
C TRP B 44 -6.14 4.73 -7.42
N SER B 45 -6.48 4.80 -8.70
CA SER B 45 -7.26 3.75 -9.33
C SER B 45 -6.74 2.38 -8.97
N LEU B 46 -7.68 1.47 -8.76
CA LEU B 46 -7.35 0.12 -8.45
C LEU B 46 -7.12 -0.58 -9.79
N THR B 47 -7.91 -0.16 -10.77
CA THR B 47 -7.79 -0.68 -12.12
C THR B 47 -6.55 -0.09 -12.78
N ASN B 48 -5.74 0.60 -11.99
CA ASN B 48 -4.51 1.18 -12.51
C ASN B 48 -3.31 0.47 -11.95
N ILE B 49 -3.54 -0.42 -10.99
CA ILE B 49 -2.45 -1.14 -10.38
C ILE B 49 -1.62 -1.88 -11.41
N LYS B 50 -0.30 -2.00 -11.16
CA LYS B 50 0.59 -2.71 -12.07
C LYS B 50 1.00 -4.03 -11.43
N ARG B 51 1.36 -3.96 -10.17
CA ARG B 51 1.73 -5.13 -9.39
C ARG B 51 1.92 -4.69 -7.95
N TRP B 52 1.38 -5.46 -7.03
CA TRP B 52 1.45 -5.12 -5.62
C TRP B 52 2.18 -6.21 -4.86
N ALA B 53 2.39 -6.01 -3.56
CA ALA B 53 3.12 -7.01 -2.81
C ALA B 53 2.84 -6.91 -1.32
N ALA B 54 1.96 -7.78 -0.87
CA ALA B 54 1.60 -7.83 0.52
C ALA B 54 2.65 -8.60 1.32
N SER B 55 2.83 -8.21 2.57
CA SER B 55 3.80 -8.87 3.44
C SER B 55 3.18 -9.12 4.82
N PRO B 56 3.87 -9.81 5.69
CA PRO B 56 3.35 -10.11 7.05
C PRO B 56 3.48 -8.92 7.98
N LYS B 57 4.16 -7.89 7.51
CA LYS B 57 4.37 -6.68 8.29
C LYS B 57 4.03 -5.45 7.48
N SER B 58 4.02 -5.59 6.18
CA SER B 58 3.73 -4.47 5.31
C SER B 58 3.13 -4.90 4.00
N PHE B 59 2.61 -3.93 3.28
CA PHE B 59 2.01 -4.19 1.99
C PHE B 59 2.41 -3.10 1.04
N THR B 60 2.38 -3.39 -0.24
CA THR B 60 2.86 -2.41 -1.19
C THR B 60 2.14 -2.47 -2.53
N LEU B 61 2.15 -1.35 -3.22
CA LEU B 61 1.50 -1.23 -4.51
C LEU B 61 2.46 -0.71 -5.55
N ASP B 62 2.41 -1.25 -6.78
CA ASP B 62 3.26 -0.73 -7.82
C ASP B 62 2.43 -0.15 -8.94
N PHE B 63 2.24 1.15 -8.88
CA PHE B 63 1.53 1.84 -9.95
C PHE B 63 2.18 3.17 -10.30
N GLY B 64 3.03 3.13 -11.32
CA GLY B 64 3.70 4.35 -11.77
C GLY B 64 5.19 4.11 -11.94
N ASP B 65 5.56 2.85 -11.89
CA ASP B 65 6.96 2.45 -12.02
C ASP B 65 7.67 3.25 -13.08
N TYR B 66 6.92 3.91 -13.94
CA TYR B 66 7.54 4.71 -14.97
C TYR B 66 8.47 5.69 -14.29
N GLN B 67 8.03 6.16 -13.15
CA GLN B 67 8.81 7.05 -12.33
C GLN B 67 8.89 6.44 -10.95
N ASP B 68 7.95 6.83 -10.10
CA ASP B 68 7.84 6.24 -8.80
C ASP B 68 6.39 5.82 -8.60
N GLY B 69 6.14 4.56 -8.86
CA GLY B 69 4.80 4.02 -8.74
C GLY B 69 4.60 3.24 -7.46
N TYR B 70 5.67 3.10 -6.70
CA TYR B 70 5.62 2.28 -5.50
C TYR B 70 5.08 3.01 -4.29
N TYR B 71 3.86 2.66 -3.92
CA TYR B 71 3.24 3.21 -2.71
C TYR B 71 3.04 2.10 -1.71
N SER B 72 3.65 2.25 -0.54
CA SER B 72 3.58 1.21 0.46
C SER B 72 3.39 1.76 1.85
N VAL B 73 2.99 0.87 2.73
CA VAL B 73 2.79 1.22 4.12
C VAL B 73 3.04 0.01 5.01
N GLN B 74 2.98 0.20 6.34
CA GLN B 74 3.21 -0.91 7.25
C GLN B 74 1.90 -1.43 7.79
N THR B 75 1.70 -2.71 7.58
CA THR B 75 0.51 -3.40 8.03
C THR B 75 0.80 -4.87 8.22
N THR B 76 0.32 -5.45 9.32
CA THR B 76 0.56 -6.85 9.55
C THR B 76 -0.48 -7.72 8.90
N GLU B 77 -1.20 -7.12 7.96
CA GLU B 77 -2.18 -7.85 7.18
C GLU B 77 -2.17 -7.30 5.75
N GLY B 78 -1.24 -7.79 4.96
CA GLY B 78 -1.14 -7.40 3.57
C GLY B 78 -2.05 -8.27 2.71
N GLU B 79 -1.82 -9.57 2.78
CA GLU B 79 -2.58 -10.55 2.01
C GLU B 79 -4.05 -10.24 2.07
N GLN B 80 -4.44 -9.49 3.07
CA GLN B 80 -5.84 -9.13 3.22
C GLN B 80 -6.14 -7.93 2.35
N ILE B 81 -5.17 -7.04 2.31
CA ILE B 81 -5.28 -5.85 1.49
C ILE B 81 -5.02 -6.20 0.04
N ALA B 82 -4.01 -7.04 -0.14
CA ALA B 82 -3.57 -7.46 -1.47
C ALA B 82 -4.51 -8.44 -2.14
N GLN B 83 -5.02 -9.42 -1.40
CA GLN B 83 -5.89 -10.43 -2.03
C GLN B 83 -7.15 -9.80 -2.56
N LEU B 84 -7.59 -8.80 -1.83
CA LEU B 84 -8.79 -8.09 -2.18
C LEU B 84 -8.50 -7.19 -3.37
N ILE B 85 -7.46 -6.38 -3.23
CA ILE B 85 -7.02 -5.54 -4.32
C ILE B 85 -6.93 -6.43 -5.51
N ALA B 86 -6.16 -7.48 -5.31
CA ALA B 86 -5.96 -8.51 -6.32
C ALA B 86 -7.28 -9.03 -6.82
N GLY B 87 -8.26 -9.07 -5.93
CA GLY B 87 -9.58 -9.60 -6.29
C GLY B 87 -10.42 -8.51 -6.91
N TYR B 88 -10.02 -7.29 -6.69
CA TYR B 88 -10.71 -6.16 -7.22
C TYR B 88 -10.21 -5.86 -8.62
N ILE B 89 -8.91 -6.05 -8.84
CA ILE B 89 -8.38 -5.85 -10.19
C ILE B 89 -8.89 -6.95 -11.09
N ASP B 90 -9.45 -7.94 -10.44
CA ASP B 90 -9.99 -9.09 -11.14
C ASP B 90 -11.34 -8.74 -11.72
N ILE B 91 -11.92 -7.74 -11.13
CA ILE B 91 -13.23 -7.27 -11.50
C ILE B 91 -13.16 -6.18 -12.54
N ILE B 92 -12.53 -5.09 -12.11
CA ILE B 92 -12.41 -3.90 -12.92
C ILE B 92 -11.57 -4.12 -14.17
N LEU B 93 -10.74 -5.17 -14.16
CA LEU B 93 -9.89 -5.41 -15.34
C LEU B 93 -10.71 -5.32 -16.63
N ASP A 1 1.98 -12.76 -13.89
CA ASP A 1 3.48 -12.74 -13.92
C ASP A 1 4.01 -12.65 -12.50
N ILE A 2 4.77 -13.66 -12.08
CA ILE A 2 5.33 -13.68 -10.74
C ILE A 2 6.70 -14.33 -10.74
N ASP A 3 7.55 -13.89 -9.83
CA ASP A 3 8.90 -14.42 -9.73
C ASP A 3 9.64 -13.83 -8.52
N GLN A 4 9.87 -12.52 -8.56
CA GLN A 4 10.58 -11.85 -7.48
C GLN A 4 9.73 -10.73 -6.89
N MET A 5 8.76 -10.27 -7.67
CA MET A 5 7.84 -9.20 -7.27
C MET A 5 7.89 -8.95 -5.78
N PHE A 6 7.48 -9.95 -5.02
CA PHE A 6 7.49 -9.85 -3.58
C PHE A 6 8.77 -9.17 -3.11
N SER A 7 9.90 -9.86 -3.31
CA SER A 7 11.18 -9.31 -2.90
C SER A 7 11.46 -7.99 -3.60
N THR A 8 11.00 -7.88 -4.85
CA THR A 8 11.21 -6.66 -5.62
C THR A 8 10.54 -5.45 -4.95
N LEU A 9 9.31 -5.64 -4.50
CA LEU A 9 8.59 -4.56 -3.84
C LEU A 9 9.13 -4.38 -2.43
N LEU A 10 9.46 -5.49 -1.78
CA LEU A 10 10.02 -5.44 -0.44
C LEU A 10 11.30 -4.61 -0.46
N GLY A 11 12.11 -4.79 -1.49
CA GLY A 11 13.34 -4.02 -1.63
C GLY A 11 12.99 -2.54 -1.74
N GLU A 12 11.96 -2.26 -2.53
CA GLU A 12 11.49 -0.89 -2.70
C GLU A 12 10.95 -0.35 -1.40
N MET A 13 10.28 -1.20 -0.64
CA MET A 13 9.75 -0.77 0.65
C MET A 13 10.87 -0.29 1.54
N ASP A 14 12.05 -0.87 1.40
CA ASP A 14 13.18 -0.43 2.21
C ASP A 14 13.35 1.08 2.13
N LEU A 15 12.97 1.66 0.99
CA LEU A 15 13.10 3.10 0.81
C LEU A 15 12.10 3.87 1.67
N LEU A 16 11.13 3.15 2.25
CA LEU A 16 10.12 3.78 3.12
C LEU A 16 10.61 3.77 4.57
N THR A 17 11.70 3.07 4.84
CA THR A 17 12.23 2.98 6.19
C THR A 17 13.62 3.56 6.24
N GLN A 18 14.18 3.85 5.07
CA GLN A 18 15.52 4.40 5.01
C GLN A 18 15.62 5.66 5.85
N SER A 19 16.64 6.47 5.56
CA SER A 19 16.87 7.71 6.29
C SER A 19 15.60 8.57 6.30
N LEU A 20 15.76 9.82 6.69
CA LEU A 20 14.63 10.74 6.74
C LEU A 20 13.72 10.55 5.54
N GLY A 21 14.00 11.26 4.46
CA GLY A 21 13.18 11.15 3.25
C GLY A 21 11.74 11.53 3.53
N VAL A 22 11.39 12.77 3.22
CA VAL A 22 10.02 13.26 3.44
C VAL A 22 9.06 12.58 2.48
N ASP A 23 8.62 13.32 1.46
CA ASP A 23 7.69 12.77 0.47
C ASP A 23 8.41 11.78 -0.45
N THR A 24 9.07 10.80 0.15
CA THR A 24 9.78 9.79 -0.62
C THR A 24 9.91 8.49 0.17
N TYR B 1 -16.32 -6.36 0.35
CA TYR B 1 -16.85 -5.93 -0.98
C TYR B 1 -16.87 -4.42 -1.04
N GLY B 2 -17.38 -3.88 -2.15
CA GLY B 2 -17.46 -2.43 -2.32
C GLY B 2 -16.13 -1.77 -1.98
N VAL B 3 -16.00 -1.30 -0.75
CA VAL B 3 -14.77 -0.65 -0.30
C VAL B 3 -14.25 -1.30 0.98
N SER B 4 -12.95 -1.55 1.02
CA SER B 4 -12.31 -2.17 2.17
C SER B 4 -11.41 -1.16 2.88
N PHE B 5 -11.20 -1.34 4.18
CA PHE B 5 -10.38 -0.41 4.96
C PHE B 5 -9.29 -1.16 5.74
N PHE B 6 -8.05 -0.62 5.72
CA PHE B 6 -6.98 -1.26 6.47
C PHE B 6 -6.10 -0.22 7.15
N LEU B 7 -5.90 -0.38 8.43
CA LEU B 7 -5.05 0.53 9.17
C LEU B 7 -3.61 0.16 8.96
N VAL B 8 -2.98 1.00 8.19
CA VAL B 8 -1.60 0.81 7.81
C VAL B 8 -0.76 1.98 8.30
N LYS B 9 0.56 1.79 8.38
CA LYS B 9 1.44 2.88 8.82
C LYS B 9 2.11 3.50 7.63
N GLU B 10 2.33 4.80 7.71
CA GLU B 10 2.95 5.53 6.62
C GLU B 10 4.09 6.40 7.09
N LYS B 11 5.06 6.52 6.21
CA LYS B 11 6.25 7.31 6.48
C LYS B 11 5.97 8.80 6.39
N MET B 12 5.84 9.42 7.57
CA MET B 12 5.61 10.85 7.64
C MET B 12 6.86 11.58 8.07
N LYS B 13 6.83 12.89 7.96
CA LYS B 13 7.94 13.72 8.37
C LYS B 13 7.66 14.35 9.72
N GLY B 14 8.69 14.45 10.53
CA GLY B 14 8.58 15.03 11.85
C GLY B 14 9.11 14.08 12.90
N LYS B 15 9.17 12.82 12.53
CA LYS B 15 9.63 11.80 13.44
C LYS B 15 10.58 10.83 12.75
N ASN B 16 10.48 10.76 11.42
CA ASN B 16 11.32 9.87 10.64
C ASN B 16 10.68 8.48 10.53
N LYS B 17 9.92 8.10 11.56
CA LYS B 17 9.28 6.79 11.56
C LYS B 17 7.94 6.83 10.83
N LEU B 18 7.24 5.70 10.86
CA LEU B 18 5.95 5.61 10.22
C LEU B 18 4.87 6.12 11.12
N VAL B 19 3.74 6.40 10.52
CA VAL B 19 2.61 6.93 11.26
C VAL B 19 1.38 6.07 11.00
N PRO B 20 0.73 5.54 12.02
CA PRO B 20 -0.49 4.74 11.79
C PRO B 20 -1.36 5.47 10.79
N ARG B 21 -2.06 4.75 9.95
CA ARG B 21 -2.85 5.40 8.95
C ARG B 21 -4.01 4.52 8.61
N LEU B 22 -4.75 4.90 7.61
CA LEU B 22 -5.91 4.15 7.26
C LEU B 22 -6.03 4.12 5.75
N LEU B 23 -6.03 2.91 5.20
CA LEU B 23 -6.10 2.71 3.77
C LEU B 23 -7.53 2.39 3.40
N GLY B 24 -7.87 2.62 2.14
CA GLY B 24 -9.18 2.29 1.69
C GLY B 24 -9.14 1.75 0.28
N ILE B 25 -9.35 0.45 0.15
CA ILE B 25 -9.37 -0.16 -1.16
C ILE B 25 -10.79 -0.07 -1.68
N THR B 26 -10.91 0.55 -2.83
CA THR B 26 -12.17 0.73 -3.47
C THR B 26 -12.14 -0.01 -4.78
N LYS B 27 -13.23 -0.69 -5.10
CA LYS B 27 -13.30 -1.44 -6.35
C LYS B 27 -13.06 -0.54 -7.55
N GLU B 28 -12.57 0.64 -7.30
CA GLU B 28 -12.25 1.60 -8.35
C GLU B 28 -11.00 2.40 -8.00
N CYS B 29 -10.44 2.17 -6.81
CA CYS B 29 -9.29 2.95 -6.39
C CYS B 29 -8.70 2.46 -5.09
N VAL B 30 -7.64 3.14 -4.72
CA VAL B 30 -6.91 2.86 -3.51
C VAL B 30 -6.65 4.19 -2.85
N MET B 31 -6.67 4.27 -1.54
CA MET B 31 -6.50 5.60 -0.95
C MET B 31 -5.90 5.59 0.43
N ARG B 32 -5.21 6.69 0.74
CA ARG B 32 -4.64 6.87 2.06
C ARG B 32 -5.59 7.71 2.89
N VAL B 33 -6.25 7.04 3.81
CA VAL B 33 -7.22 7.68 4.68
C VAL B 33 -6.61 8.09 6.00
N ASP B 34 -7.14 9.17 6.56
CA ASP B 34 -6.62 9.69 7.82
C ASP B 34 -7.30 9.03 9.00
N GLU B 35 -6.69 7.94 9.45
CA GLU B 35 -7.21 7.19 10.59
C GLU B 35 -7.81 8.13 11.62
N LYS B 36 -7.31 9.34 11.65
CA LYS B 36 -7.78 10.34 12.57
C LYS B 36 -9.18 10.83 12.21
N THR B 37 -9.40 11.08 10.92
CA THR B 37 -10.68 11.59 10.46
C THR B 37 -11.43 10.58 9.58
N LYS B 38 -10.72 9.59 9.06
CA LYS B 38 -11.35 8.60 8.21
C LYS B 38 -11.56 9.18 6.81
N GLU B 39 -11.15 10.43 6.63
CA GLU B 39 -11.26 11.08 5.34
C GLU B 39 -10.10 10.68 4.47
N VAL B 40 -10.28 10.79 3.17
CA VAL B 40 -9.24 10.40 2.23
C VAL B 40 -8.26 11.53 1.96
N ILE B 41 -6.99 11.20 2.04
CA ILE B 41 -5.94 12.15 1.78
C ILE B 41 -5.40 11.90 0.38
N GLN B 42 -5.47 10.63 -0.04
CA GLN B 42 -4.97 10.27 -1.34
C GLN B 42 -5.85 9.24 -2.01
N GLU B 43 -5.75 9.18 -3.33
CA GLU B 43 -6.50 8.21 -4.11
C GLU B 43 -5.70 7.71 -5.28
N TRP B 44 -6.00 6.49 -5.68
CA TRP B 44 -5.33 5.89 -6.83
C TRP B 44 -6.13 4.73 -7.39
N SER B 45 -6.45 4.81 -8.68
CA SER B 45 -7.23 3.77 -9.32
C SER B 45 -6.71 2.39 -8.97
N LEU B 46 -7.65 1.49 -8.74
CA LEU B 46 -7.32 0.12 -8.45
C LEU B 46 -7.09 -0.55 -9.79
N THR B 47 -7.88 -0.13 -10.76
CA THR B 47 -7.76 -0.64 -12.11
C THR B 47 -6.52 -0.06 -12.77
N ASN B 48 -5.70 0.62 -11.97
CA ASN B 48 -4.47 1.20 -12.50
C ASN B 48 -3.27 0.47 -11.94
N ILE B 49 -3.52 -0.42 -10.98
CA ILE B 49 -2.44 -1.15 -10.37
C ILE B 49 -1.61 -1.92 -11.39
N LYS B 50 -0.30 -2.04 -11.14
CA LYS B 50 0.59 -2.76 -12.05
C LYS B 50 0.99 -4.08 -11.42
N ARG B 51 1.35 -4.00 -10.15
CA ARG B 51 1.70 -5.17 -9.36
C ARG B 51 1.89 -4.73 -7.92
N TRP B 52 1.36 -5.50 -7.00
CA TRP B 52 1.44 -5.15 -5.59
C TRP B 52 2.18 -6.23 -4.83
N ALA B 53 2.39 -6.04 -3.53
CA ALA B 53 3.13 -7.02 -2.77
C ALA B 53 2.83 -6.94 -1.29
N ALA B 54 1.97 -7.82 -0.86
CA ALA B 54 1.58 -7.89 0.53
C ALA B 54 2.62 -8.66 1.34
N SER B 55 2.81 -8.28 2.60
CA SER B 55 3.77 -8.95 3.45
C SER B 55 3.16 -9.19 4.83
N PRO B 56 3.82 -9.89 5.70
CA PRO B 56 3.29 -10.18 7.06
C PRO B 56 3.41 -8.99 7.99
N LYS B 57 4.11 -7.97 7.53
CA LYS B 57 4.32 -6.75 8.32
C LYS B 57 3.98 -5.52 7.51
N SER B 58 3.99 -5.66 6.20
CA SER B 58 3.71 -4.53 5.34
C SER B 58 3.11 -4.96 4.02
N PHE B 59 2.60 -3.99 3.30
CA PHE B 59 2.00 -4.25 2.01
C PHE B 59 2.41 -3.16 1.06
N THR B 60 2.37 -3.44 -0.22
CA THR B 60 2.86 -2.48 -1.18
C THR B 60 2.13 -2.52 -2.51
N LEU B 61 2.16 -1.39 -3.21
CA LEU B 61 1.52 -1.26 -4.49
C LEU B 61 2.48 -0.77 -5.54
N ASP B 62 2.42 -1.30 -6.76
CA ASP B 62 3.28 -0.79 -7.81
C ASP B 62 2.45 -0.20 -8.93
N PHE B 63 2.27 1.10 -8.86
CA PHE B 63 1.57 1.80 -9.93
C PHE B 63 2.25 3.11 -10.29
N GLY B 64 3.10 3.06 -11.31
CA GLY B 64 3.80 4.27 -11.76
C GLY B 64 5.27 4.00 -11.92
N ASP B 65 5.62 2.74 -11.87
CA ASP B 65 7.01 2.32 -11.99
C ASP B 65 7.75 3.11 -13.06
N TYR B 66 7.01 3.78 -13.93
CA TYR B 66 7.63 4.57 -14.95
C TYR B 66 8.59 5.54 -14.28
N GLN B 67 8.14 6.02 -13.14
CA GLN B 67 8.95 6.89 -12.32
C GLN B 67 9.01 6.29 -10.93
N ASP B 68 8.08 6.70 -10.09
CA ASP B 68 7.96 6.11 -8.77
C ASP B 68 6.51 5.71 -8.58
N GLY B 69 6.24 4.45 -8.85
CA GLY B 69 4.88 3.94 -8.73
C GLY B 69 4.68 3.15 -7.44
N TYR B 70 5.74 3.01 -6.69
CA TYR B 70 5.67 2.20 -5.48
C TYR B 70 5.14 2.93 -4.28
N TYR B 71 3.91 2.59 -3.91
CA TYR B 71 3.30 3.15 -2.70
C TYR B 71 3.09 2.04 -1.70
N SER B 72 3.70 2.18 -0.54
CA SER B 72 3.61 1.14 0.48
C SER B 72 3.42 1.69 1.87
N VAL B 73 3.01 0.80 2.75
CA VAL B 73 2.81 1.16 4.13
C VAL B 73 3.04 -0.06 5.03
N GLN B 74 2.98 0.13 6.34
CA GLN B 74 3.18 -0.98 7.25
C GLN B 74 1.87 -1.49 7.78
N THR B 75 1.67 -2.77 7.59
CA THR B 75 0.47 -3.45 8.04
C THR B 75 0.76 -4.93 8.24
N THR B 76 0.27 -5.49 9.33
CA THR B 76 0.51 -6.90 9.58
C THR B 76 -0.55 -7.75 8.92
N GLU B 77 -1.26 -7.15 7.97
CA GLU B 77 -2.23 -7.87 7.18
C GLU B 77 -2.21 -7.32 5.75
N GLY B 78 -1.29 -7.84 4.98
CA GLY B 78 -1.18 -7.46 3.58
C GLY B 78 -2.10 -8.30 2.73
N GLU B 79 -1.87 -9.60 2.79
CA GLU B 79 -2.66 -10.56 2.02
C GLU B 79 -4.13 -10.23 2.07
N GLN B 80 -4.50 -9.49 3.07
CA GLN B 80 -5.90 -9.10 3.23
C GLN B 80 -6.17 -7.91 2.35
N ILE B 81 -5.21 -7.02 2.31
CA ILE B 81 -5.29 -5.84 1.49
C ILE B 81 -5.03 -6.20 0.03
N ALA B 82 -4.03 -7.05 -0.14
CA ALA B 82 -3.58 -7.48 -1.45
C ALA B 82 -4.53 -8.46 -2.13
N GLN B 83 -5.05 -9.43 -1.39
CA GLN B 83 -5.92 -10.43 -2.00
C GLN B 83 -7.18 -9.79 -2.54
N LEU B 84 -7.60 -8.80 -1.82
CA LEU B 84 -8.80 -8.06 -2.17
C LEU B 84 -8.50 -7.17 -3.37
N ILE B 85 -7.46 -6.37 -3.23
CA ILE B 85 -7.02 -5.54 -4.31
C ILE B 85 -6.93 -6.44 -5.50
N ALA B 86 -6.15 -7.49 -5.30
CA ALA B 86 -5.95 -8.51 -6.30
C ALA B 86 -7.29 -9.03 -6.81
N GLY B 87 -8.27 -9.06 -5.92
CA GLY B 87 -9.58 -9.57 -6.29
C GLY B 87 -10.42 -8.49 -6.91
N TYR B 88 -10.01 -7.27 -6.69
CA TYR B 88 -10.70 -6.12 -7.23
C TYR B 88 -10.19 -5.84 -8.63
N ILE B 89 -8.89 -6.03 -8.84
CA ILE B 89 -8.35 -5.85 -10.19
C ILE B 89 -8.87 -6.94 -11.08
N ASP B 90 -9.44 -7.92 -10.43
CA ASP B 90 -9.98 -9.07 -11.13
C ASP B 90 -11.32 -8.71 -11.71
N ILE B 91 -11.91 -7.70 -11.13
CA ILE B 91 -13.21 -7.22 -11.51
C ILE B 91 -13.13 -6.13 -12.54
N ILE B 92 -12.50 -5.06 -12.12
CA ILE B 92 -12.36 -3.86 -12.92
C ILE B 92 -11.52 -4.09 -14.17
N LEU B 93 -10.70 -5.14 -14.17
CA LEU B 93 -9.85 -5.39 -15.34
C LEU B 93 -10.68 -5.30 -16.63
N ASP A 1 4.84 -10.97 -12.65
CA ASP A 1 6.12 -11.68 -12.87
C ASP A 1 6.42 -12.57 -11.67
N ILE A 2 5.69 -12.37 -10.59
CA ILE A 2 5.87 -13.16 -9.38
C ILE A 2 7.35 -13.42 -9.13
N ASP A 3 7.63 -14.42 -8.32
CA ASP A 3 9.00 -14.80 -8.00
C ASP A 3 9.76 -13.63 -7.38
N GLN A 4 10.20 -12.70 -8.21
CA GLN A 4 10.96 -11.55 -7.72
C GLN A 4 10.04 -10.53 -7.07
N MET A 5 8.89 -10.30 -7.72
CA MET A 5 7.90 -9.34 -7.24
C MET A 5 8.08 -9.00 -5.77
N PHE A 6 7.75 -9.95 -4.92
CA PHE A 6 7.89 -9.75 -3.50
C PHE A 6 9.17 -8.99 -3.20
N SER A 7 10.29 -9.55 -3.64
CA SER A 7 11.58 -8.91 -3.43
C SER A 7 11.68 -7.62 -4.23
N THR A 8 10.91 -7.53 -5.31
CA THR A 8 10.92 -6.35 -6.16
C THR A 8 10.17 -5.19 -5.49
N LEU A 9 9.32 -5.52 -4.53
CA LEU A 9 8.56 -4.49 -3.82
C LEU A 9 9.08 -4.38 -2.39
N LEU A 10 9.35 -5.53 -1.78
CA LEU A 10 9.86 -5.55 -0.43
C LEU A 10 11.21 -4.84 -0.37
N GLY A 11 12.07 -5.11 -1.35
CA GLY A 11 13.37 -4.44 -1.42
C GLY A 11 13.15 -2.94 -1.49
N GLU A 12 12.10 -2.54 -2.20
CA GLU A 12 11.76 -1.14 -2.33
C GLU A 12 11.22 -0.60 -1.00
N MET A 13 10.39 -1.39 -0.36
CA MET A 13 9.84 -0.98 0.92
C MET A 13 10.95 -0.56 1.86
N ASP A 14 12.11 -1.20 1.74
CA ASP A 14 13.24 -0.86 2.59
C ASP A 14 13.50 0.65 2.53
N LEU A 15 13.13 1.28 1.42
CA LEU A 15 13.34 2.72 1.26
C LEU A 15 12.29 3.53 2.00
N LEU A 16 11.28 2.85 2.53
CA LEU A 16 10.21 3.53 3.28
C LEU A 16 10.53 3.54 4.77
N THR A 17 11.56 2.79 5.16
CA THR A 17 11.93 2.72 6.57
C THR A 17 13.34 3.23 6.77
N GLN A 18 14.07 3.33 5.68
CA GLN A 18 15.44 3.80 5.74
C GLN A 18 15.56 5.03 6.61
N SER A 19 15.08 6.16 6.11
CA SER A 19 15.18 7.41 6.85
C SER A 19 14.52 8.56 6.09
N LEU A 20 14.85 8.68 4.81
CA LEU A 20 14.29 9.74 3.98
C LEU A 20 12.77 9.59 3.85
N GLY A 21 12.33 9.02 2.73
CA GLY A 21 10.90 8.82 2.50
C GLY A 21 10.12 10.10 2.76
N VAL A 22 10.00 10.93 1.73
CA VAL A 22 9.26 12.19 1.86
C VAL A 22 7.77 11.93 1.90
N ASP A 23 7.31 11.02 1.07
CA ASP A 23 5.88 10.68 1.01
C ASP A 23 5.05 11.94 0.75
N THR A 24 4.72 12.19 -0.51
CA THR A 24 3.93 13.35 -0.87
C THR A 24 2.76 13.52 0.09
N TYR B 1 -18.03 -7.98 -1.28
CA TYR B 1 -17.56 -6.98 -0.28
C TYR B 1 -17.20 -5.68 -1.00
N GLY B 2 -17.78 -4.58 -0.52
CA GLY B 2 -17.51 -3.28 -1.12
C GLY B 2 -16.19 -2.71 -0.64
N VAL B 3 -16.07 -1.38 -0.68
CA VAL B 3 -14.84 -0.72 -0.24
C VAL B 3 -14.29 -1.37 1.02
N SER B 4 -12.97 -1.56 1.04
CA SER B 4 -12.31 -2.17 2.19
C SER B 4 -11.43 -1.15 2.90
N PHE B 5 -11.21 -1.35 4.20
CA PHE B 5 -10.41 -0.42 5.00
C PHE B 5 -9.32 -1.14 5.78
N PHE B 6 -8.08 -0.63 5.77
CA PHE B 6 -7.01 -1.26 6.53
C PHE B 6 -6.14 -0.22 7.20
N LEU B 7 -5.95 -0.39 8.49
CA LEU B 7 -5.12 0.53 9.24
C LEU B 7 -3.67 0.16 9.03
N VAL B 8 -3.04 0.99 8.26
CA VAL B 8 -1.67 0.78 7.88
C VAL B 8 -0.82 1.95 8.36
N LYS B 9 0.51 1.78 8.42
CA LYS B 9 1.38 2.85 8.86
C LYS B 9 2.06 3.47 7.65
N GLU B 10 2.28 4.75 7.72
CA GLU B 10 2.91 5.46 6.62
C GLU B 10 3.98 6.43 7.07
N LYS B 11 4.92 6.65 6.19
CA LYS B 11 6.04 7.54 6.46
C LYS B 11 5.64 9.00 6.29
N MET B 12 5.41 9.66 7.42
CA MET B 12 5.03 11.07 7.43
C MET B 12 6.25 11.95 7.55
N LYS B 13 6.01 13.26 7.55
CA LYS B 13 7.08 14.22 7.69
C LYS B 13 7.16 14.69 9.14
N GLY B 14 8.36 14.89 9.59
CA GLY B 14 8.60 15.34 10.96
C GLY B 14 9.55 14.39 11.66
N LYS B 15 9.57 13.16 11.20
CA LYS B 15 10.42 12.15 11.80
C LYS B 15 10.90 11.16 10.73
N ASN B 16 11.28 9.96 11.18
CA ASN B 16 11.77 8.94 10.26
C ASN B 16 10.87 7.72 10.29
N LYS B 17 10.20 7.49 11.42
CA LYS B 17 9.33 6.34 11.56
C LYS B 17 8.04 6.53 10.77
N LEU B 18 7.14 5.56 10.88
CA LEU B 18 5.86 5.63 10.19
C LEU B 18 4.79 6.09 11.13
N VAL B 19 3.66 6.45 10.56
CA VAL B 19 2.55 6.93 11.34
C VAL B 19 1.32 6.07 11.08
N PRO B 20 0.67 5.52 12.09
CA PRO B 20 -0.54 4.72 11.86
C PRO B 20 -1.41 5.44 10.87
N ARG B 21 -2.10 4.73 10.01
CA ARG B 21 -2.89 5.38 9.02
C ARG B 21 -4.04 4.49 8.66
N LEU B 22 -4.79 4.88 7.67
CA LEU B 22 -5.94 4.14 7.30
C LEU B 22 -6.06 4.11 5.79
N LEU B 23 -6.06 2.91 5.24
CA LEU B 23 -6.14 2.72 3.82
C LEU B 23 -7.55 2.40 3.43
N GLY B 24 -7.90 2.62 2.17
CA GLY B 24 -9.21 2.30 1.72
C GLY B 24 -9.15 1.77 0.31
N ILE B 25 -9.38 0.48 0.16
CA ILE B 25 -9.40 -0.12 -1.15
C ILE B 25 -10.80 -0.02 -1.70
N THR B 26 -10.91 0.59 -2.85
CA THR B 26 -12.17 0.77 -3.51
C THR B 26 -12.11 0.04 -4.83
N LYS B 27 -13.19 -0.63 -5.17
CA LYS B 27 -13.24 -1.38 -6.43
C LYS B 27 -12.99 -0.45 -7.62
N GLU B 28 -12.49 0.72 -7.35
CA GLU B 28 -12.18 1.70 -8.39
C GLU B 28 -10.92 2.48 -8.01
N CYS B 29 -10.38 2.24 -6.82
CA CYS B 29 -9.23 3.02 -6.38
C CYS B 29 -8.68 2.55 -5.05
N VAL B 30 -7.59 3.20 -4.69
CA VAL B 30 -6.89 2.92 -3.46
C VAL B 30 -6.65 4.24 -2.81
N MET B 31 -6.67 4.31 -1.49
CA MET B 31 -6.52 5.63 -0.89
C MET B 31 -5.91 5.63 0.50
N ARG B 32 -5.23 6.73 0.81
CA ARG B 32 -4.66 6.91 2.13
C ARG B 32 -5.62 7.73 2.96
N VAL B 33 -6.27 7.06 3.88
CA VAL B 33 -7.26 7.68 4.74
C VAL B 33 -6.65 8.09 6.07
N ASP B 34 -7.18 9.15 6.65
CA ASP B 34 -6.68 9.67 7.90
C ASP B 34 -7.36 8.98 9.08
N GLU B 35 -6.75 7.91 9.54
CA GLU B 35 -7.25 7.14 10.66
C GLU B 35 -7.87 8.06 11.71
N LYS B 36 -7.38 9.28 11.73
CA LYS B 36 -7.85 10.28 12.66
C LYS B 36 -9.26 10.76 12.31
N THR B 37 -9.51 10.98 11.03
CA THR B 37 -10.79 11.47 10.58
C THR B 37 -11.53 10.48 9.69
N LYS B 38 -10.81 9.50 9.15
CA LYS B 38 -11.41 8.50 8.29
C LYS B 38 -11.65 9.08 6.90
N GLU B 39 -11.24 10.33 6.71
CA GLU B 39 -11.39 10.97 5.42
C GLU B 39 -10.20 10.63 4.55
N VAL B 40 -10.39 10.72 3.26
CA VAL B 40 -9.34 10.38 2.32
C VAL B 40 -8.41 11.53 2.05
N ILE B 41 -7.11 11.24 2.11
CA ILE B 41 -6.11 12.24 1.84
C ILE B 41 -5.57 11.99 0.45
N GLN B 42 -5.57 10.73 0.04
CA GLN B 42 -5.06 10.38 -1.27
C GLN B 42 -5.91 9.32 -1.94
N GLU B 43 -5.82 9.28 -3.26
CA GLU B 43 -6.54 8.29 -4.04
C GLU B 43 -5.71 7.80 -5.20
N TRP B 44 -5.95 6.55 -5.57
CA TRP B 44 -5.25 5.97 -6.71
C TRP B 44 -6.05 4.82 -7.30
N SER B 45 -6.37 4.91 -8.58
CA SER B 45 -7.14 3.89 -9.24
C SER B 45 -6.64 2.51 -8.92
N LEU B 46 -7.57 1.60 -8.70
CA LEU B 46 -7.24 0.23 -8.44
C LEU B 46 -6.98 -0.41 -9.79
N THR B 47 -7.77 0.03 -10.77
CA THR B 47 -7.61 -0.45 -12.13
C THR B 47 -6.34 0.11 -12.72
N ASN B 48 -5.56 0.79 -11.89
CA ASN B 48 -4.31 1.36 -12.37
C ASN B 48 -3.14 0.60 -11.79
N ILE B 49 -3.44 -0.35 -10.91
CA ILE B 49 -2.39 -1.13 -10.30
C ILE B 49 -1.57 -1.89 -11.33
N LYS B 50 -0.25 -2.02 -11.09
CA LYS B 50 0.62 -2.74 -12.00
C LYS B 50 1.01 -4.07 -11.37
N ARG B 51 1.39 -3.99 -10.11
CA ARG B 51 1.73 -5.17 -9.33
C ARG B 51 1.92 -4.73 -7.88
N TRP B 52 1.38 -5.50 -6.98
CA TRP B 52 1.44 -5.17 -5.57
C TRP B 52 2.19 -6.25 -4.80
N ALA B 53 2.41 -6.05 -3.51
CA ALA B 53 3.14 -7.04 -2.75
C ALA B 53 2.86 -6.94 -1.26
N ALA B 54 1.98 -7.81 -0.83
CA ALA B 54 1.59 -7.87 0.56
C ALA B 54 2.62 -8.66 1.37
N SER B 55 2.77 -8.29 2.65
CA SER B 55 3.71 -8.99 3.51
C SER B 55 3.08 -9.21 4.88
N PRO B 56 3.74 -9.91 5.78
CA PRO B 56 3.20 -10.18 7.13
C PRO B 56 3.34 -8.99 8.06
N LYS B 57 4.03 -7.97 7.58
CA LYS B 57 4.27 -6.76 8.36
C LYS B 57 3.94 -5.53 7.55
N SER B 58 3.96 -5.67 6.24
CA SER B 58 3.68 -4.53 5.38
C SER B 58 3.11 -4.96 4.05
N PHE B 59 2.56 -4.00 3.34
CA PHE B 59 1.98 -4.26 2.05
C PHE B 59 2.38 -3.16 1.11
N THR B 60 2.36 -3.44 -0.18
CA THR B 60 2.85 -2.47 -1.13
C THR B 60 2.12 -2.51 -2.46
N LEU B 61 2.17 -1.39 -3.16
CA LEU B 61 1.53 -1.26 -4.45
C LEU B 61 2.50 -0.77 -5.49
N ASP B 62 2.42 -1.28 -6.73
CA ASP B 62 3.27 -0.77 -7.77
C ASP B 62 2.45 -0.17 -8.89
N PHE B 63 2.27 1.12 -8.82
CA PHE B 63 1.57 1.84 -9.88
C PHE B 63 2.25 3.14 -10.24
N GLY B 64 3.09 3.09 -11.26
CA GLY B 64 3.78 4.29 -11.72
C GLY B 64 5.25 4.02 -11.89
N ASP B 65 5.60 2.75 -11.85
CA ASP B 65 6.99 2.33 -11.98
C ASP B 65 7.72 3.12 -13.05
N TYR B 66 6.98 3.79 -13.91
CA TYR B 66 7.60 4.58 -14.94
C TYR B 66 8.56 5.54 -14.27
N GLN B 67 8.13 6.02 -13.13
CA GLN B 67 8.93 6.90 -12.31
C GLN B 67 9.01 6.28 -10.92
N ASP B 68 8.09 6.69 -10.07
CA ASP B 68 7.98 6.10 -8.77
C ASP B 68 6.52 5.71 -8.56
N GLY B 69 6.24 4.46 -8.83
CA GLY B 69 4.89 3.95 -8.70
C GLY B 69 4.69 3.16 -7.42
N TYR B 70 5.75 3.02 -6.66
CA TYR B 70 5.69 2.20 -5.46
C TYR B 70 5.17 2.94 -4.24
N TYR B 71 3.95 2.60 -3.86
CA TYR B 71 3.35 3.16 -2.65
C TYR B 71 3.13 2.04 -1.65
N SER B 72 3.71 2.18 -0.47
CA SER B 72 3.62 1.15 0.53
C SER B 72 3.40 1.69 1.92
N VAL B 73 2.97 0.80 2.79
CA VAL B 73 2.74 1.14 4.16
C VAL B 73 2.98 -0.07 5.06
N GLN B 74 2.93 0.13 6.39
CA GLN B 74 3.12 -0.99 7.30
C GLN B 74 1.80 -1.51 7.82
N THR B 75 1.63 -2.79 7.63
CA THR B 75 0.42 -3.47 8.07
C THR B 75 0.71 -4.95 8.28
N THR B 76 0.21 -5.51 9.37
CA THR B 76 0.45 -6.91 9.61
C THR B 76 -0.59 -7.78 8.94
N GLU B 77 -1.29 -7.18 8.00
CA GLU B 77 -2.26 -7.91 7.20
C GLU B 77 -2.24 -7.35 5.78
N GLY B 78 -1.31 -7.85 4.99
CA GLY B 78 -1.19 -7.45 3.61
C GLY B 78 -2.10 -8.30 2.74
N GLU B 79 -1.89 -9.60 2.80
CA GLU B 79 -2.67 -10.56 2.01
C GLU B 79 -4.14 -10.24 2.08
N GLN B 80 -4.51 -9.48 3.07
CA GLN B 80 -5.91 -9.10 3.22
C GLN B 80 -6.19 -7.90 2.34
N ILE B 81 -5.22 -7.01 2.31
CA ILE B 81 -5.31 -5.82 1.49
C ILE B 81 -5.02 -6.18 0.04
N ALA B 82 -4.02 -7.04 -0.12
CA ALA B 82 -3.57 -7.46 -1.44
C ALA B 82 -4.52 -8.44 -2.12
N GLN B 83 -5.05 -9.41 -1.39
CA GLN B 83 -5.92 -10.40 -2.03
C GLN B 83 -7.17 -9.75 -2.56
N LEU B 84 -7.61 -8.77 -1.85
CA LEU B 84 -8.80 -8.03 -2.20
C LEU B 84 -8.48 -7.13 -3.39
N ILE B 85 -7.44 -6.33 -3.24
CA ILE B 85 -6.98 -5.49 -4.31
C ILE B 85 -6.89 -6.38 -5.51
N ALA B 86 -6.13 -7.44 -5.31
CA ALA B 86 -5.92 -8.47 -6.31
C ALA B 86 -7.25 -8.99 -6.83
N GLY B 87 -8.24 -9.02 -5.93
CA GLY B 87 -9.54 -9.53 -6.30
C GLY B 87 -10.38 -8.46 -6.94
N TYR B 88 -9.96 -7.23 -6.72
CA TYR B 88 -10.65 -6.09 -7.27
C TYR B 88 -10.14 -5.81 -8.67
N ILE B 89 -8.84 -5.99 -8.87
CA ILE B 89 -8.30 -5.82 -10.22
C ILE B 89 -8.80 -6.92 -11.10
N ASP B 90 -9.37 -7.90 -10.46
CA ASP B 90 -9.91 -9.05 -11.15
C ASP B 90 -11.26 -8.70 -11.74
N ILE B 91 -11.84 -7.69 -11.14
CA ILE B 91 -13.15 -7.23 -11.52
C ILE B 91 -13.08 -6.14 -12.57
N ILE B 92 -12.45 -5.06 -12.14
CA ILE B 92 -12.33 -3.86 -12.96
C ILE B 92 -11.50 -4.09 -14.20
N LEU B 93 -10.68 -5.14 -14.21
CA LEU B 93 -9.84 -5.39 -15.39
C LEU B 93 -10.67 -5.31 -16.67
N ASP A 1 3.52 -15.69 -13.61
CA ASP A 1 4.94 -15.32 -13.85
C ASP A 1 5.42 -14.42 -12.72
N ILE A 2 5.21 -14.86 -11.49
CA ILE A 2 5.62 -14.07 -10.34
C ILE A 2 6.92 -14.61 -9.76
N ASP A 3 7.70 -13.72 -9.14
CA ASP A 3 8.97 -14.12 -8.55
C ASP A 3 9.57 -12.95 -7.77
N GLN A 4 10.74 -12.48 -8.21
CA GLN A 4 11.42 -11.38 -7.55
C GLN A 4 10.42 -10.34 -7.05
N MET A 5 9.33 -10.19 -7.81
CA MET A 5 8.27 -9.26 -7.48
C MET A 5 8.27 -8.89 -6.00
N PHE A 6 8.18 -9.89 -5.17
CA PHE A 6 8.20 -9.65 -3.74
C PHE A 6 9.44 -8.86 -3.36
N SER A 7 10.58 -9.52 -3.41
CA SER A 7 11.84 -8.87 -3.05
C SER A 7 11.94 -7.50 -3.72
N THR A 8 11.25 -7.35 -4.86
CA THR A 8 11.27 -6.09 -5.59
C THR A 8 10.56 -4.99 -4.79
N LEU A 9 9.33 -5.25 -4.40
CA LEU A 9 8.56 -4.27 -3.62
C LEU A 9 9.07 -4.29 -2.19
N LEU A 10 9.32 -5.49 -1.67
CA LEU A 10 9.83 -5.62 -0.32
C LEU A 10 11.14 -4.86 -0.20
N GLY A 11 11.98 -4.94 -1.24
CA GLY A 11 13.25 -4.21 -1.23
C GLY A 11 12.96 -2.73 -1.12
N GLU A 12 12.00 -2.26 -1.90
CA GLU A 12 11.60 -0.87 -1.87
C GLU A 12 11.08 -0.51 -0.49
N MET A 13 10.43 -1.45 0.16
CA MET A 13 9.92 -1.21 1.50
C MET A 13 11.08 -1.10 2.50
N ASP A 14 12.15 -1.86 2.24
CA ASP A 14 13.31 -1.83 3.11
C ASP A 14 13.82 -0.40 3.27
N LEU A 15 13.44 0.47 2.34
CA LEU A 15 13.89 1.85 2.41
C LEU A 15 13.20 2.60 3.56
N LEU A 16 11.93 2.32 3.77
CA LEU A 16 11.21 2.98 4.86
C LEU A 16 11.10 2.04 6.05
N THR A 17 11.76 0.89 5.94
CA THR A 17 11.74 -0.10 7.03
C THR A 17 13.15 -0.45 7.48
N GLN A 18 14.12 -0.28 6.58
CA GLN A 18 15.49 -0.59 6.87
C GLN A 18 15.60 -1.81 7.78
N SER A 19 15.63 -1.56 9.09
CA SER A 19 15.75 -2.65 10.04
C SER A 19 14.86 -2.42 11.27
N LEU A 20 15.39 -2.74 12.45
CA LEU A 20 14.63 -2.59 13.67
C LEU A 20 15.06 -1.31 14.41
N GLY A 21 15.62 -1.49 15.60
CA GLY A 21 16.07 -0.35 16.38
C GLY A 21 14.92 0.20 17.24
N VAL A 22 13.84 0.58 16.59
CA VAL A 22 12.68 1.12 17.30
C VAL A 22 11.57 0.07 17.40
N ASP A 23 11.80 -1.10 16.80
CA ASP A 23 10.83 -2.18 16.83
C ASP A 23 11.24 -3.23 17.85
N THR A 24 12.01 -4.22 17.41
CA THR A 24 12.47 -5.28 18.29
C THR A 24 13.79 -4.90 18.96
N TYR B 1 -17.21 -6.61 -1.74
CA TYR B 1 -18.34 -6.02 -0.96
C TYR B 1 -18.49 -4.55 -1.32
N GLY B 2 -17.46 -3.99 -1.94
CA GLY B 2 -17.50 -2.58 -2.34
C GLY B 2 -16.18 -1.90 -2.01
N VAL B 3 -16.07 -1.40 -0.78
CA VAL B 3 -14.86 -0.72 -0.34
C VAL B 3 -14.32 -1.34 0.95
N SER B 4 -13.02 -1.58 0.99
CA SER B 4 -12.37 -2.16 2.15
C SER B 4 -11.48 -1.13 2.83
N PHE B 5 -11.28 -1.29 4.14
CA PHE B 5 -10.47 -0.35 4.91
C PHE B 5 -9.41 -1.06 5.73
N PHE B 6 -8.16 -0.55 5.72
CA PHE B 6 -7.10 -1.17 6.49
C PHE B 6 -6.24 -0.13 7.17
N LEU B 7 -6.04 -0.30 8.46
CA LEU B 7 -5.21 0.62 9.21
C LEU B 7 -3.76 0.24 9.02
N VAL B 8 -3.13 1.03 8.20
CA VAL B 8 -1.76 0.81 7.83
C VAL B 8 -0.90 2.00 8.23
N LYS B 9 0.40 1.80 8.39
CA LYS B 9 1.27 2.92 8.75
C LYS B 9 1.90 3.48 7.49
N GLU B 10 1.99 4.78 7.43
CA GLU B 10 2.54 5.46 6.26
C GLU B 10 3.67 6.44 6.60
N LYS B 11 4.51 6.64 5.62
CA LYS B 11 5.66 7.53 5.76
C LYS B 11 5.24 8.98 5.71
N MET B 12 5.19 9.58 6.90
CA MET B 12 4.82 10.99 7.01
C MET B 12 6.04 11.86 7.22
N LYS B 13 5.80 13.16 7.33
CA LYS B 13 6.86 14.10 7.56
C LYS B 13 6.97 14.42 9.04
N GLY B 14 8.18 14.66 9.49
CA GLY B 14 8.45 14.97 10.87
C GLY B 14 9.45 13.99 11.46
N LYS B 15 9.47 12.80 10.88
CA LYS B 15 10.37 11.76 11.34
C LYS B 15 10.96 10.99 10.16
N ASN B 16 11.10 9.67 10.32
CA ASN B 16 11.64 8.85 9.27
C ASN B 16 10.85 7.55 9.15
N LYS B 17 10.13 7.18 10.21
CA LYS B 17 9.35 5.95 10.21
C LYS B 17 7.95 6.20 9.68
N LEU B 18 7.15 5.14 9.64
CA LEU B 18 5.79 5.26 9.19
C LEU B 18 4.89 5.69 10.32
N VAL B 19 3.74 6.19 9.96
CA VAL B 19 2.78 6.66 10.94
C VAL B 19 1.46 5.94 10.76
N PRO B 20 0.87 5.38 11.81
CA PRO B 20 -0.43 4.69 11.69
C PRO B 20 -1.29 5.45 10.70
N ARG B 21 -2.07 4.74 9.92
CA ARG B 21 -2.85 5.41 8.93
C ARG B 21 -4.02 4.55 8.57
N LEU B 22 -4.73 4.94 7.55
CA LEU B 22 -5.91 4.21 7.17
C LEU B 22 -6.02 4.18 5.67
N LEU B 23 -6.10 2.98 5.12
CA LEU B 23 -6.19 2.79 3.70
C LEU B 23 -7.61 2.45 3.33
N GLY B 24 -7.97 2.68 2.07
CA GLY B 24 -9.28 2.34 1.63
C GLY B 24 -9.22 1.78 0.22
N ILE B 25 -9.44 0.49 0.10
CA ILE B 25 -9.45 -0.14 -1.19
C ILE B 25 -10.87 -0.07 -1.73
N THR B 26 -11.00 0.52 -2.88
CA THR B 26 -12.27 0.65 -3.52
C THR B 26 -12.23 -0.09 -4.83
N LYS B 27 -13.30 -0.80 -5.14
CA LYS B 27 -13.36 -1.57 -6.37
C LYS B 27 -13.14 -0.68 -7.60
N GLU B 28 -12.67 0.51 -7.35
CA GLU B 28 -12.39 1.47 -8.41
C GLU B 28 -11.16 2.31 -8.07
N CYS B 29 -10.59 2.10 -6.88
CA CYS B 29 -9.46 2.91 -6.48
C CYS B 29 -8.84 2.45 -5.18
N VAL B 30 -7.80 3.17 -4.81
CA VAL B 30 -7.05 2.90 -3.61
C VAL B 30 -6.79 4.23 -2.96
N MET B 31 -6.77 4.31 -1.64
CA MET B 31 -6.59 5.64 -1.07
C MET B 31 -5.97 5.64 0.31
N ARG B 32 -5.23 6.71 0.60
CA ARG B 32 -4.64 6.90 1.90
C ARG B 32 -5.57 7.74 2.75
N VAL B 33 -6.19 7.09 3.70
CA VAL B 33 -7.14 7.74 4.58
C VAL B 33 -6.50 8.11 5.91
N ASP B 34 -6.98 9.19 6.50
CA ASP B 34 -6.44 9.67 7.75
C ASP B 34 -7.15 9.04 8.93
N GLU B 35 -6.60 7.94 9.41
CA GLU B 35 -7.15 7.20 10.54
C GLU B 35 -7.75 8.16 11.56
N LYS B 36 -7.19 9.36 11.59
CA LYS B 36 -7.65 10.40 12.50
C LYS B 36 -8.96 11.01 12.04
N THR B 37 -9.06 11.29 10.74
CA THR B 37 -10.25 11.92 10.19
C THR B 37 -11.08 10.97 9.33
N LYS B 38 -10.51 9.82 8.98
CA LYS B 38 -11.22 8.85 8.16
C LYS B 38 -11.42 9.41 6.76
N GLU B 39 -10.97 10.66 6.56
CA GLU B 39 -11.09 11.30 5.27
C GLU B 39 -9.93 10.88 4.39
N VAL B 40 -10.15 10.91 3.10
CA VAL B 40 -9.11 10.50 2.15
C VAL B 40 -8.12 11.59 1.87
N ILE B 41 -6.85 11.22 1.89
CA ILE B 41 -5.78 12.15 1.60
C ILE B 41 -5.28 11.89 0.20
N GLN B 42 -5.38 10.63 -0.23
CA GLN B 42 -4.93 10.25 -1.54
C GLN B 42 -5.86 9.26 -2.19
N GLU B 43 -5.80 9.22 -3.51
CA GLU B 43 -6.61 8.29 -4.28
C GLU B 43 -5.89 7.82 -5.52
N TRP B 44 -6.19 6.60 -5.92
CA TRP B 44 -5.62 6.04 -7.14
C TRP B 44 -6.41 4.85 -7.61
N SER B 45 -6.68 4.80 -8.90
CA SER B 45 -7.45 3.73 -9.48
C SER B 45 -6.89 2.38 -9.12
N LEU B 46 -7.79 1.47 -8.81
CA LEU B 46 -7.41 0.12 -8.49
C LEU B 46 -7.12 -0.58 -9.79
N THR B 47 -7.91 -0.21 -10.81
CA THR B 47 -7.73 -0.74 -12.15
C THR B 47 -6.51 -0.10 -12.79
N ASN B 48 -5.73 0.61 -11.99
CA ASN B 48 -4.52 1.25 -12.51
C ASN B 48 -3.29 0.63 -11.86
N ILE B 49 -3.51 -0.28 -10.93
CA ILE B 49 -2.41 -0.92 -10.25
C ILE B 49 -1.49 -1.62 -11.26
N LYS B 50 -0.19 -1.66 -10.94
CA LYS B 50 0.78 -2.31 -11.83
C LYS B 50 1.20 -3.64 -11.21
N ARG B 51 1.49 -3.59 -9.94
CA ARG B 51 1.85 -4.78 -9.18
C ARG B 51 1.99 -4.40 -7.71
N TRP B 52 1.45 -5.22 -6.85
CA TRP B 52 1.47 -4.94 -5.43
C TRP B 52 2.20 -6.04 -4.69
N ALA B 53 2.42 -5.86 -3.39
CA ALA B 53 3.16 -6.88 -2.65
C ALA B 53 2.87 -6.82 -1.16
N ALA B 54 2.00 -7.71 -0.74
CA ALA B 54 1.63 -7.81 0.65
C ALA B 54 2.67 -8.61 1.43
N SER B 55 2.90 -8.22 2.68
CA SER B 55 3.86 -8.91 3.51
C SER B 55 3.24 -9.19 4.89
N PRO B 56 3.93 -9.90 5.75
CA PRO B 56 3.40 -10.23 7.10
C PRO B 56 3.51 -9.06 8.06
N LYS B 57 4.21 -8.02 7.62
CA LYS B 57 4.41 -6.83 8.43
C LYS B 57 4.08 -5.58 7.65
N SER B 58 4.07 -5.70 6.34
CA SER B 58 3.78 -4.56 5.50
C SER B 58 3.16 -4.97 4.18
N PHE B 59 2.67 -3.97 3.48
CA PHE B 59 2.07 -4.20 2.19
C PHE B 59 2.45 -3.09 1.25
N THR B 60 2.39 -3.35 -0.04
CA THR B 60 2.86 -2.36 -0.98
C THR B 60 2.09 -2.37 -2.28
N LEU B 61 2.16 -1.24 -2.98
CA LEU B 61 1.48 -1.07 -4.24
C LEU B 61 2.39 -0.48 -5.29
N ASP B 62 2.29 -0.95 -6.54
CA ASP B 62 3.08 -0.36 -7.60
C ASP B 62 2.18 0.25 -8.66
N PHE B 63 1.97 1.54 -8.53
CA PHE B 63 1.16 2.29 -9.51
C PHE B 63 1.81 3.61 -9.86
N GLY B 64 2.58 3.62 -10.92
CA GLY B 64 3.23 4.84 -11.38
C GLY B 64 4.70 4.60 -11.67
N ASP B 65 5.04 3.33 -11.72
CA ASP B 65 6.42 2.93 -11.98
C ASP B 65 7.06 3.78 -13.07
N TYR B 66 6.25 4.49 -13.83
CA TYR B 66 6.79 5.35 -14.85
C TYR B 66 7.80 6.27 -14.22
N GLN B 67 7.47 6.69 -13.02
CA GLN B 67 8.34 7.52 -12.22
C GLN B 67 8.52 6.83 -10.89
N ASP B 68 7.67 7.19 -9.94
CA ASP B 68 7.65 6.53 -8.67
C ASP B 68 6.23 6.11 -8.37
N GLY B 69 5.92 4.88 -8.68
CA GLY B 69 4.57 4.37 -8.46
C GLY B 69 4.47 3.55 -7.21
N TYR B 70 5.58 3.37 -6.54
CA TYR B 70 5.60 2.51 -5.36
C TYR B 70 5.22 3.21 -4.08
N TYR B 71 4.01 2.91 -3.62
CA TYR B 71 3.55 3.45 -2.34
C TYR B 71 3.31 2.29 -1.39
N SER B 72 3.91 2.34 -0.21
CA SER B 72 3.79 1.25 0.74
C SER B 72 3.56 1.74 2.13
N VAL B 73 3.01 0.84 2.94
CA VAL B 73 2.73 1.15 4.32
C VAL B 73 3.02 -0.08 5.18
N GLN B 74 2.96 0.09 6.51
CA GLN B 74 3.20 -1.05 7.40
C GLN B 74 1.90 -1.57 7.96
N THR B 75 1.72 -2.85 7.75
CA THR B 75 0.53 -3.55 8.23
C THR B 75 0.84 -5.02 8.40
N THR B 76 0.34 -5.63 9.48
CA THR B 76 0.59 -7.03 9.69
C THR B 76 -0.46 -7.90 9.01
N GLU B 77 -1.18 -7.27 8.09
CA GLU B 77 -2.15 -7.98 7.27
C GLU B 77 -2.16 -7.40 5.87
N GLY B 78 -1.23 -7.87 5.06
CA GLY B 78 -1.14 -7.44 3.68
C GLY B 78 -2.05 -8.27 2.81
N GLU B 79 -1.83 -9.57 2.85
CA GLU B 79 -2.60 -10.53 2.07
C GLU B 79 -4.07 -10.22 2.13
N GLN B 80 -4.46 -9.48 3.13
CA GLN B 80 -5.85 -9.11 3.28
C GLN B 80 -6.14 -7.92 2.41
N ILE B 81 -5.19 -7.01 2.39
CA ILE B 81 -5.29 -5.81 1.58
C ILE B 81 -5.01 -6.16 0.12
N ALA B 82 -3.99 -6.99 -0.05
CA ALA B 82 -3.53 -7.40 -1.37
C ALA B 82 -4.46 -8.38 -2.07
N GLN B 83 -4.97 -9.36 -1.34
CA GLN B 83 -5.83 -10.36 -1.99
C GLN B 83 -7.08 -9.73 -2.54
N LEU B 84 -7.53 -8.75 -1.81
CA LEU B 84 -8.74 -8.03 -2.16
C LEU B 84 -8.43 -7.14 -3.34
N ILE B 85 -7.40 -6.32 -3.20
CA ILE B 85 -6.96 -5.49 -4.27
C ILE B 85 -6.85 -6.38 -5.47
N ALA B 86 -6.06 -7.41 -5.26
CA ALA B 86 -5.84 -8.44 -6.27
C ALA B 86 -7.15 -8.99 -6.77
N GLY B 87 -8.13 -9.05 -5.88
CA GLY B 87 -9.43 -9.60 -6.23
C GLY B 87 -10.30 -8.54 -6.87
N TYR B 88 -9.92 -7.31 -6.66
CA TYR B 88 -10.64 -6.19 -7.20
C TYR B 88 -10.14 -5.90 -8.60
N ILE B 89 -8.84 -6.06 -8.83
CA ILE B 89 -8.31 -5.87 -10.17
C ILE B 89 -8.79 -6.98 -11.06
N ASP B 90 -9.32 -7.98 -10.40
CA ASP B 90 -9.83 -9.16 -11.08
C ASP B 90 -11.19 -8.84 -11.67
N ILE B 91 -11.80 -7.85 -11.08
CA ILE B 91 -13.12 -7.41 -11.48
C ILE B 91 -13.07 -6.33 -12.52
N ILE B 92 -12.47 -5.22 -12.11
CA ILE B 92 -12.37 -4.04 -12.93
C ILE B 92 -11.54 -4.26 -14.18
N LEU B 93 -10.68 -5.29 -14.17
CA LEU B 93 -9.84 -5.52 -15.34
C LEU B 93 -10.67 -5.49 -16.62
N ASP A 1 7.03 -12.59 -13.52
CA ASP A 1 8.28 -12.25 -12.78
C ASP A 1 8.07 -12.56 -11.30
N ILE A 2 7.32 -13.62 -11.03
CA ILE A 2 7.06 -14.00 -9.65
C ILE A 2 8.36 -14.18 -8.88
N ASP A 3 8.25 -14.75 -7.68
CA ASP A 3 9.42 -14.99 -6.83
C ASP A 3 10.09 -13.68 -6.45
N GLN A 4 10.63 -12.99 -7.44
CA GLN A 4 11.30 -11.72 -7.18
C GLN A 4 10.30 -10.67 -6.74
N MET A 5 9.27 -10.47 -7.57
CA MET A 5 8.21 -9.50 -7.31
C MET A 5 8.10 -9.16 -5.84
N PHE A 6 7.64 -10.13 -5.07
CA PHE A 6 7.49 -9.93 -3.64
C PHE A 6 8.70 -9.20 -3.09
N SER A 7 9.88 -9.80 -3.30
CA SER A 7 11.11 -9.21 -2.81
C SER A 7 11.36 -7.86 -3.47
N THR A 8 11.06 -7.77 -4.76
CA THR A 8 11.26 -6.54 -5.51
C THR A 8 10.56 -5.36 -4.83
N LEU A 9 9.34 -5.58 -4.39
CA LEU A 9 8.59 -4.52 -3.71
C LEU A 9 9.10 -4.38 -2.29
N LEU A 10 9.37 -5.51 -1.65
CA LEU A 10 9.89 -5.49 -0.30
C LEU A 10 11.19 -4.69 -0.25
N GLY A 11 12.02 -4.85 -1.28
CA GLY A 11 13.27 -4.10 -1.36
C GLY A 11 12.95 -2.62 -1.47
N GLU A 12 11.97 -2.30 -2.30
CA GLU A 12 11.54 -0.92 -2.47
C GLU A 12 11.00 -0.38 -1.16
N MET A 13 10.28 -1.22 -0.42
CA MET A 13 9.72 -0.79 0.85
C MET A 13 10.85 -0.34 1.78
N ASP A 14 12.00 -0.98 1.69
CA ASP A 14 13.12 -0.60 2.54
C ASP A 14 13.36 0.91 2.47
N LEU A 15 13.01 1.51 1.33
CA LEU A 15 13.20 2.95 1.15
C LEU A 15 12.11 3.74 1.88
N LEU A 16 11.00 3.08 2.21
CA LEU A 16 9.91 3.74 2.91
C LEU A 16 10.26 3.92 4.39
N THR A 17 11.31 3.23 4.83
CA THR A 17 11.72 3.32 6.22
C THR A 17 13.04 4.03 6.34
N GLN A 18 13.97 3.68 5.47
CA GLN A 18 15.28 4.25 5.47
C GLN A 18 15.85 4.27 6.88
N SER A 19 17.06 4.80 7.01
CA SER A 19 17.71 4.88 8.31
C SER A 19 17.43 3.64 9.15
N LEU A 20 16.34 3.66 9.90
CA LEU A 20 15.95 2.53 10.74
C LEU A 20 16.17 1.21 10.00
N GLY A 21 15.84 1.20 8.71
CA GLY A 21 16.01 0.00 7.90
C GLY A 21 17.39 -0.03 7.26
N VAL A 22 17.93 1.14 6.95
CA VAL A 22 19.25 1.24 6.33
C VAL A 22 20.34 0.90 7.35
N ASP A 23 19.93 0.69 8.59
CA ASP A 23 20.87 0.35 9.65
C ASP A 23 20.79 -1.13 9.99
N THR A 24 19.90 -1.84 9.32
CA THR A 24 19.73 -3.27 9.56
C THR A 24 19.22 -3.96 8.29
N TYR B 1 -18.61 -7.66 -1.02
CA TYR B 1 -17.61 -6.90 -0.21
C TYR B 1 -17.24 -5.63 -0.95
N GLY B 2 -17.80 -4.50 -0.51
CA GLY B 2 -17.51 -3.23 -1.13
C GLY B 2 -16.18 -2.66 -0.65
N VAL B 3 -16.05 -1.34 -0.68
CA VAL B 3 -14.84 -0.68 -0.23
C VAL B 3 -14.28 -1.36 1.02
N SER B 4 -12.96 -1.54 1.05
CA SER B 4 -12.30 -2.17 2.19
C SER B 4 -11.42 -1.16 2.90
N PHE B 5 -11.19 -1.37 4.21
CA PHE B 5 -10.39 -0.44 5.00
C PHE B 5 -9.30 -1.18 5.78
N PHE B 6 -8.06 -0.67 5.77
CA PHE B 6 -6.99 -1.32 6.52
C PHE B 6 -6.11 -0.28 7.20
N LEU B 7 -5.92 -0.45 8.49
CA LEU B 7 -5.07 0.44 9.24
C LEU B 7 -3.63 0.06 9.03
N VAL B 8 -3.00 0.90 8.27
CA VAL B 8 -1.62 0.69 7.88
C VAL B 8 -0.76 1.85 8.37
N LYS B 9 0.56 1.67 8.41
CA LYS B 9 1.44 2.74 8.85
C LYS B 9 2.11 3.36 7.65
N GLU B 10 2.33 4.65 7.71
CA GLU B 10 2.95 5.37 6.60
C GLU B 10 4.02 6.34 7.06
N LYS B 11 4.95 6.57 6.16
CA LYS B 11 6.07 7.47 6.42
C LYS B 11 5.66 8.93 6.25
N MET B 12 5.42 9.58 7.38
CA MET B 12 5.02 10.98 7.37
C MET B 12 6.24 11.88 7.47
N LYS B 13 5.97 13.18 7.46
CA LYS B 13 7.03 14.15 7.57
C LYS B 13 7.08 14.71 8.99
N GLY B 14 8.28 15.04 9.42
CA GLY B 14 8.49 15.58 10.76
C GLY B 14 9.38 14.66 11.56
N LYS B 15 9.37 13.38 11.18
CA LYS B 15 10.16 12.39 11.88
C LYS B 15 10.89 11.49 10.89
N ASN B 16 11.01 10.21 11.22
CA ASN B 16 11.68 9.26 10.34
C ASN B 16 10.94 7.93 10.32
N LYS B 17 10.10 7.70 11.33
CA LYS B 17 9.36 6.45 11.41
C LYS B 17 8.03 6.56 10.68
N LEU B 18 7.24 5.49 10.74
CA LEU B 18 5.94 5.48 10.10
C LEU B 18 4.87 5.93 11.06
N VAL B 19 3.74 6.32 10.51
CA VAL B 19 2.65 6.79 11.33
C VAL B 19 1.40 5.95 11.07
N PRO B 20 0.77 5.40 12.10
CA PRO B 20 -0.45 4.60 11.88
C PRO B 20 -1.33 5.35 10.89
N ARG B 21 -2.03 4.63 10.05
CA ARG B 21 -2.81 5.29 9.05
C ARG B 21 -3.98 4.41 8.70
N LEU B 22 -4.72 4.81 7.70
CA LEU B 22 -5.88 4.06 7.34
C LEU B 22 -6.01 4.06 5.83
N LEU B 23 -6.02 2.86 5.27
CA LEU B 23 -6.10 2.69 3.84
C LEU B 23 -7.52 2.37 3.46
N GLY B 24 -7.87 2.60 2.21
CA GLY B 24 -9.18 2.28 1.75
C GLY B 24 -9.13 1.76 0.33
N ILE B 25 -9.36 0.49 0.17
CA ILE B 25 -9.38 -0.10 -1.15
C ILE B 25 -10.79 0.01 -1.68
N THR B 26 -10.88 0.62 -2.85
CA THR B 26 -12.15 0.81 -3.50
C THR B 26 -12.11 0.09 -4.82
N LYS B 27 -13.19 -0.57 -5.16
CA LYS B 27 -13.26 -1.30 -6.42
C LYS B 27 -13.01 -0.39 -7.62
N GLU B 28 -12.50 0.78 -7.34
CA GLU B 28 -12.16 1.75 -8.37
C GLU B 28 -10.91 2.54 -7.99
N CYS B 29 -10.37 2.28 -6.80
CA CYS B 29 -9.21 3.05 -6.36
C CYS B 29 -8.65 2.57 -5.05
N VAL B 30 -7.57 3.21 -4.67
CA VAL B 30 -6.86 2.92 -3.44
C VAL B 30 -6.62 4.24 -2.78
N MET B 31 -6.64 4.31 -1.46
CA MET B 31 -6.49 5.62 -0.86
C MET B 31 -5.88 5.61 0.52
N ARG B 32 -5.19 6.71 0.84
CA ARG B 32 -4.61 6.88 2.16
C ARG B 32 -5.57 7.70 3.00
N VAL B 33 -6.22 7.02 3.93
CA VAL B 33 -7.19 7.65 4.80
C VAL B 33 -6.57 8.04 6.12
N ASP B 34 -7.10 9.10 6.71
CA ASP B 34 -6.59 9.60 7.97
C ASP B 34 -7.26 8.92 9.14
N GLU B 35 -6.65 7.84 9.59
CA GLU B 35 -7.16 7.06 10.72
C GLU B 35 -7.80 7.99 11.75
N LYS B 36 -7.31 9.20 11.80
CA LYS B 36 -7.82 10.20 12.71
C LYS B 36 -9.17 10.75 12.27
N THR B 37 -9.28 11.05 10.98
CA THR B 37 -10.51 11.62 10.44
C THR B 37 -11.29 10.63 9.57
N LYS B 38 -10.66 9.52 9.20
CA LYS B 38 -11.32 8.53 8.37
C LYS B 38 -11.57 9.09 6.97
N GLU B 39 -11.18 10.35 6.78
CA GLU B 39 -11.33 11.00 5.50
C GLU B 39 -10.14 10.67 4.62
N VAL B 40 -10.36 10.66 3.33
CA VAL B 40 -9.30 10.33 2.40
C VAL B 40 -8.37 11.49 2.13
N ILE B 41 -7.09 11.20 2.19
CA ILE B 41 -6.08 12.20 1.93
C ILE B 41 -5.53 11.97 0.53
N GLN B 42 -5.53 10.70 0.11
CA GLN B 42 -5.03 10.37 -1.20
C GLN B 42 -5.87 9.32 -1.87
N GLU B 43 -5.76 9.27 -3.19
CA GLU B 43 -6.49 8.29 -3.99
C GLU B 43 -5.66 7.81 -5.15
N TRP B 44 -5.92 6.58 -5.54
CA TRP B 44 -5.23 6.00 -6.69
C TRP B 44 -6.02 4.84 -7.28
N SER B 45 -6.35 4.95 -8.56
CA SER B 45 -7.12 3.93 -9.23
C SER B 45 -6.61 2.54 -8.91
N LEU B 46 -7.56 1.64 -8.72
CA LEU B 46 -7.24 0.26 -8.47
C LEU B 46 -6.97 -0.37 -9.82
N THR B 47 -7.73 0.08 -10.80
CA THR B 47 -7.56 -0.38 -12.16
C THR B 47 -6.28 0.19 -12.74
N ASN B 48 -5.50 0.85 -11.88
CA ASN B 48 -4.24 1.44 -12.33
C ASN B 48 -3.09 0.64 -11.75
N ILE B 49 -3.40 -0.32 -10.91
CA ILE B 49 -2.36 -1.12 -10.30
C ILE B 49 -1.55 -1.89 -11.34
N LYS B 50 -0.24 -2.01 -11.11
CA LYS B 50 0.63 -2.74 -12.03
C LYS B 50 1.02 -4.06 -11.41
N ARG B 51 1.39 -3.99 -10.14
CA ARG B 51 1.73 -5.17 -9.36
C ARG B 51 1.92 -4.74 -7.92
N TRP B 52 1.38 -5.51 -7.00
CA TRP B 52 1.45 -5.18 -5.60
C TRP B 52 2.18 -6.26 -4.83
N ALA B 53 2.39 -6.06 -3.53
CA ALA B 53 3.13 -7.06 -2.77
C ALA B 53 2.83 -6.99 -1.29
N ALA B 54 1.94 -7.86 -0.87
CA ALA B 54 1.55 -7.95 0.51
C ALA B 54 2.58 -8.74 1.31
N SER B 55 2.79 -8.34 2.56
CA SER B 55 3.75 -9.03 3.42
C SER B 55 3.12 -9.28 4.79
N PRO B 56 3.79 -9.99 5.67
CA PRO B 56 3.26 -10.29 7.02
C PRO B 56 3.38 -9.11 7.97
N LYS B 57 4.07 -8.07 7.50
CA LYS B 57 4.30 -6.87 8.30
C LYS B 57 3.96 -5.63 7.50
N SER B 58 3.97 -5.77 6.19
CA SER B 58 3.69 -4.62 5.34
C SER B 58 3.10 -5.04 4.02
N PHE B 59 2.56 -4.06 3.32
CA PHE B 59 1.98 -4.31 2.02
C PHE B 59 2.39 -3.22 1.07
N THR B 60 2.36 -3.50 -0.21
CA THR B 60 2.85 -2.52 -1.17
C THR B 60 2.13 -2.56 -2.50
N LEU B 61 2.16 -1.43 -3.18
CA LEU B 61 1.52 -1.28 -4.47
C LEU B 61 2.50 -0.78 -5.51
N ASP B 62 2.44 -1.31 -6.73
CA ASP B 62 3.31 -0.79 -7.77
C ASP B 62 2.49 -0.20 -8.90
N PHE B 63 2.31 1.10 -8.83
CA PHE B 63 1.61 1.81 -9.89
C PHE B 63 2.29 3.11 -10.25
N GLY B 64 3.15 3.07 -11.26
CA GLY B 64 3.85 4.27 -11.70
C GLY B 64 5.32 4.00 -11.85
N ASP B 65 5.67 2.74 -11.81
CA ASP B 65 7.06 2.32 -11.92
C ASP B 65 7.80 3.10 -13.00
N TYR B 66 7.06 3.78 -13.87
CA TYR B 66 7.70 4.57 -14.88
C TYR B 66 8.66 5.53 -14.21
N GLN B 67 8.23 6.01 -13.06
CA GLN B 67 9.02 6.88 -12.24
C GLN B 67 9.08 6.26 -10.86
N ASP B 68 8.16 6.67 -10.02
CA ASP B 68 8.02 6.08 -8.70
C ASP B 68 6.57 5.69 -8.51
N GLY B 69 6.29 4.44 -8.78
CA GLY B 69 4.92 3.93 -8.67
C GLY B 69 4.71 3.15 -7.39
N TYR B 70 5.77 2.98 -6.63
CA TYR B 70 5.69 2.17 -5.43
C TYR B 70 5.17 2.90 -4.22
N TYR B 71 3.93 2.56 -3.86
CA TYR B 71 3.32 3.12 -2.66
C TYR B 71 3.09 2.00 -1.66
N SER B 72 3.70 2.13 -0.49
CA SER B 72 3.60 1.08 0.51
C SER B 72 3.40 1.62 1.90
N VAL B 73 2.98 0.72 2.78
CA VAL B 73 2.76 1.06 4.16
C VAL B 73 2.99 -0.15 5.04
N GLN B 74 2.95 0.03 6.36
CA GLN B 74 3.15 -1.09 7.28
C GLN B 74 1.83 -1.62 7.80
N THR B 75 1.65 -2.89 7.60
CA THR B 75 0.44 -3.58 8.05
C THR B 75 0.74 -5.05 8.24
N THR B 76 0.24 -5.61 9.32
CA THR B 76 0.48 -7.04 9.55
C THR B 76 -0.58 -7.88 8.87
N GLU B 77 -1.28 -7.27 7.94
CA GLU B 77 -2.26 -7.98 7.14
C GLU B 77 -2.24 -7.43 5.73
N GLY B 78 -1.32 -7.93 4.93
CA GLY B 78 -1.21 -7.53 3.55
C GLY B 78 -2.14 -8.35 2.68
N GLU B 79 -1.93 -9.65 2.74
CA GLU B 79 -2.72 -10.61 1.95
C GLU B 79 -4.18 -10.28 2.02
N GLN B 80 -4.55 -9.51 3.02
CA GLN B 80 -5.94 -9.12 3.17
C GLN B 80 -6.21 -7.93 2.29
N ILE B 81 -5.24 -7.04 2.27
CA ILE B 81 -5.32 -5.84 1.45
C ILE B 81 -5.05 -6.20 0.00
N ALA B 82 -4.06 -7.05 -0.17
CA ALA B 82 -3.60 -7.48 -1.49
C ALA B 82 -4.56 -8.44 -2.18
N GLN B 83 -5.09 -9.41 -1.45
CA GLN B 83 -5.96 -10.40 -2.09
C GLN B 83 -7.21 -9.74 -2.62
N LEU B 84 -7.65 -8.75 -1.91
CA LEU B 84 -8.83 -8.00 -2.25
C LEU B 84 -8.51 -7.11 -3.43
N ILE B 85 -7.46 -6.32 -3.28
CA ILE B 85 -7.00 -5.48 -4.34
C ILE B 85 -6.91 -6.36 -5.55
N ALA B 86 -6.15 -7.42 -5.36
CA ALA B 86 -5.95 -8.44 -6.36
C ALA B 86 -7.29 -8.94 -6.88
N GLY B 87 -8.27 -8.98 -5.99
CA GLY B 87 -9.58 -9.48 -6.35
C GLY B 87 -10.42 -8.40 -6.97
N TYR B 88 -10.00 -7.17 -6.74
CA TYR B 88 -10.69 -6.02 -7.28
C TYR B 88 -10.18 -5.73 -8.67
N ILE B 89 -8.88 -5.94 -8.90
CA ILE B 89 -8.35 -5.75 -10.25
C ILE B 89 -8.87 -6.84 -11.13
N ASP B 90 -9.43 -7.83 -10.49
CA ASP B 90 -9.97 -8.96 -11.20
C ASP B 90 -11.33 -8.61 -11.75
N ILE B 91 -11.93 -7.62 -11.13
CA ILE B 91 -13.24 -7.16 -11.48
C ILE B 91 -13.20 -6.06 -12.51
N ILE B 92 -12.59 -4.98 -12.09
CA ILE B 92 -12.50 -3.79 -12.90
C ILE B 92 -11.76 -4.03 -14.21
N LEU B 93 -10.88 -5.03 -14.26
CA LEU B 93 -10.15 -5.28 -15.49
C LEU B 93 -11.07 -5.89 -16.54
N ASP A 1 1.82 -13.01 -14.46
CA ASP A 1 3.28 -13.31 -14.62
C ASP A 1 3.88 -13.65 -13.26
N ILE A 2 4.06 -12.63 -12.43
CA ILE A 2 4.61 -12.82 -11.10
C ILE A 2 5.99 -13.46 -11.19
N ASP A 3 6.85 -13.13 -10.23
CA ASP A 3 8.20 -13.67 -10.20
C ASP A 3 8.95 -13.20 -8.95
N GLN A 4 9.56 -12.03 -9.03
CA GLN A 4 10.32 -11.48 -7.91
C GLN A 4 9.53 -10.37 -7.22
N MET A 5 8.56 -9.82 -7.94
CA MET A 5 7.71 -8.74 -7.44
C MET A 5 7.82 -8.58 -5.94
N PHE A 6 7.45 -9.62 -5.22
CA PHE A 6 7.53 -9.59 -3.77
C PHE A 6 8.82 -8.92 -3.33
N SER A 7 9.95 -9.53 -3.70
CA SER A 7 11.24 -8.97 -3.34
C SER A 7 11.49 -7.65 -4.07
N THR A 8 10.83 -7.47 -5.20
CA THR A 8 11.00 -6.27 -6.00
C THR A 8 10.28 -5.09 -5.35
N LEU A 9 9.29 -5.40 -4.51
CA LEU A 9 8.54 -4.34 -3.81
C LEU A 9 9.06 -4.20 -2.39
N LEU A 10 9.50 -5.31 -1.81
CA LEU A 10 10.04 -5.28 -0.48
C LEU A 10 11.32 -4.45 -0.46
N GLY A 11 12.17 -4.62 -1.47
CA GLY A 11 13.39 -3.84 -1.57
C GLY A 11 13.04 -2.36 -1.66
N GLU A 12 11.94 -2.08 -2.35
CA GLU A 12 11.46 -0.72 -2.50
C GLU A 12 10.91 -0.21 -1.18
N MET A 13 10.22 -1.08 -0.46
CA MET A 13 9.67 -0.69 0.84
C MET A 13 10.79 -0.19 1.74
N ASP A 14 11.99 -0.73 1.56
CA ASP A 14 13.11 -0.30 2.38
C ASP A 14 13.25 1.23 2.34
N LEU A 15 12.83 1.83 1.21
CA LEU A 15 12.93 3.28 1.06
C LEU A 15 11.88 4.00 1.90
N LEU A 16 10.93 3.25 2.46
CA LEU A 16 9.89 3.84 3.31
C LEU A 16 10.36 3.89 4.77
N THR A 17 11.49 3.26 5.05
CA THR A 17 12.01 3.22 6.40
C THR A 17 13.20 4.14 6.53
N GLN A 18 13.98 4.21 5.45
CA GLN A 18 15.15 5.07 5.45
C GLN A 18 14.93 6.28 4.55
N SER A 19 15.34 7.46 5.02
CA SER A 19 15.16 8.67 4.24
C SER A 19 15.38 9.93 5.08
N LEU A 20 15.50 9.74 6.39
CA LEU A 20 15.74 10.84 7.31
C LEU A 20 16.73 11.86 6.78
N GLY A 21 17.47 11.42 5.79
CA GLY A 21 18.48 12.24 5.14
C GLY A 21 17.85 13.49 4.53
N VAL A 22 16.56 13.64 4.74
CA VAL A 22 15.84 14.78 4.21
C VAL A 22 14.44 14.85 4.82
N ASP A 23 13.80 13.70 4.94
CA ASP A 23 12.46 13.64 5.51
C ASP A 23 12.50 13.93 7.01
N THR A 24 13.68 14.22 7.52
CA THR A 24 13.85 14.52 8.94
C THR A 24 13.20 13.44 9.79
N TYR B 1 -16.90 -6.46 -1.79
CA TYR B 1 -18.21 -6.05 -1.22
C TYR B 1 -18.40 -4.54 -1.42
N GLY B 2 -17.41 -3.92 -2.07
CA GLY B 2 -17.49 -2.48 -2.33
C GLY B 2 -16.16 -1.81 -2.01
N VAL B 3 -16.03 -1.31 -0.78
CA VAL B 3 -14.81 -0.64 -0.36
C VAL B 3 -14.27 -1.26 0.93
N SER B 4 -12.96 -1.54 0.95
CA SER B 4 -12.33 -2.13 2.12
C SER B 4 -11.42 -1.11 2.80
N PHE B 5 -11.21 -1.27 4.09
CA PHE B 5 -10.39 -0.34 4.86
C PHE B 5 -9.33 -1.07 5.69
N PHE B 6 -8.07 -0.57 5.68
CA PHE B 6 -7.03 -1.21 6.47
C PHE B 6 -6.16 -0.17 7.15
N LEU B 7 -5.97 -0.34 8.43
CA LEU B 7 -5.13 0.57 9.19
C LEU B 7 -3.69 0.16 9.02
N VAL B 8 -3.05 0.95 8.22
CA VAL B 8 -1.66 0.72 7.86
C VAL B 8 -0.79 1.85 8.39
N LYS B 9 0.53 1.64 8.49
CA LYS B 9 1.41 2.69 8.98
C LYS B 9 2.16 3.29 7.80
N GLU B 10 2.40 4.59 7.87
CA GLU B 10 3.08 5.29 6.80
C GLU B 10 4.19 6.18 7.31
N LYS B 11 5.17 6.36 6.44
CA LYS B 11 6.33 7.19 6.74
C LYS B 11 6.01 8.67 6.56
N MET B 12 5.79 9.35 7.67
CA MET B 12 5.49 10.77 7.64
C MET B 12 6.71 11.60 7.96
N LYS B 13 6.55 12.91 7.93
CA LYS B 13 7.64 13.81 8.24
C LYS B 13 7.47 14.34 9.65
N GLY B 14 8.57 14.78 10.22
CA GLY B 14 8.58 15.33 11.56
C GLY B 14 9.34 14.40 12.49
N LYS B 15 9.39 13.12 12.09
CA LYS B 15 10.07 12.12 12.89
C LYS B 15 10.95 11.24 12.01
N ASN B 16 10.95 9.94 12.29
CA ASN B 16 11.74 9.01 11.51
C ASN B 16 11.02 7.68 11.35
N LYS B 17 10.00 7.45 12.19
CA LYS B 17 9.25 6.21 12.13
C LYS B 17 7.98 6.38 11.31
N LEU B 18 7.19 5.31 11.24
CA LEU B 18 5.95 5.34 10.51
C LEU B 18 4.84 5.87 11.38
N VAL B 19 3.74 6.23 10.75
CA VAL B 19 2.61 6.76 11.45
C VAL B 19 1.36 5.95 11.14
N PRO B 20 0.65 5.44 12.14
CA PRO B 20 -0.57 4.67 11.87
C PRO B 20 -1.37 5.40 10.81
N ARG B 21 -2.04 4.68 9.95
CA ARG B 21 -2.76 5.32 8.88
C ARG B 21 -3.95 4.48 8.53
N LEU B 22 -4.63 4.86 7.49
CA LEU B 22 -5.82 4.15 7.11
C LEU B 22 -5.92 4.11 5.61
N LEU B 23 -5.98 2.91 5.06
CA LEU B 23 -6.06 2.72 3.63
C LEU B 23 -7.48 2.41 3.26
N GLY B 24 -7.84 2.63 2.01
CA GLY B 24 -9.15 2.31 1.56
C GLY B 24 -9.11 1.75 0.16
N ILE B 25 -9.35 0.46 0.05
CA ILE B 25 -9.39 -0.17 -1.24
C ILE B 25 -10.80 -0.09 -1.77
N THR B 26 -10.93 0.49 -2.93
CA THR B 26 -12.20 0.65 -3.57
C THR B 26 -12.18 -0.10 -4.87
N LYS B 27 -13.26 -0.79 -5.16
CA LYS B 27 -13.35 -1.57 -6.39
C LYS B 27 -13.12 -0.71 -7.62
N GLU B 28 -12.63 0.49 -7.39
CA GLU B 28 -12.33 1.44 -8.45
C GLU B 28 -11.08 2.25 -8.12
N CYS B 29 -10.51 2.04 -6.94
CA CYS B 29 -9.37 2.83 -6.54
C CYS B 29 -8.75 2.37 -5.24
N VAL B 30 -7.69 3.07 -4.88
CA VAL B 30 -6.94 2.80 -3.67
C VAL B 30 -6.66 4.13 -3.04
N MET B 31 -6.64 4.22 -1.73
CA MET B 31 -6.42 5.54 -1.16
C MET B 31 -5.81 5.54 0.22
N ARG B 32 -5.05 6.60 0.50
CA ARG B 32 -4.45 6.78 1.81
C ARG B 32 -5.36 7.65 2.64
N VAL B 33 -6.00 7.02 3.62
CA VAL B 33 -6.94 7.71 4.48
C VAL B 33 -6.29 8.06 5.80
N ASP B 34 -6.77 9.16 6.39
CA ASP B 34 -6.21 9.63 7.65
C ASP B 34 -6.95 9.02 8.83
N GLU B 35 -6.43 7.90 9.30
CA GLU B 35 -7.03 7.19 10.44
C GLU B 35 -7.60 8.18 11.44
N LYS B 36 -7.00 9.35 11.48
CA LYS B 36 -7.43 10.40 12.39
C LYS B 36 -8.73 11.05 11.92
N THR B 37 -8.81 11.33 10.61
CA THR B 37 -9.98 12.00 10.05
C THR B 37 -10.82 11.06 9.19
N LYS B 38 -10.28 9.89 8.85
CA LYS B 38 -11.01 8.94 8.02
C LYS B 38 -11.20 9.51 6.62
N GLU B 39 -10.71 10.73 6.42
CA GLU B 39 -10.80 11.37 5.12
C GLU B 39 -9.64 10.92 4.25
N VAL B 40 -9.86 10.95 2.96
CA VAL B 40 -8.84 10.50 2.03
C VAL B 40 -7.82 11.57 1.73
N ILE B 41 -6.56 11.18 1.74
CA ILE B 41 -5.48 12.07 1.44
C ILE B 41 -4.99 11.79 0.03
N GLN B 42 -5.12 10.52 -0.37
CA GLN B 42 -4.67 10.11 -1.68
C GLN B 42 -5.62 9.13 -2.31
N GLU B 43 -5.58 9.10 -3.63
CA GLU B 43 -6.41 8.17 -4.40
C GLU B 43 -5.71 7.68 -5.64
N TRP B 44 -6.03 6.47 -6.03
CA TRP B 44 -5.48 5.89 -7.25
C TRP B 44 -6.30 4.71 -7.70
N SER B 45 -6.56 4.65 -8.99
CA SER B 45 -7.36 3.59 -9.57
C SER B 45 -6.82 2.23 -9.20
N LEU B 46 -7.74 1.34 -8.88
CA LEU B 46 -7.38 -0.01 -8.55
C LEU B 46 -7.12 -0.72 -9.87
N THR B 47 -7.91 -0.34 -10.87
CA THR B 47 -7.74 -0.88 -12.21
C THR B 47 -6.52 -0.27 -12.87
N ASN B 48 -5.72 0.44 -12.07
CA ASN B 48 -4.51 1.06 -12.59
C ASN B 48 -3.28 0.43 -11.96
N ILE B 49 -3.51 -0.48 -11.01
CA ILE B 49 -2.41 -1.12 -10.33
C ILE B 49 -1.51 -1.85 -11.33
N LYS B 50 -0.21 -1.92 -11.02
CA LYS B 50 0.75 -2.59 -11.89
C LYS B 50 1.15 -3.91 -11.27
N ARG B 51 1.44 -3.86 -9.98
CA ARG B 51 1.79 -5.04 -9.21
C ARG B 51 1.94 -4.64 -7.76
N TRP B 52 1.39 -5.44 -6.87
CA TRP B 52 1.43 -5.14 -5.46
C TRP B 52 2.17 -6.22 -4.71
N ALA B 53 2.40 -6.03 -3.41
CA ALA B 53 3.14 -7.03 -2.67
C ALA B 53 2.83 -6.98 -1.18
N ALA B 54 1.96 -7.85 -0.77
CA ALA B 54 1.57 -7.95 0.62
C ALA B 54 2.60 -8.72 1.42
N SER B 55 2.77 -8.36 2.69
CA SER B 55 3.72 -9.03 3.56
C SER B 55 3.08 -9.30 4.92
N PRO B 56 3.75 -10.02 5.78
CA PRO B 56 3.20 -10.34 7.13
C PRO B 56 3.31 -9.16 8.08
N LYS B 57 4.01 -8.12 7.64
CA LYS B 57 4.21 -6.92 8.44
C LYS B 57 3.88 -5.67 7.64
N SER B 58 3.94 -5.80 6.33
CA SER B 58 3.67 -4.66 5.48
C SER B 58 3.07 -5.08 4.17
N PHE B 59 2.61 -4.08 3.42
CA PHE B 59 2.01 -4.33 2.14
C PHE B 59 2.41 -3.22 1.19
N THR B 60 2.37 -3.49 -0.10
CA THR B 60 2.86 -2.50 -1.04
C THR B 60 2.11 -2.55 -2.36
N LEU B 61 2.15 -1.41 -3.04
CA LEU B 61 1.48 -1.27 -4.32
C LEU B 61 2.42 -0.71 -5.36
N ASP B 62 2.29 -1.17 -6.62
CA ASP B 62 3.10 -0.61 -7.68
C ASP B 62 2.23 0.00 -8.76
N PHE B 63 2.04 1.30 -8.65
CA PHE B 63 1.27 2.04 -9.65
C PHE B 63 1.93 3.34 -10.01
N GLY B 64 2.74 3.32 -11.06
CA GLY B 64 3.43 4.53 -11.51
C GLY B 64 4.89 4.25 -11.76
N ASP B 65 5.22 2.98 -11.79
CA ASP B 65 6.60 2.56 -12.00
C ASP B 65 7.27 3.38 -13.08
N TYR B 66 6.49 4.09 -13.88
CA TYR B 66 7.06 4.91 -14.92
C TYR B 66 8.08 5.83 -14.28
N GLN B 67 7.72 6.28 -13.10
CA GLN B 67 8.57 7.12 -12.30
C GLN B 67 8.72 6.44 -10.94
N ASP B 68 7.85 6.83 -10.03
CA ASP B 68 7.79 6.20 -8.74
C ASP B 68 6.35 5.82 -8.46
N GLY B 69 6.03 4.57 -8.76
CA GLY B 69 4.68 4.08 -8.57
C GLY B 69 4.54 3.26 -7.29
N TYR B 70 5.63 3.09 -6.60
CA TYR B 70 5.62 2.25 -5.42
C TYR B 70 5.22 2.97 -4.15
N TYR B 71 3.99 2.69 -3.71
CA TYR B 71 3.51 3.24 -2.45
C TYR B 71 3.24 2.10 -1.48
N SER B 72 3.84 2.19 -0.30
CA SER B 72 3.69 1.11 0.67
C SER B 72 3.48 1.63 2.07
N VAL B 73 3.03 0.73 2.93
CA VAL B 73 2.80 1.06 4.31
C VAL B 73 3.00 -0.18 5.17
N GLN B 74 2.97 -0.01 6.50
CA GLN B 74 3.13 -1.15 7.39
C GLN B 74 1.80 -1.64 7.90
N THR B 75 1.59 -2.92 7.71
CA THR B 75 0.38 -3.58 8.15
C THR B 75 0.66 -5.06 8.35
N THR B 76 0.16 -5.62 9.45
CA THR B 76 0.39 -7.03 9.69
C THR B 76 -0.67 -7.87 9.01
N GLU B 77 -1.36 -7.25 8.07
CA GLU B 77 -2.34 -7.97 7.25
C GLU B 77 -2.30 -7.41 5.84
N GLY B 78 -1.36 -7.92 5.06
CA GLY B 78 -1.23 -7.53 3.68
C GLY B 78 -2.15 -8.35 2.81
N GLU B 79 -1.94 -9.66 2.86
CA GLU B 79 -2.72 -10.61 2.07
C GLU B 79 -4.19 -10.27 2.12
N GLN B 80 -4.56 -9.53 3.12
CA GLN B 80 -5.96 -9.14 3.27
C GLN B 80 -6.22 -7.95 2.40
N ILE B 81 -5.25 -7.06 2.36
CA ILE B 81 -5.33 -5.87 1.54
C ILE B 81 -5.05 -6.24 0.09
N ALA B 82 -4.05 -7.09 -0.07
CA ALA B 82 -3.58 -7.51 -1.39
C ALA B 82 -4.52 -8.49 -2.07
N GLN B 83 -5.06 -9.46 -1.34
CA GLN B 83 -5.92 -10.46 -1.98
C GLN B 83 -7.16 -9.81 -2.52
N LEU B 84 -7.61 -8.83 -1.81
CA LEU B 84 -8.80 -8.09 -2.17
C LEU B 84 -8.49 -7.22 -3.36
N ILE B 85 -7.45 -6.41 -3.23
CA ILE B 85 -7.00 -5.59 -4.30
C ILE B 85 -6.90 -6.50 -5.49
N ALA B 86 -6.11 -7.54 -5.28
CA ALA B 86 -5.90 -8.57 -6.27
C ALA B 86 -7.23 -9.11 -6.77
N GLY B 87 -8.21 -9.15 -5.88
CA GLY B 87 -9.52 -9.68 -6.23
C GLY B 87 -10.38 -8.62 -6.87
N TYR B 88 -9.98 -7.39 -6.67
CA TYR B 88 -10.69 -6.26 -7.22
C TYR B 88 -10.18 -5.99 -8.63
N ILE B 89 -8.88 -6.16 -8.84
CA ILE B 89 -8.35 -5.99 -10.19
C ILE B 89 -8.86 -7.11 -11.06
N ASP B 90 -9.40 -8.09 -10.40
CA ASP B 90 -9.93 -9.26 -11.08
C ASP B 90 -11.28 -8.93 -11.67
N ILE B 91 -11.88 -7.92 -11.09
CA ILE B 91 -13.19 -7.48 -11.47
C ILE B 91 -13.12 -6.40 -12.52
N ILE B 92 -12.52 -5.31 -12.12
CA ILE B 92 -12.41 -4.12 -12.95
C ILE B 92 -11.57 -4.36 -14.18
N LEU B 93 -10.74 -5.39 -14.18
CA LEU B 93 -9.90 -5.65 -15.36
C LEU B 93 -10.73 -5.61 -16.64
#